data_7XH9
# 
_entry.id   7XH9 
# 
_audit_conform.dict_name       mmcif_pdbx.dic 
_audit_conform.dict_version    5.380 
_audit_conform.dict_location   http://mmcif.pdb.org/dictionaries/ascii/mmcif_pdbx.dic 
# 
loop_
_database_2.database_id 
_database_2.database_code 
_database_2.pdbx_database_accession 
_database_2.pdbx_DOI 
PDB   7XH9         pdb_00007xh9 10.2210/pdb7xh9/pdb 
WWPDB D_1300028820 ?            ?                   
# 
_pdbx_database_status.status_code                     REL 
_pdbx_database_status.status_code_sf                  REL 
_pdbx_database_status.status_code_mr                  ? 
_pdbx_database_status.entry_id                        7XH9 
_pdbx_database_status.recvd_initial_deposition_date   2022-04-07 
_pdbx_database_status.SG_entry                        N 
_pdbx_database_status.deposit_site                    PDBJ 
_pdbx_database_status.process_site                    PDBJ 
_pdbx_database_status.status_code_cs                  ? 
_pdbx_database_status.status_code_nmr_data            ? 
_pdbx_database_status.methods_development_category    ? 
_pdbx_database_status.pdb_format_compatible           Y 
# 
loop_
_audit_author.name 
_audit_author.pdbx_ordinal 
_audit_author.identifier_ORCID 
'Ngo, K.H.'      1 0000-0001-5125-1270 
'Liew, C.W.'     2 0000-0002-4343-818X 
'Lattmann, S.'   3 0000-0002-4639-4602 
'Winnerdy, F.R.' 4 0000-0002-5010-4719 
'Phan, A.T.'     5 0000-0002-4970-3861 
# 
_citation.abstract                  ? 
_citation.abstract_id_CAS           ? 
_citation.book_id_ISBN              ? 
_citation.book_publisher            ? 
_citation.book_publisher_city       ? 
_citation.book_title                ? 
_citation.coordinate_linkage        ? 
_citation.country                   US 
_citation.database_id_Medline       ? 
_citation.details                   ? 
_citation.id                        primary 
_citation.journal_abbrev            Biochem.Biophys.Res.Commun. 
_citation.journal_id_ASTM           BBRCA9 
_citation.journal_id_CSD            0146 
_citation.journal_id_ISSN           1090-2104 
_citation.journal_full              ? 
_citation.journal_issue             ? 
_citation.journal_volume            613 
_citation.language                  ? 
_citation.page_first                153 
_citation.page_last                 158 
_citation.title                     
'Crystal structures of an HIV-1 integrase aptamer: Formation of a water-mediated A.G.G.G.G pentad in an interlocked G-quadruplex.' 
_citation.year                      2022 
_citation.database_id_CSD           ? 
_citation.pdbx_database_id_DOI      10.1016/j.bbrc.2022.04.020 
_citation.pdbx_database_id_PubMed   35561583 
_citation.pdbx_database_id_patent   ? 
_citation.unpublished_flag          ? 
# 
loop_
_citation_author.citation_id 
_citation_author.name 
_citation_author.ordinal 
_citation_author.identifier_ORCID 
primary 'Ngo, K.H.'      1 ? 
primary 'Liew, C.W.'     2 ? 
primary 'Lattmann, S.'   3 ? 
primary 'Winnerdy, F.R.' 4 ? 
primary 'Phan, A.T.'     5 ? 
# 
_cell.angle_alpha                  62.147 
_cell.angle_alpha_esd              ? 
_cell.angle_beta                   79.962 
_cell.angle_beta_esd               ? 
_cell.angle_gamma                  79.967 
_cell.angle_gamma_esd              ? 
_cell.entry_id                     7XH9 
_cell.details                      ? 
_cell.formula_units_Z              ? 
_cell.length_a                     26.436 
_cell.length_a_esd                 ? 
_cell.length_b                     30.341 
_cell.length_b_esd                 ? 
_cell.length_c                     30.350 
_cell.length_c_esd                 ? 
_cell.volume                       21073.185 
_cell.volume_esd                   ? 
_cell.Z_PDB                        2 
_cell.reciprocal_angle_alpha       ? 
_cell.reciprocal_angle_beta        ? 
_cell.reciprocal_angle_gamma       ? 
_cell.reciprocal_angle_alpha_esd   ? 
_cell.reciprocal_angle_beta_esd    ? 
_cell.reciprocal_angle_gamma_esd   ? 
_cell.reciprocal_length_a          ? 
_cell.reciprocal_length_b          ? 
_cell.reciprocal_length_c          ? 
_cell.reciprocal_length_a_esd      ? 
_cell.reciprocal_length_b_esd      ? 
_cell.reciprocal_length_c_esd      ? 
_cell.pdbx_unique_axis             ? 
# 
_symmetry.entry_id                         7XH9 
_symmetry.cell_setting                     ? 
_symmetry.Int_Tables_number                1 
_symmetry.space_group_name_Hall            'P 1' 
_symmetry.space_group_name_H-M             'P 1' 
_symmetry.pdbx_full_space_group_name_H-M   ? 
# 
loop_
_entity.id 
_entity.type 
_entity.src_method 
_entity.pdbx_description 
_entity.formula_weight 
_entity.pdbx_number_of_molecules 
_entity.pdbx_ec 
_entity.pdbx_mutation 
_entity.pdbx_fragment 
_entity.details 
1 polymer     syn 
;DNA (5'-D(*GP*GP*GP*GP*TP*GP*GP*GP*CP*GP*GP*TP*GP*GP*GP*T)-3')
;
5107.272 2  ? ? ? ? 
2 non-polymer syn 'POTASSIUM ION'                                                  39.098   5  ? ? ? ? 
3 non-polymer syn 'STRONTIUM ION'                                                  87.620   4  ? ? ? ? 
4 water       nat water                                                            18.015   41 ? ? ? ? 
# 
_entity_poly.entity_id                      1 
_entity_poly.type                           polydeoxyribonucleotide 
_entity_poly.nstd_linkage                   no 
_entity_poly.nstd_monomer                   no 
_entity_poly.pdbx_seq_one_letter_code       '(DG)(DG)(DG)(DG)(DT)(DG)(DG)(DG)(DC)(DG)(DG)(DT)(DG)(DG)(DG)(DT)' 
_entity_poly.pdbx_seq_one_letter_code_can   GGGGTGGGCGGTGGGT 
_entity_poly.pdbx_strand_id                 A,B 
_entity_poly.pdbx_target_identifier         ? 
# 
loop_
_entity_poly_seq.entity_id 
_entity_poly_seq.num 
_entity_poly_seq.mon_id 
_entity_poly_seq.hetero 
1 1  DG n 
1 2  DG n 
1 3  DG n 
1 4  DG n 
1 5  DT n 
1 6  DG n 
1 7  DG n 
1 8  DG n 
1 9  DC n 
1 10 DG n 
1 11 DG n 
1 12 DT n 
1 13 DG n 
1 14 DG n 
1 15 DG n 
1 16 DT n 
# 
_pdbx_entity_src_syn.entity_id              1 
_pdbx_entity_src_syn.pdbx_src_id            1 
_pdbx_entity_src_syn.pdbx_alt_source_flag   sample 
_pdbx_entity_src_syn.pdbx_beg_seq_num       1 
_pdbx_entity_src_syn.pdbx_end_seq_num       16 
_pdbx_entity_src_syn.organism_scientific    'synthetic construct' 
_pdbx_entity_src_syn.organism_common_name   ? 
_pdbx_entity_src_syn.ncbi_taxonomy_id       32630 
_pdbx_entity_src_syn.details                ? 
# 
_struct_ref.id                         1 
_struct_ref.db_name                    PDB 
_struct_ref.db_code                    7XH9 
_struct_ref.pdbx_db_accession          7XH9 
_struct_ref.pdbx_db_isoform            ? 
_struct_ref.entity_id                  1 
_struct_ref.pdbx_seq_one_letter_code   ? 
_struct_ref.pdbx_align_begin           1 
# 
loop_
_struct_ref_seq.align_id 
_struct_ref_seq.ref_id 
_struct_ref_seq.pdbx_PDB_id_code 
_struct_ref_seq.pdbx_strand_id 
_struct_ref_seq.seq_align_beg 
_struct_ref_seq.pdbx_seq_align_beg_ins_code 
_struct_ref_seq.seq_align_end 
_struct_ref_seq.pdbx_seq_align_end_ins_code 
_struct_ref_seq.pdbx_db_accession 
_struct_ref_seq.db_align_beg 
_struct_ref_seq.pdbx_db_align_beg_ins_code 
_struct_ref_seq.db_align_end 
_struct_ref_seq.pdbx_db_align_end_ins_code 
_struct_ref_seq.pdbx_auth_seq_align_beg 
_struct_ref_seq.pdbx_auth_seq_align_end 
1 1 7XH9 A 1 ? 16 ? 7XH9 1 ? 16 ? 1 16 
2 1 7XH9 B 1 ? 16 ? 7XH9 1 ? 16 ? 1 16 
# 
loop_
_chem_comp.id 
_chem_comp.type 
_chem_comp.mon_nstd_flag 
_chem_comp.name 
_chem_comp.pdbx_synonyms 
_chem_comp.formula 
_chem_comp.formula_weight 
DC  'DNA linking' y "2'-DEOXYCYTIDINE-5'-MONOPHOSPHATE"  ? 'C9 H14 N3 O7 P'  307.197 
DG  'DNA linking' y "2'-DEOXYGUANOSINE-5'-MONOPHOSPHATE" ? 'C10 H14 N5 O7 P' 347.221 
DT  'DNA linking' y "THYMIDINE-5'-MONOPHOSPHATE"         ? 'C10 H15 N2 O8 P' 322.208 
HOH non-polymer   . WATER                                ? 'H2 O'            18.015  
K   non-polymer   . 'POTASSIUM ION'                      ? 'K 1'             39.098  
SR  non-polymer   . 'STRONTIUM ION'                      ? 'Sr 2'            87.620  
# 
_exptl.absorpt_coefficient_mu     ? 
_exptl.absorpt_correction_T_max   ? 
_exptl.absorpt_correction_T_min   ? 
_exptl.absorpt_correction_type    ? 
_exptl.absorpt_process_details    ? 
_exptl.entry_id                   7XH9 
_exptl.crystals_number            1 
_exptl.details                    ? 
_exptl.method                     'X-RAY DIFFRACTION' 
_exptl.method_details             ? 
# 
_exptl_crystal.colour                      ? 
_exptl_crystal.density_diffrn              ? 
_exptl_crystal.density_Matthews            2.06 
_exptl_crystal.density_method              ? 
_exptl_crystal.density_percent_sol         40.38 
_exptl_crystal.description                 ? 
_exptl_crystal.F_000                       ? 
_exptl_crystal.id                          1 
_exptl_crystal.preparation                 ? 
_exptl_crystal.size_max                    ? 
_exptl_crystal.size_mid                    ? 
_exptl_crystal.size_min                    ? 
_exptl_crystal.size_rad                    ? 
_exptl_crystal.colour_lustre               ? 
_exptl_crystal.colour_modifier             ? 
_exptl_crystal.colour_primary              ? 
_exptl_crystal.density_meas                ? 
_exptl_crystal.density_meas_esd            ? 
_exptl_crystal.density_meas_gt             ? 
_exptl_crystal.density_meas_lt             ? 
_exptl_crystal.density_meas_temp           ? 
_exptl_crystal.density_meas_temp_esd       ? 
_exptl_crystal.density_meas_temp_gt        ? 
_exptl_crystal.density_meas_temp_lt        ? 
_exptl_crystal.pdbx_crystal_image_url      ? 
_exptl_crystal.pdbx_crystal_image_format   ? 
_exptl_crystal.pdbx_mosaicity              ? 
_exptl_crystal.pdbx_mosaicity_esd          ? 
# 
_exptl_crystal_grow.apparatus       ? 
_exptl_crystal_grow.atmosphere      ? 
_exptl_crystal_grow.crystal_id      1 
_exptl_crystal_grow.details         ? 
_exptl_crystal_grow.method          'VAPOR DIFFUSION, SITTING DROP' 
_exptl_crystal_grow.method_ref      ? 
_exptl_crystal_grow.pH              ? 
_exptl_crystal_grow.pressure        ? 
_exptl_crystal_grow.pressure_esd    ? 
_exptl_crystal_grow.seeding         ? 
_exptl_crystal_grow.seeding_ref     ? 
_exptl_crystal_grow.temp            293 
_exptl_crystal_grow.temp_details    ? 
_exptl_crystal_grow.temp_esd        ? 
_exptl_crystal_grow.time            ? 
_exptl_crystal_grow.pdbx_details    
;0.08 M Strontium chloride hexahydrate, 0.02 M Magnesium chloride hexahydrate, 0.04 M Sodium cacodylate trihydrate pH 7.0, 20% v/v (+/-)-2-Methyl-2,4-pentanediol, 0.012 M Spermine tetrahydrochloride
;
_exptl_crystal_grow.pdbx_pH_range   ? 
# 
_diffrn.ambient_environment              ? 
_diffrn.ambient_temp                     90 
_diffrn.ambient_temp_details             ? 
_diffrn.ambient_temp_esd                 ? 
_diffrn.crystal_id                       1 
_diffrn.crystal_support                  ? 
_diffrn.crystal_treatment                ? 
_diffrn.details                          ? 
_diffrn.id                               1 
_diffrn.ambient_pressure                 ? 
_diffrn.ambient_pressure_esd             ? 
_diffrn.ambient_pressure_gt              ? 
_diffrn.ambient_pressure_lt              ? 
_diffrn.ambient_temp_gt                  ? 
_diffrn.ambient_temp_lt                  ? 
_diffrn.pdbx_serial_crystal_experiment   N 
# 
_diffrn_detector.details                      ? 
_diffrn_detector.detector                     PIXEL 
_diffrn_detector.diffrn_id                    1 
_diffrn_detector.type                         'DECTRIS EIGER X 16M' 
_diffrn_detector.area_resol_mean              ? 
_diffrn_detector.dtime                        ? 
_diffrn_detector.pdbx_frames_total            ? 
_diffrn_detector.pdbx_collection_time_total   ? 
_diffrn_detector.pdbx_collection_date         2022-03-19 
_diffrn_detector.pdbx_frequency               ? 
# 
_diffrn_radiation.collimation                      ? 
_diffrn_radiation.diffrn_id                        1 
_diffrn_radiation.filter_edge                      ? 
_diffrn_radiation.inhomogeneity                    ? 
_diffrn_radiation.monochromator                    ? 
_diffrn_radiation.polarisn_norm                    ? 
_diffrn_radiation.polarisn_ratio                   ? 
_diffrn_radiation.probe                            ? 
_diffrn_radiation.type                             ? 
_diffrn_radiation.xray_symbol                      ? 
_diffrn_radiation.wavelength_id                    1 
_diffrn_radiation.pdbx_monochromatic_or_laue_m_l   M 
_diffrn_radiation.pdbx_wavelength_list             ? 
_diffrn_radiation.pdbx_wavelength                  ? 
_diffrn_radiation.pdbx_diffrn_protocol             'SINGLE WAVELENGTH' 
_diffrn_radiation.pdbx_analyzer                    ? 
_diffrn_radiation.pdbx_scattering_type             x-ray 
# 
_diffrn_radiation_wavelength.id           1 
_diffrn_radiation_wavelength.wavelength   0.953659 
_diffrn_radiation_wavelength.wt           1.0 
# 
_diffrn_source.current                     ? 
_diffrn_source.details                     ? 
_diffrn_source.diffrn_id                   1 
_diffrn_source.power                       ? 
_diffrn_source.size                        ? 
_diffrn_source.source                      SYNCHROTRON 
_diffrn_source.target                      ? 
_diffrn_source.type                        'AUSTRALIAN SYNCHROTRON BEAMLINE MX2' 
_diffrn_source.voltage                     ? 
_diffrn_source.take-off_angle              ? 
_diffrn_source.pdbx_wavelength_list        0.953659 
_diffrn_source.pdbx_wavelength             ? 
_diffrn_source.pdbx_synchrotron_beamline   MX2 
_diffrn_source.pdbx_synchrotron_site       'Australian Synchrotron' 
# 
_reflns.B_iso_Wilson_estimate                          28.50 
_reflns.entry_id                                       7XH9 
_reflns.data_reduction_details                         ? 
_reflns.data_reduction_method                          ? 
_reflns.d_resolution_high                              1.586 
_reflns.d_resolution_low                               20.33 
_reflns.details                                        ? 
_reflns.limit_h_max                                    ? 
_reflns.limit_h_min                                    ? 
_reflns.limit_k_max                                    ? 
_reflns.limit_k_min                                    ? 
_reflns.limit_l_max                                    ? 
_reflns.limit_l_min                                    ? 
_reflns.number_all                                     ? 
_reflns.number_obs                                     9790 
_reflns.observed_criterion                             ? 
_reflns.observed_criterion_F_max                       ? 
_reflns.observed_criterion_F_min                       ? 
_reflns.observed_criterion_I_max                       ? 
_reflns.observed_criterion_I_min                       ? 
_reflns.observed_criterion_sigma_F                     ? 
_reflns.observed_criterion_sigma_I                     ? 
_reflns.percent_possible_obs                           94.60 
_reflns.R_free_details                                 ? 
_reflns.Rmerge_F_all                                   ? 
_reflns.Rmerge_F_obs                                   ? 
_reflns.Friedel_coverage                               ? 
_reflns.number_gt                                      ? 
_reflns.threshold_expression                           ? 
_reflns.pdbx_redundancy                                3.5 
_reflns.pdbx_Rmerge_I_obs                              ? 
_reflns.pdbx_Rmerge_I_all                              ? 
_reflns.pdbx_Rsym_value                                ? 
_reflns.pdbx_netI_over_av_sigmaI                       ? 
_reflns.pdbx_netI_over_sigmaI                          8.91 
_reflns.pdbx_res_netI_over_av_sigmaI_2                 ? 
_reflns.pdbx_res_netI_over_sigmaI_2                    ? 
_reflns.pdbx_chi_squared                               ? 
_reflns.pdbx_scaling_rejects                           ? 
_reflns.pdbx_d_res_high_opt                            ? 
_reflns.pdbx_d_res_low_opt                             ? 
_reflns.pdbx_d_res_opt_method                          ? 
_reflns.phase_calculation_details                      ? 
_reflns.pdbx_Rrim_I_all                                ? 
_reflns.pdbx_Rpim_I_all                                ? 
_reflns.pdbx_d_opt                                     ? 
_reflns.pdbx_number_measured_all                       ? 
_reflns.pdbx_diffrn_id                                 1 
_reflns.pdbx_ordinal                                   1 
_reflns.pdbx_CC_half                                   0.996 
_reflns.pdbx_CC_star                                   ? 
_reflns.pdbx_R_split                                   ? 
_reflns.pdbx_aniso_diffraction_limit_axis_1_ortho[1]   ? 
_reflns.pdbx_aniso_diffraction_limit_axis_1_ortho[2]   ? 
_reflns.pdbx_aniso_diffraction_limit_axis_1_ortho[3]   ? 
_reflns.pdbx_aniso_diffraction_limit_axis_2_ortho[1]   ? 
_reflns.pdbx_aniso_diffraction_limit_axis_2_ortho[2]   ? 
_reflns.pdbx_aniso_diffraction_limit_axis_2_ortho[3]   ? 
_reflns.pdbx_aniso_diffraction_limit_axis_3_ortho[1]   ? 
_reflns.pdbx_aniso_diffraction_limit_axis_3_ortho[2]   ? 
_reflns.pdbx_aniso_diffraction_limit_axis_3_ortho[3]   ? 
_reflns.pdbx_aniso_diffraction_limit_1                 ? 
_reflns.pdbx_aniso_diffraction_limit_2                 ? 
_reflns.pdbx_aniso_diffraction_limit_3                 ? 
_reflns.pdbx_aniso_B_tensor_eigenvector_1_ortho[1]     ? 
_reflns.pdbx_aniso_B_tensor_eigenvector_1_ortho[2]     ? 
_reflns.pdbx_aniso_B_tensor_eigenvector_1_ortho[3]     ? 
_reflns.pdbx_aniso_B_tensor_eigenvector_2_ortho[1]     ? 
_reflns.pdbx_aniso_B_tensor_eigenvector_2_ortho[2]     ? 
_reflns.pdbx_aniso_B_tensor_eigenvector_2_ortho[3]     ? 
_reflns.pdbx_aniso_B_tensor_eigenvector_3_ortho[1]     ? 
_reflns.pdbx_aniso_B_tensor_eigenvector_3_ortho[2]     ? 
_reflns.pdbx_aniso_B_tensor_eigenvector_3_ortho[3]     ? 
_reflns.pdbx_aniso_B_tensor_eigenvalue_1               ? 
_reflns.pdbx_aniso_B_tensor_eigenvalue_2               ? 
_reflns.pdbx_aniso_B_tensor_eigenvalue_3               ? 
_reflns.pdbx_orthogonalization_convention              ? 
_reflns.pdbx_percent_possible_ellipsoidal              ? 
_reflns.pdbx_percent_possible_spherical                ? 
_reflns.pdbx_percent_possible_ellipsoidal_anomalous    ? 
_reflns.pdbx_percent_possible_spherical_anomalous      ? 
_reflns.pdbx_redundancy_anomalous                      ? 
_reflns.pdbx_CC_half_anomalous                         ? 
_reflns.pdbx_absDiff_over_sigma_anomalous              ? 
_reflns.pdbx_percent_possible_anomalous                ? 
_reflns.pdbx_observed_signal_threshold                 ? 
_reflns.pdbx_signal_type                               ? 
_reflns.pdbx_signal_details                            ? 
_reflns.pdbx_signal_software_id                        ? 
# 
_reflns_shell.d_res_high                                    1.586 
_reflns_shell.d_res_low                                     1.642 
_reflns_shell.meanI_over_sigI_all                           ? 
_reflns_shell.meanI_over_sigI_obs                           ? 
_reflns_shell.number_measured_all                           ? 
_reflns_shell.number_measured_obs                           ? 
_reflns_shell.number_possible                               ? 
_reflns_shell.number_unique_all                             ? 
_reflns_shell.number_unique_obs                             961 
_reflns_shell.percent_possible_all                          ? 
_reflns_shell.percent_possible_obs                          ? 
_reflns_shell.Rmerge_F_all                                  ? 
_reflns_shell.Rmerge_F_obs                                  ? 
_reflns_shell.Rmerge_I_all                                  ? 
_reflns_shell.Rmerge_I_obs                                  ? 
_reflns_shell.meanI_over_sigI_gt                            ? 
_reflns_shell.meanI_over_uI_all                             ? 
_reflns_shell.meanI_over_uI_gt                              ? 
_reflns_shell.number_measured_gt                            ? 
_reflns_shell.number_unique_gt                              ? 
_reflns_shell.percent_possible_gt                           ? 
_reflns_shell.Rmerge_F_gt                                   ? 
_reflns_shell.Rmerge_I_gt                                   ? 
_reflns_shell.pdbx_redundancy                               ? 
_reflns_shell.pdbx_Rsym_value                               ? 
_reflns_shell.pdbx_chi_squared                              ? 
_reflns_shell.pdbx_netI_over_sigmaI_all                     ? 
_reflns_shell.pdbx_netI_over_sigmaI_obs                     ? 
_reflns_shell.pdbx_Rrim_I_all                               ? 
_reflns_shell.pdbx_Rpim_I_all                               ? 
_reflns_shell.pdbx_rejects                                  ? 
_reflns_shell.pdbx_ordinal                                  1 
_reflns_shell.pdbx_diffrn_id                                1 
_reflns_shell.pdbx_CC_half                                  0.922 
_reflns_shell.pdbx_CC_star                                  ? 
_reflns_shell.pdbx_R_split                                  ? 
_reflns_shell.pdbx_percent_possible_ellipsoidal             ? 
_reflns_shell.pdbx_percent_possible_spherical               ? 
_reflns_shell.pdbx_percent_possible_ellipsoidal_anomalous   ? 
_reflns_shell.pdbx_percent_possible_spherical_anomalous     ? 
_reflns_shell.pdbx_redundancy_anomalous                     ? 
_reflns_shell.pdbx_CC_half_anomalous                        ? 
_reflns_shell.pdbx_absDiff_over_sigma_anomalous             ? 
_reflns_shell.pdbx_percent_possible_anomalous               ? 
# 
_refine.aniso_B[1][1]                            ? 
_refine.aniso_B[1][2]                            ? 
_refine.aniso_B[1][3]                            ? 
_refine.aniso_B[2][2]                            ? 
_refine.aniso_B[2][3]                            ? 
_refine.aniso_B[3][3]                            ? 
_refine.B_iso_max                                ? 
_refine.B_iso_mean                               47.64 
_refine.B_iso_min                                ? 
_refine.correlation_coeff_Fo_to_Fc               ? 
_refine.correlation_coeff_Fo_to_Fc_free          ? 
_refine.details                                  ? 
_refine.diff_density_max                         ? 
_refine.diff_density_max_esd                     ? 
_refine.diff_density_min                         ? 
_refine.diff_density_min_esd                     ? 
_refine.diff_density_rms                         ? 
_refine.diff_density_rms_esd                     ? 
_refine.entry_id                                 7XH9 
_refine.pdbx_refine_id                           'X-RAY DIFFRACTION' 
_refine.ls_abs_structure_details                 ? 
_refine.ls_abs_structure_Flack                   ? 
_refine.ls_abs_structure_Flack_esd               ? 
_refine.ls_abs_structure_Rogers                  ? 
_refine.ls_abs_structure_Rogers_esd              ? 
_refine.ls_d_res_high                            1.63 
_refine.ls_d_res_low                             20.33 
_refine.ls_extinction_coef                       ? 
_refine.ls_extinction_coef_esd                   ? 
_refine.ls_extinction_expression                 ? 
_refine.ls_extinction_method                     ? 
_refine.ls_goodness_of_fit_all                   ? 
_refine.ls_goodness_of_fit_all_esd               ? 
_refine.ls_goodness_of_fit_obs                   ? 
_refine.ls_goodness_of_fit_obs_esd               ? 
_refine.ls_hydrogen_treatment                    ? 
_refine.ls_matrix_type                           ? 
_refine.ls_number_constraints                    ? 
_refine.ls_number_parameters                     ? 
_refine.ls_number_reflns_all                     ? 
_refine.ls_number_reflns_obs                     9706 
_refine.ls_number_reflns_R_free                  1876 
_refine.ls_number_reflns_R_work                  16827 
_refine.ls_number_restraints                     ? 
_refine.ls_percent_reflns_obs                    91.83 
_refine.ls_percent_reflns_R_free                 10.03 
_refine.ls_R_factor_all                          ? 
_refine.ls_R_factor_obs                          0.2271 
_refine.ls_R_factor_R_free                       0.2466 
_refine.ls_R_factor_R_free_error                 ? 
_refine.ls_R_factor_R_free_error_details         ? 
_refine.ls_R_factor_R_work                       0.2248 
_refine.ls_R_Fsqd_factor_obs                     ? 
_refine.ls_R_I_factor_obs                        ? 
_refine.ls_redundancy_reflns_all                 ? 
_refine.ls_redundancy_reflns_obs                 ? 
_refine.ls_restrained_S_all                      ? 
_refine.ls_restrained_S_obs                      ? 
_refine.ls_shift_over_esd_max                    ? 
_refine.ls_shift_over_esd_mean                   ? 
_refine.ls_structure_factor_coef                 ? 
_refine.ls_weighting_details                     ? 
_refine.ls_weighting_scheme                      ? 
_refine.ls_wR_factor_all                         ? 
_refine.ls_wR_factor_obs                         ? 
_refine.ls_wR_factor_R_free                      ? 
_refine.ls_wR_factor_R_work                      ? 
_refine.occupancy_max                            ? 
_refine.occupancy_min                            ? 
_refine.solvent_model_details                    'FLAT BULK SOLVENT MODEL' 
_refine.solvent_model_param_bsol                 ? 
_refine.solvent_model_param_ksol                 ? 
_refine.pdbx_R_complete                          ? 
_refine.ls_R_factor_gt                           ? 
_refine.ls_goodness_of_fit_gt                    ? 
_refine.ls_goodness_of_fit_ref                   ? 
_refine.ls_shift_over_su_max                     ? 
_refine.ls_shift_over_su_max_lt                  ? 
_refine.ls_shift_over_su_mean                    ? 
_refine.ls_shift_over_su_mean_lt                 ? 
_refine.pdbx_ls_sigma_I                          ? 
_refine.pdbx_ls_sigma_F                          1.96 
_refine.pdbx_ls_sigma_Fsqd                       ? 
_refine.pdbx_data_cutoff_high_absF               ? 
_refine.pdbx_data_cutoff_high_rms_absF           ? 
_refine.pdbx_data_cutoff_low_absF                ? 
_refine.pdbx_isotropic_thermal_model             ? 
_refine.pdbx_ls_cross_valid_method               'FREE R-VALUE' 
_refine.pdbx_method_to_determine_struct          'MOLECULAR REPLACEMENT' 
_refine.pdbx_starting_model                      7XDH 
_refine.pdbx_stereochemistry_target_values       'GeoStd + Monomer Library + CDL v1.2' 
_refine.pdbx_R_Free_selection_details            ? 
_refine.pdbx_stereochem_target_val_spec_case     ? 
_refine.pdbx_overall_ESU_R                       ? 
_refine.pdbx_overall_ESU_R_Free                  ? 
_refine.pdbx_solvent_vdw_probe_radii             1.1100 
_refine.pdbx_solvent_ion_probe_radii             ? 
_refine.pdbx_solvent_shrinkage_radii             0.9000 
_refine.pdbx_real_space_R                        ? 
_refine.pdbx_density_correlation                 ? 
_refine.pdbx_pd_number_of_powder_patterns        ? 
_refine.pdbx_pd_number_of_points                 ? 
_refine.pdbx_pd_meas_number_of_points            ? 
_refine.pdbx_pd_proc_ls_prof_R_factor            ? 
_refine.pdbx_pd_proc_ls_prof_wR_factor           ? 
_refine.pdbx_pd_Marquardt_correlation_coeff      ? 
_refine.pdbx_pd_Fsqrd_R_factor                   ? 
_refine.pdbx_pd_ls_matrix_band_width             ? 
_refine.pdbx_overall_phase_error                 37.4293 
_refine.pdbx_overall_SU_R_free_Cruickshank_DPI   ? 
_refine.pdbx_overall_SU_R_free_Blow_DPI          ? 
_refine.pdbx_overall_SU_R_Blow_DPI               ? 
_refine.pdbx_TLS_residual_ADP_flag               ? 
_refine.pdbx_diffrn_id                           1 
_refine.overall_SU_B                             ? 
_refine.overall_SU_ML                            0.2144 
_refine.overall_SU_R_Cruickshank_DPI             ? 
_refine.overall_SU_R_free                        ? 
_refine.overall_FOM_free_R_set                   ? 
_refine.overall_FOM_work_R_set                   ? 
_refine.pdbx_average_fsc_overall                 ? 
_refine.pdbx_average_fsc_work                    ? 
_refine.pdbx_average_fsc_free                    ? 
# 
_refine_hist.pdbx_refine_id                   'X-RAY DIFFRACTION' 
_refine_hist.cycle_id                         LAST 
_refine_hist.details                          ? 
_refine_hist.d_res_high                       1.63 
_refine_hist.d_res_low                        20.33 
_refine_hist.number_atoms_solvent             41 
_refine_hist.number_atoms_total               730 
_refine_hist.number_reflns_all                ? 
_refine_hist.number_reflns_obs                ? 
_refine_hist.number_reflns_R_free             ? 
_refine_hist.number_reflns_R_work             ? 
_refine_hist.R_factor_all                     ? 
_refine_hist.R_factor_obs                     ? 
_refine_hist.R_factor_R_free                  ? 
_refine_hist.R_factor_R_work                  ? 
_refine_hist.pdbx_number_residues_total       ? 
_refine_hist.pdbx_B_iso_mean_ligand           ? 
_refine_hist.pdbx_B_iso_mean_solvent          ? 
_refine_hist.pdbx_number_atoms_protein        0 
_refine_hist.pdbx_number_atoms_nucleic_acid   680 
_refine_hist.pdbx_number_atoms_ligand         9 
_refine_hist.pdbx_number_atoms_lipid          ? 
_refine_hist.pdbx_number_atoms_carb           ? 
_refine_hist.pdbx_pseudo_atom_details         ? 
# 
loop_
_refine_ls_restr.pdbx_refine_id 
_refine_ls_restr.criterion 
_refine_ls_restr.dev_ideal 
_refine_ls_restr.dev_ideal_target 
_refine_ls_restr.number 
_refine_ls_restr.rejects 
_refine_ls_restr.type 
_refine_ls_restr.weight 
_refine_ls_restr.pdbx_restraint_function 
'X-RAY DIFFRACTION' ? 0.0082  ? 766  ? f_bond_d           ? ? 
'X-RAY DIFFRACTION' ? 0.9509  ? 1188 ? f_angle_d          ? ? 
'X-RAY DIFFRACTION' ? 0.0448  ? 126  ? f_chiral_restr     ? ? 
'X-RAY DIFFRACTION' ? 0.0059  ? 32   ? f_plane_restr      ? ? 
'X-RAY DIFFRACTION' ? 34.6109 ? 312  ? f_dihedral_angle_d ? ? 
# 
loop_
_refine_ls_shell.pdbx_refine_id 
_refine_ls_shell.d_res_high 
_refine_ls_shell.d_res_low 
_refine_ls_shell.number_reflns_all 
_refine_ls_shell.number_reflns_obs 
_refine_ls_shell.number_reflns_R_free 
_refine_ls_shell.number_reflns_R_work 
_refine_ls_shell.percent_reflns_obs 
_refine_ls_shell.percent_reflns_R_free 
_refine_ls_shell.R_factor_all 
_refine_ls_shell.R_factor_obs 
_refine_ls_shell.R_factor_R_free 
_refine_ls_shell.R_factor_R_free_error 
_refine_ls_shell.R_factor_R_work 
_refine_ls_shell.redundancy_reflns_all 
_refine_ls_shell.redundancy_reflns_obs 
_refine_ls_shell.wR_factor_all 
_refine_ls_shell.wR_factor_obs 
_refine_ls_shell.wR_factor_R_free 
_refine_ls_shell.wR_factor_R_work 
_refine_ls_shell.pdbx_R_complete 
_refine_ls_shell.pdbx_total_number_of_bins_used 
_refine_ls_shell.pdbx_phase_error 
_refine_ls_shell.pdbx_fsc_work 
_refine_ls_shell.pdbx_fsc_free 
'X-RAY DIFFRACTION' 1.63 1.67  . . 151 1311 92.30 . . . 0.4331 . 0.3925 . . . . . . . . . . . 
'X-RAY DIFFRACTION' 1.67 1.72  . . 139 1260 92.40 . . . 0.4133 . 0.3402 . . . . . . . . . . . 
'X-RAY DIFFRACTION' 1.72 1.78  . . 146 1322 92.33 . . . 0.3500 . 0.3627 . . . . . . . . . . . 
'X-RAY DIFFRACTION' 1.78 1.84  . . 153 1307 92.17 . . . 0.3873 . 0.3201 . . . . . . . . . . . 
'X-RAY DIFFRACTION' 1.84 1.92  . . 135 1283 90.55 . . . 0.2514 . 0.2883 . . . . . . . . . . . 
'X-RAY DIFFRACTION' 1.92 2.00  . . 138 1307 92.87 . . . 0.3284 . 0.2522 . . . . . . . . . . . 
'X-RAY DIFFRACTION' 2.00 2.11  . . 143 1278 93.12 . . . 0.3491 . 0.2590 . . . . . . . . . . . 
'X-RAY DIFFRACTION' 2.11 2.24  . . 148 1316 92.08 . . . 0.2780 . 0.2502 . . . . . . . . . . . 
'X-RAY DIFFRACTION' 2.24 2.41  . . 147 1336 92.57 . . . 0.3378 . 0.2606 . . . . . . . . . . . 
'X-RAY DIFFRACTION' 2.41 2.66  . . 139 1273 91.33 . . . 0.2692 . 0.2356 . . . . . . . . . . . 
'X-RAY DIFFRACTION' 2.66 3.04  . . 144 1294 91.83 . . . 0.2948 . 0.2881 . . . . . . . . . . . 
'X-RAY DIFFRACTION' 3.04 3.82  . . 140 1287 90.32 . . . 0.2990 . 0.2151 . . . . . . . . . . . 
'X-RAY DIFFRACTION' 3.83 20.33 . . 153 1253 90.13 . . . 0.1485 . 0.1558 . . . . . . . . . . . 
# 
_struct.entry_id                     7XH9 
_struct.title                        'Crystal structure of a dimeric interlocked parallel G-quadruplex' 
_struct.pdbx_model_details           ? 
_struct.pdbx_formula_weight          ? 
_struct.pdbx_formula_weight_method   ? 
_struct.pdbx_model_type_details      ? 
_struct.pdbx_CASP_flag               N 
# 
_struct_keywords.entry_id        7XH9 
_struct_keywords.text            'G-quadruplex, interlocked, DNA' 
_struct_keywords.pdbx_keywords   DNA 
# 
loop_
_struct_asym.id 
_struct_asym.pdbx_blank_PDB_chainid_flag 
_struct_asym.pdbx_modified 
_struct_asym.entity_id 
_struct_asym.details 
A N N 1 ? 
B N N 1 ? 
C N N 2 ? 
D N N 2 ? 
E N N 2 ? 
F N N 3 ? 
G N N 3 ? 
H N N 3 ? 
I N N 3 ? 
J N N 2 ? 
K N N 2 ? 
L N N 4 ? 
M N N 4 ? 
# 
loop_
_struct_conn.id 
_struct_conn.conn_type_id 
_struct_conn.pdbx_leaving_atom_flag 
_struct_conn.pdbx_PDB_id 
_struct_conn.ptnr1_label_asym_id 
_struct_conn.ptnr1_label_comp_id 
_struct_conn.ptnr1_label_seq_id 
_struct_conn.ptnr1_label_atom_id 
_struct_conn.pdbx_ptnr1_label_alt_id 
_struct_conn.pdbx_ptnr1_PDB_ins_code 
_struct_conn.pdbx_ptnr1_standard_comp_id 
_struct_conn.ptnr1_symmetry 
_struct_conn.ptnr2_label_asym_id 
_struct_conn.ptnr2_label_comp_id 
_struct_conn.ptnr2_label_seq_id 
_struct_conn.ptnr2_label_atom_id 
_struct_conn.pdbx_ptnr2_label_alt_id 
_struct_conn.pdbx_ptnr2_PDB_ins_code 
_struct_conn.ptnr1_auth_asym_id 
_struct_conn.ptnr1_auth_comp_id 
_struct_conn.ptnr1_auth_seq_id 
_struct_conn.ptnr2_auth_asym_id 
_struct_conn.ptnr2_auth_comp_id 
_struct_conn.ptnr2_auth_seq_id 
_struct_conn.ptnr2_symmetry 
_struct_conn.pdbx_ptnr3_label_atom_id 
_struct_conn.pdbx_ptnr3_label_seq_id 
_struct_conn.pdbx_ptnr3_label_comp_id 
_struct_conn.pdbx_ptnr3_label_asym_id 
_struct_conn.pdbx_ptnr3_label_alt_id 
_struct_conn.pdbx_ptnr3_PDB_ins_code 
_struct_conn.details 
_struct_conn.pdbx_dist_value 
_struct_conn.pdbx_value_order 
_struct_conn.pdbx_role 
metalc1  metalc ? ? A DG 1  O6 ? ? ? 1_555 E K   .  K  ? ? A DG 1   A K   103 1_555 ? ? ? ? ? ? ?           2.819 ? ? 
metalc2  metalc ? ? A DG 1  O6 ? ? ? 1_555 J K   .  K  ? ? A DG 1   B K   101 1_555 ? ? ? ? ? ? ?           2.725 ? ? 
metalc3  metalc ? ? A DG 2  O6 ? ? ? 1_555 D K   .  K  ? ? A DG 2   A K   102 1_555 ? ? ? ? ? ? ?           2.664 ? ? 
metalc4  metalc ? ? A DG 2  O6 ? ? ? 1_555 E K   .  K  ? ? A DG 2   A K   103 1_555 ? ? ? ? ? ? ?           2.776 ? ? 
metalc5  metalc ? ? A DG 3  O6 ? ? ? 1_555 C K   .  K  ? ? A DG 3   A K   101 1_555 ? ? ? ? ? ? ?           2.819 ? ? 
metalc6  metalc ? ? A DG 3  O6 ? ? ? 1_555 D K   .  K  ? ? A DG 3   A K   102 1_555 ? ? ? ? ? ? ?           2.815 ? ? 
metalc7  metalc ? ? A DG 4  O6 ? ? ? 1_555 C K   .  K  ? ? A DG 4   A K   101 1_555 ? ? ? ? ? ? ?           2.638 ? ? 
metalc8  metalc ? ? A DG 6  O6 ? ? ? 1_555 D K   .  K  ? ? A DG 6   A K   102 1_555 ? ? ? ? ? ? ?           2.887 ? ? 
metalc9  metalc ? ? A DG 6  O6 ? ? ? 1_555 E K   .  K  ? ? A DG 6   A K   103 1_555 ? ? ? ? ? ? ?           2.823 ? ? 
metalc10 metalc ? ? A DG 7  O6 ? ? ? 1_555 C K   .  K  ? ? A DG 7   A K   101 1_555 ? ? ? ? ? ? ?           2.997 ? ? 
metalc11 metalc ? ? A DG 7  O6 ? ? ? 1_555 D K   .  K  ? ? A DG 7   A K   102 1_555 ? ? ? ? ? ? ?           2.793 ? ? 
metalc12 metalc ? ? A DG 8  O6 ? ? ? 1_555 C K   .  K  ? ? A DG 8   A K   101 1_555 ? ? ? ? ? ? ?           2.686 ? ? 
metalc13 metalc ? ? A DG 10 O6 ? ? ? 1_555 C K   .  K  ? ? A DG 10  A K   101 1_555 ? ? ? ? ? ? ?           2.881 ? ? 
metalc14 metalc ? ? A DG 10 O6 ? ? ? 1_555 D K   .  K  ? ? A DG 10  A K   102 1_555 ? ? ? ? ? ? ?           2.792 ? ? 
metalc15 metalc ? ? A DG 11 O6 ? ? ? 1_555 C K   .  K  ? ? A DG 11  A K   101 1_555 ? ? ? ? ? ? ?           2.671 ? ? 
metalc16 metalc ? ? A DG 13 O6 ? ? ? 1_555 D K   .  K  ? ? A DG 13  A K   102 1_555 ? ? ? ? ? ? ?           2.778 ? ? 
metalc17 metalc ? ? A DG 13 O6 ? ? ? 1_555 E K   .  K  ? ? A DG 13  A K   103 1_555 ? ? ? ? ? ? ?           2.812 ? ? 
metalc18 metalc ? ? A DG 14 O6 ? ? ? 1_555 C K   .  K  ? ? A DG 14  A K   101 1_555 ? ? ? ? ? ? ?           2.883 ? ? 
metalc19 metalc ? ? A DG 14 O6 ? ? ? 1_555 D K   .  K  ? ? A DG 14  A K   102 1_555 ? ? ? ? ? ? ?           2.817 ? ? 
metalc20 metalc ? ? A DG 15 O6 ? ? ? 1_555 C K   .  K  ? ? A DG 15  A K   101 1_555 ? ? ? ? ? ? ?           2.709 ? ? 
metalc21 metalc ? ? D K  .  K  ? ? ? 1_555 B DG  1  O6 ? ? A K  102 B DG  1   1_555 ? ? ? ? ? ? ?           2.729 ? ? 
metalc22 metalc ? ? E K  .  K  ? ? ? 1_555 B DG  1  O6 ? ? A K  103 B DG  1   1_555 ? ? ? ? ? ? ?           2.937 ? ? 
metalc23 metalc ? ? E K  .  K  ? ? ? 1_555 B DG  2  O6 ? ? A K  103 B DG  2   1_555 ? ? ? ? ? ? ?           2.785 ? ? 
metalc24 metalc ? ? E K  .  K  ? ? ? 1_555 B DG  6  O6 ? ? A K  103 B DG  6   1_555 ? ? ? ? ? ? ?           2.794 ? ? 
metalc25 metalc ? ? E K  .  K  ? ? ? 1_555 B DG  13 O6 ? ? A K  103 B DG  13  1_555 ? ? ? ? ? ? ?           2.771 ? ? 
metalc26 metalc ? ? F SR .  SR ? ? ? 1_555 L HOH .  O  ? ? A SR 104 A HOH 211 1_555 ? ? ? ? ? ? ?           2.827 ? ? 
metalc27 metalc ? ? G SR .  SR ? ? ? 1_555 M HOH .  O  ? ? A SR 105 B HOH 213 1_555 ? ? ? ? ? ? ?           2.670 ? ? 
metalc28 metalc ? ? B DG 2  O6 ? ? ? 1_555 J K   .  K  ? ? B DG 2   B K   101 1_555 ? ? ? ? ? ? ?           2.727 ? ? 
metalc29 metalc ? ? B DG 3  O6 ? ? ? 1_555 J K   .  K  ? ? B DG 3   B K   101 1_555 ? ? ? ? ? ? ?           2.719 ? ? 
metalc30 metalc ? ? B DG 3  O6 ? ? ? 1_555 K K   .  K  ? ? B DG 3   B K   102 1_555 ? ? ? ? ? ? ?           2.815 ? ? 
metalc31 metalc ? ? B DG 4  O6 ? ? ? 1_555 K K   .  K  ? ? B DG 4   B K   102 1_555 ? ? ? ? ? ? ?           2.642 ? ? 
metalc32 metalc ? ? B DG 6  O6 ? ? ? 1_555 J K   .  K  ? ? B DG 6   B K   101 1_555 ? ? ? ? ? ? ?           2.905 ? ? 
metalc33 metalc ? ? B DG 7  O6 ? ? ? 1_555 J K   .  K  ? ? B DG 7   B K   101 1_555 ? ? ? ? ? ? ?           2.799 ? ? 
metalc34 metalc ? ? B DG 7  O6 ? ? ? 1_555 K K   .  K  ? ? B DG 7   B K   102 1_555 ? ? ? ? ? ? ?           2.923 ? ? 
metalc35 metalc ? ? B DG 8  O6 ? ? ? 1_555 K K   .  K  ? ? B DG 8   B K   102 1_555 ? ? ? ? ? ? ?           2.678 ? ? 
metalc36 metalc ? ? B DG 10 O6 ? ? ? 1_555 J K   .  K  ? ? B DG 10  B K   101 1_555 ? ? ? ? ? ? ?           2.711 ? ? 
metalc37 metalc ? ? B DG 10 O6 ? ? ? 1_555 K K   .  K  ? ? B DG 10  B K   102 1_555 ? ? ? ? ? ? ?           2.899 ? ? 
metalc38 metalc ? ? B DG 11 O6 ? ? ? 1_555 K K   .  K  ? ? B DG 11  B K   102 1_555 ? ? ? ? ? ? ?           2.735 ? ? 
metalc39 metalc ? ? B DG 13 O6 ? ? ? 1_555 J K   .  K  ? ? B DG 13  B K   101 1_555 ? ? ? ? ? ? ?           2.767 ? ? 
metalc40 metalc ? ? B DG 14 O6 ? ? ? 1_555 J K   .  K  ? ? B DG 14  B K   101 1_555 ? ? ? ? ? ? ?           2.857 ? ? 
metalc41 metalc ? ? B DG 14 O6 ? ? ? 1_555 K K   .  K  ? ? B DG 14  B K   102 1_555 ? ? ? ? ? ? ?           2.892 ? ? 
metalc42 metalc ? ? B DG 15 O6 ? ? ? 1_555 K K   .  K  ? ? B DG 15  B K   102 1_555 ? ? ? ? ? ? ?           2.740 ? ? 
hydrog1  hydrog ? ? A DG 1  N7 ? ? ? 1_555 B DG  6  N2 ? ? A DG 1   B DG  6   1_555 ? ? ? ? ? ? TYPE_6_PAIR ?     ? ? 
hydrog2  hydrog ? ? A DG 1  O6 ? ? ? 1_555 B DG  6  N1 ? ? A DG 1   B DG  6   1_555 ? ? ? ? ? ? TYPE_6_PAIR ?     ? ? 
hydrog3  hydrog ? ? A DG 1  N1 ? ? ? 1_555 B DG  13 O6 ? ? A DG 1   B DG  13  1_555 ? ? ? ? ? ? TYPE_6_PAIR ?     ? ? 
hydrog4  hydrog ? ? A DG 1  N2 ? ? ? 1_555 B DG  13 N7 ? ? A DG 1   B DG  13  1_555 ? ? ? ? ? ? TYPE_6_PAIR ?     ? ? 
hydrog5  hydrog ? ? A DG 2  N1 ? ? ? 1_555 A DG  6  O6 ? ? A DG 2   A DG  6   1_555 ? ? ? ? ? ? TYPE_6_PAIR ?     ? ? 
hydrog6  hydrog ? ? A DG 2  N2 ? ? ? 1_555 A DG  6  N7 ? ? A DG 2   A DG  6   1_555 ? ? ? ? ? ? TYPE_6_PAIR ?     ? ? 
hydrog7  hydrog ? ? A DG 2  N7 ? ? ? 1_555 A DG  13 N2 ? ? A DG 2   A DG  13  1_555 ? ? ? ? ? ? TYPE_6_PAIR ?     ? ? 
hydrog8  hydrog ? ? A DG 2  O6 ? ? ? 1_555 A DG  13 N1 ? ? A DG 2   A DG  13  1_555 ? ? ? ? ? ? TYPE_6_PAIR ?     ? ? 
hydrog9  hydrog ? ? A DG 3  N1 ? ? ? 1_555 A DG  7  O6 ? ? A DG 3   A DG  7   1_555 ? ? ? ? ? ? TYPE_6_PAIR ?     ? ? 
hydrog10 hydrog ? ? A DG 3  N2 ? ? ? 1_555 A DG  7  N7 ? ? A DG 3   A DG  7   1_555 ? ? ? ? ? ? TYPE_6_PAIR ?     ? ? 
hydrog11 hydrog ? ? A DG 3  N7 ? ? ? 1_555 A DG  14 N2 ? ? A DG 3   A DG  14  1_555 ? ? ? ? ? ? TYPE_6_PAIR ?     ? ? 
hydrog12 hydrog ? ? A DG 3  O6 ? ? ? 1_555 A DG  14 N1 ? ? A DG 3   A DG  14  1_555 ? ? ? ? ? ? TYPE_6_PAIR ?     ? ? 
hydrog13 hydrog ? ? A DG 4  N1 ? ? ? 1_555 A DG  8  O6 ? ? A DG 4   A DG  8   1_555 ? ? ? ? ? ? TYPE_6_PAIR ?     ? ? 
hydrog14 hydrog ? ? A DG 4  N2 ? ? ? 1_555 A DG  8  N7 ? ? A DG 4   A DG  8   1_555 ? ? ? ? ? ? TYPE_6_PAIR ?     ? ? 
hydrog15 hydrog ? ? A DG 4  N7 ? ? ? 1_555 A DG  15 N2 ? ? A DG 4   A DG  15  1_555 ? ? ? ? ? ? TYPE_6_PAIR ?     ? ? 
hydrog16 hydrog ? ? A DG 4  O6 ? ? ? 1_555 A DG  15 N1 ? ? A DG 4   A DG  15  1_555 ? ? ? ? ? ? TYPE_6_PAIR ?     ? ? 
hydrog17 hydrog ? ? A DG 6  N1 ? ? ? 1_555 B DG  1  O6 ? ? A DG 6   B DG  1   1_555 ? ? ? ? ? ? TYPE_6_PAIR ?     ? ? 
hydrog18 hydrog ? ? A DG 6  N2 ? ? ? 1_555 B DG  1  N7 ? ? A DG 6   B DG  1   1_555 ? ? ? ? ? ? TYPE_6_PAIR ?     ? ? 
hydrog19 hydrog ? ? A DG 7  N1 ? ? ? 1_555 A DG  10 O6 ? ? A DG 7   A DG  10  1_555 ? ? ? ? ? ? TYPE_6_PAIR ?     ? ? 
hydrog20 hydrog ? ? A DG 7  N2 ? ? ? 1_555 A DG  10 N7 ? ? A DG 7   A DG  10  1_555 ? ? ? ? ? ? TYPE_6_PAIR ?     ? ? 
hydrog21 hydrog ? ? A DG 8  N1 ? ? ? 1_555 A DG  11 O6 ? ? A DG 8   A DG  11  1_555 ? ? ? ? ? ? TYPE_6_PAIR ?     ? ? 
hydrog22 hydrog ? ? A DG 8  N2 ? ? ? 1_555 A DG  11 N7 ? ? A DG 8   A DG  11  1_555 ? ? ? ? ? ? TYPE_6_PAIR ?     ? ? 
hydrog23 hydrog ? ? A DG 10 N1 ? ? ? 1_555 A DG  14 O6 ? ? A DG 10  A DG  14  1_555 ? ? ? ? ? ? TYPE_6_PAIR ?     ? ? 
hydrog24 hydrog ? ? A DG 10 N2 ? ? ? 1_555 A DG  14 N7 ? ? A DG 10  A DG  14  1_555 ? ? ? ? ? ? TYPE_6_PAIR ?     ? ? 
hydrog25 hydrog ? ? A DG 11 N1 ? ? ? 1_555 A DG  15 O6 ? ? A DG 11  A DG  15  1_555 ? ? ? ? ? ? TYPE_6_PAIR ?     ? ? 
hydrog26 hydrog ? ? A DG 11 N2 ? ? ? 1_555 A DG  15 N7 ? ? A DG 11  A DG  15  1_555 ? ? ? ? ? ? TYPE_6_PAIR ?     ? ? 
hydrog27 hydrog ? ? A DG 13 N7 ? ? ? 1_555 B DG  1  N2 ? ? A DG 13  B DG  1   1_555 ? ? ? ? ? ? TYPE_6_PAIR ?     ? ? 
hydrog28 hydrog ? ? A DG 13 O6 ? ? ? 1_555 B DG  1  N1 ? ? A DG 13  B DG  1   1_555 ? ? ? ? ? ? TYPE_6_PAIR ?     ? ? 
hydrog29 hydrog ? ? B DG 2  N1 ? ? ? 1_555 B DG  6  O6 ? ? B DG 2   B DG  6   1_555 ? ? ? ? ? ? TYPE_6_PAIR ?     ? ? 
hydrog30 hydrog ? ? B DG 2  N2 ? ? ? 1_555 B DG  6  N7 ? ? B DG 2   B DG  6   1_555 ? ? ? ? ? ? TYPE_6_PAIR ?     ? ? 
hydrog31 hydrog ? ? B DG 2  N7 ? ? ? 1_555 B DG  13 N2 ? ? B DG 2   B DG  13  1_555 ? ? ? ? ? ? TYPE_6_PAIR ?     ? ? 
hydrog32 hydrog ? ? B DG 2  O6 ? ? ? 1_555 B DG  13 N1 ? ? B DG 2   B DG  13  1_555 ? ? ? ? ? ? TYPE_6_PAIR ?     ? ? 
hydrog33 hydrog ? ? B DG 3  N1 ? ? ? 1_555 B DG  7  O6 ? ? B DG 3   B DG  7   1_555 ? ? ? ? ? ? TYPE_6_PAIR ?     ? ? 
hydrog34 hydrog ? ? B DG 3  N2 ? ? ? 1_555 B DG  7  N7 ? ? B DG 3   B DG  7   1_555 ? ? ? ? ? ? TYPE_6_PAIR ?     ? ? 
hydrog35 hydrog ? ? B DG 3  N7 ? ? ? 1_555 B DG  14 N2 ? ? B DG 3   B DG  14  1_555 ? ? ? ? ? ? TYPE_6_PAIR ?     ? ? 
hydrog36 hydrog ? ? B DG 3  O6 ? ? ? 1_555 B DG  14 N1 ? ? B DG 3   B DG  14  1_555 ? ? ? ? ? ? TYPE_6_PAIR ?     ? ? 
hydrog37 hydrog ? ? B DG 4  N1 ? ? ? 1_555 B DG  8  O6 ? ? B DG 4   B DG  8   1_555 ? ? ? ? ? ? TYPE_6_PAIR ?     ? ? 
hydrog38 hydrog ? ? B DG 4  N2 ? ? ? 1_555 B DG  8  N7 ? ? B DG 4   B DG  8   1_555 ? ? ? ? ? ? TYPE_6_PAIR ?     ? ? 
hydrog39 hydrog ? ? B DG 4  N7 ? ? ? 1_555 B DG  15 N2 ? ? B DG 4   B DG  15  1_555 ? ? ? ? ? ? TYPE_6_PAIR ?     ? ? 
hydrog40 hydrog ? ? B DG 4  O6 ? ? ? 1_555 B DG  15 N1 ? ? B DG 4   B DG  15  1_555 ? ? ? ? ? ? TYPE_6_PAIR ?     ? ? 
hydrog41 hydrog ? ? B DG 7  N1 ? ? ? 1_555 B DG  10 O6 ? ? B DG 7   B DG  10  1_555 ? ? ? ? ? ? TYPE_6_PAIR ?     ? ? 
hydrog42 hydrog ? ? B DG 7  N2 ? ? ? 1_555 B DG  10 N7 ? ? B DG 7   B DG  10  1_555 ? ? ? ? ? ? TYPE_6_PAIR ?     ? ? 
hydrog43 hydrog ? ? B DG 8  N1 ? ? ? 1_555 B DG  11 O6 ? ? B DG 8   B DG  11  1_555 ? ? ? ? ? ? TYPE_6_PAIR ?     ? ? 
hydrog44 hydrog ? ? B DG 8  N2 ? ? ? 1_555 B DG  11 N7 ? ? B DG 8   B DG  11  1_555 ? ? ? ? ? ? TYPE_6_PAIR ?     ? ? 
hydrog45 hydrog ? ? B DG 10 N1 ? ? ? 1_555 B DG  14 O6 ? ? B DG 10  B DG  14  1_555 ? ? ? ? ? ? TYPE_6_PAIR ?     ? ? 
hydrog46 hydrog ? ? B DG 10 N2 ? ? ? 1_555 B DG  14 N7 ? ? B DG 10  B DG  14  1_555 ? ? ? ? ? ? TYPE_6_PAIR ?     ? ? 
hydrog47 hydrog ? ? B DG 11 N1 ? ? ? 1_555 B DG  15 O6 ? ? B DG 11  B DG  15  1_555 ? ? ? ? ? ? TYPE_6_PAIR ?     ? ? 
hydrog48 hydrog ? ? B DG 11 N2 ? ? ? 1_555 B DG  15 N7 ? ? B DG 11  B DG  15  1_555 ? ? ? ? ? ? TYPE_6_PAIR ?     ? ? 
# 
loop_
_struct_conn_type.id 
_struct_conn_type.criteria 
_struct_conn_type.reference 
metalc ? ? 
hydrog ? ? 
# 
_atom_sites.entry_id                    7XH9 
_atom_sites.Cartn_transf_matrix[1][1]   ? 
_atom_sites.Cartn_transf_matrix[1][2]   ? 
_atom_sites.Cartn_transf_matrix[1][3]   ? 
_atom_sites.Cartn_transf_matrix[2][1]   ? 
_atom_sites.Cartn_transf_matrix[2][2]   ? 
_atom_sites.Cartn_transf_matrix[2][3]   ? 
_atom_sites.Cartn_transf_matrix[3][1]   ? 
_atom_sites.Cartn_transf_matrix[3][2]   ? 
_atom_sites.Cartn_transf_matrix[3][3]   ? 
_atom_sites.Cartn_transf_vector[1]      ? 
_atom_sites.Cartn_transf_vector[2]      ? 
_atom_sites.Cartn_transf_vector[3]      ? 
_atom_sites.fract_transf_matrix[1][1]   -0.02546101 
_atom_sites.fract_transf_matrix[1][2]   -0.01290735 
_atom_sites.fract_transf_matrix[1][3]   0.02603461 
_atom_sites.fract_transf_matrix[2][1]   0.01847962 
_atom_sites.fract_transf_matrix[2][2]   -0.03238489 
_atom_sites.fract_transf_matrix[2][3]   -0.00391187 
_atom_sites.fract_transf_matrix[3][1]   0.01567866 
_atom_sites.fract_transf_matrix[3][2]   0.02581292 
_atom_sites.fract_transf_matrix[3][3]   0.02219511 
_atom_sites.fract_transf_vector[1]      0.049426 
_atom_sites.fract_transf_vector[2]      0.546206 
_atom_sites.fract_transf_vector[3]      0.456735 
_atom_sites.solution_primary            ? 
_atom_sites.solution_secondary          ? 
_atom_sites.solution_hydrogens          ? 
_atom_sites.special_details             ? 
# 
loop_
_atom_type.symbol 
_atom_type.scat_dispersion_real 
_atom_type.scat_dispersion_imag 
_atom_type.scat_Cromer_Mann_a1 
_atom_type.scat_Cromer_Mann_a2 
_atom_type.scat_Cromer_Mann_a3 
_atom_type.scat_Cromer_Mann_a4 
_atom_type.scat_Cromer_Mann_b1 
_atom_type.scat_Cromer_Mann_b2 
_atom_type.scat_Cromer_Mann_b3 
_atom_type.scat_Cromer_Mann_b4 
_atom_type.scat_Cromer_Mann_c 
_atom_type.scat_source 
_atom_type.scat_dispersion_source 
C  ? ? 3.54356  2.42580 ?       ? 25.62398 1.50364  ?         ? 0.0 
;2-Gaussian fit: Grosse-Kunstleve RW, Sauter NK, Adams PD: Newsletter of the IUCr Commission on Crystallographic Computing 2004, 3, 22-31.
;
? 
K  ? ? 8.66788  8.58341 1.68052 ? 12.31593 0.56275  110.00227 ? 0.0 
;3-Gaussian fit: Grosse-Kunstleve RW, Sauter NK, Adams PD: Newsletter of the IUCr Commission on Crystallographic Computing 2004, 3, 22-31.
;
? 
N  ? ? 4.01032  2.96436 ?       ? 19.97189 1.75589  ?         ? 0.0 
;2-Gaussian fit: Grosse-Kunstleve RW, Sauter NK, Adams PD: Newsletter of the IUCr Commission on Crystallographic Computing 2004, 3, 22-31.
;
? 
O  ? ? 4.49882  3.47563 ?       ? 15.80542 1.70748  ?         ? 0.0 
;2-Gaussian fit: Grosse-Kunstleve RW, Sauter NK, Adams PD: Newsletter of the IUCr Commission on Crystallographic Computing 2004, 3, 22-31.
;
? 
P  ? ? 9.51135  5.44231 ?       ? 1.42069  35.72801 ?         ? 0.0 
;2-Gaussian fit: Grosse-Kunstleve RW, Sauter NK, Adams PD: Newsletter of the IUCr Commission on Crystallographic Computing 2004, 3, 22-31.
;
? 
SR ? ? 32.18652 5.63919 ?       ? 2.35430  57.90393 ?         ? 0.0 
;2-Gaussian fit: Grosse-Kunstleve RW, Sauter NK, Adams PD: Newsletter of the IUCr Commission on Crystallographic Computing 2004, 3, 22-31.
;
? 
# 
loop_
_atom_site.group_PDB 
_atom_site.id 
_atom_site.type_symbol 
_atom_site.label_atom_id 
_atom_site.label_alt_id 
_atom_site.label_comp_id 
_atom_site.label_asym_id 
_atom_site.label_entity_id 
_atom_site.label_seq_id 
_atom_site.pdbx_PDB_ins_code 
_atom_site.Cartn_x 
_atom_site.Cartn_y 
_atom_site.Cartn_z 
_atom_site.occupancy 
_atom_site.B_iso_or_equiv 
_atom_site.pdbx_formal_charge 
_atom_site.auth_seq_id 
_atom_site.auth_comp_id 
_atom_site.auth_asym_id 
_atom_site.auth_atom_id 
_atom_site.pdbx_PDB_model_num 
ATOM   1   O  "O5'" . DG  A 1 1  ? 5.72105   -5.70189  2.55784   1.000 42.66855  ? 1   DG  A "O5'" 1 
ATOM   2   C  "C5'" . DG  A 1 1  ? 7.07721   -5.74248  2.98414   1.000 45.92900  ? 1   DG  A "C5'" 1 
ATOM   3   C  "C4'" . DG  A 1 1  ? 7.31096   -4.76481  4.12035   1.000 47.85027  ? 1   DG  A "C4'" 1 
ATOM   4   O  "O4'" . DG  A 1 1  ? 7.04266   -3.40905  3.66492   1.000 46.55099  ? 1   DG  A "O4'" 1 
ATOM   5   C  "C3'" . DG  A 1 1  ? 6.41989   -4.97798  5.34414   1.000 48.60700  ? 1   DG  A "C3'" 1 
ATOM   6   O  "O3'" . DG  A 1 1  ? 7.15848   -4.67441  6.52259   1.000 52.97715  ? 1   DG  A "O3'" 1 
ATOM   7   C  "C2'" . DG  A 1 1  ? 5.29912   -3.97169  5.11067   1.000 44.39914  ? 1   DG  A "C2'" 1 
ATOM   8   C  "C1'" . DG  A 1 1  ? 6.09006   -2.81699  4.51765   1.000 43.68300  ? 1   DG  A "C1'" 1 
ATOM   9   N  N9    . DG  A 1 1  ? 5.28472   -1.88231  3.74538   1.000 40.67919  ? 1   DG  A N9    1 
ATOM   10  C  C8    . DG  A 1 1  ? 5.04197   -0.56827  4.05978   1.000 40.65834  ? 1   DG  A C8    1 
ATOM   11  N  N7    . DG  A 1 1  ? 4.29444   0.04263   3.19278   1.000 37.06414  ? 1   DG  A N7    1 
ATOM   12  C  C5    . DG  A 1 1  ? 4.02213   -0.92087  2.23938   1.000 36.82938  ? 1   DG  A C5    1 
ATOM   13  C  C6    . DG  A 1 1  ? 3.25285   -0.82750  1.06714   1.000 35.49152  ? 1   DG  A C6    1 
ATOM   14  O  O6    . DG  A 1 1  ? 2.65910   0.15571   0.63477   1.000 32.94501  ? 1   DG  A O6    1 
ATOM   15  N  N1    . DG  A 1 1  ? 3.22055   -2.03945  0.35895   1.000 34.98391  ? 1   DG  A N1    1 
ATOM   16  C  C2    . DG  A 1 1  ? 3.86367   -3.19680  0.75360   1.000 35.90901  ? 1   DG  A C2    1 
ATOM   17  N  N2    . DG  A 1 1  ? 3.71979   -4.27302  -0.05351  1.000 36.55547  ? 1   DG  A N2    1 
ATOM   18  N  N3    . DG  A 1 1  ? 4.59011   -3.29506  1.86613   1.000 39.29348  ? 1   DG  A N3    1 
ATOM   19  C  C4    . DG  A 1 1  ? 4.62578   -2.11880  2.55792   1.000 38.39553  ? 1   DG  A C4    1 
ATOM   20  P  P     . DG  A 1 2  ? 6.58523   -5.05160  7.97704   1.000 52.68474  ? 2   DG  A P     1 
ATOM   21  O  OP1   . DG  A 1 2  ? 7.72741   -4.96811  8.91814   1.000 57.38196  ? 2   DG  A OP1   1 
ATOM   22  O  OP2   . DG  A 1 2  ? 5.82350   -6.31584  7.88303   1.000 53.48291  ? 2   DG  A OP2   1 
ATOM   23  O  "O5'" . DG  A 1 2  ? 5.59532   -3.83810  8.30883   1.000 47.97179  ? 2   DG  A "O5'" 1 
ATOM   24  C  "C5'" . DG  A 1 2  ? 6.12009   -2.51742  8.35403   1.000 48.85591  ? 2   DG  A "C5'" 1 
ATOM   25  C  "C4'" . DG  A 1 2  ? 5.03852   -1.49247  8.63691   1.000 46.33759  ? 2   DG  A "C4'" 1 
ATOM   26  O  "O4'" . DG  A 1 2  ? 4.35930   -1.12234  7.40742   1.000 43.85269  ? 2   DG  A "O4'" 1 
ATOM   27  C  "C3'" . DG  A 1 2  ? 3.94180   -1.94316  9.59105   1.000 46.48807  ? 2   DG  A "C3'" 1 
ATOM   28  O  "O3'" . DG  A 1 2  ? 3.58514   -0.84880  10.38605  1.000 47.61529  ? 2   DG  A "O3'" 1 
ATOM   29  C  "C2'" . DG  A 1 2  ? 2.80575   -2.31351  8.63946   1.000 43.70892  ? 2   DG  A "C2'" 1 
ATOM   30  C  "C1'" . DG  A 1 2  ? 2.96889   -1.21159  7.61697   1.000 41.54037  ? 2   DG  A "C1'" 1 
ATOM   31  N  N9    . DG  A 1 2  ? 2.30220   -1.45129  6.33785   1.000 38.19991  ? 2   DG  A N9    1 
ATOM   32  C  C8    . DG  A 1 2  ? 2.23564   -2.63194  5.63692   1.000 38.50928  ? 2   DG  A C8    1 
ATOM   33  N  N7    . DG  A 1 2  ? 1.57145   -2.53741  4.52122   1.000 36.93422  ? 2   DG  A N7    1 
ATOM   34  C  C5    . DG  A 1 2  ? 1.16831   -1.20841  4.48240   1.000 36.03869  ? 2   DG  A C5    1 
ATOM   35  C  C6    . DG  A 1 2  ? 0.40693   -0.52239  3.50626   1.000 32.97086  ? 2   DG  A C6    1 
ATOM   36  O  O6    . DG  A 1 2  ? -0.06369  -0.97487  2.45515   1.000 33.77111  ? 2   DG  A O6    1 
ATOM   37  N  N1    . DG  A 1 2  ? 0.21857   0.82743   3.84554   1.000 35.98842  ? 2   DG  A N1    1 
ATOM   38  C  C2    . DG  A 1 2  ? 0.71070   1.42453   4.99976   1.000 36.07628  ? 2   DG  A C2    1 
ATOM   39  N  N2    . DG  A 1 2  ? 0.43509   2.73504   5.17703   1.000 37.58911  ? 2   DG  A N2    1 
ATOM   40  N  N3    . DG  A 1 2  ? 1.42445   0.78372   5.91793   1.000 37.04784  ? 2   DG  A N3    1 
ATOM   41  C  C4    . DG  A 1 2  ? 1.61190   -0.52740  5.59190   1.000 38.28194  ? 2   DG  A C4    1 
ATOM   42  P  P     . DG  A 1 3  ? 2.96409   -1.08276  11.83823  1.000 51.10860  ? 3   DG  A P     1 
ATOM   43  O  OP1   . DG  A 1 3  ? 4.00210   -0.67301  12.81628  1.000 53.20403  ? 3   DG  A OP1   1 
ATOM   44  O  OP2   . DG  A 1 3  ? 2.40924   -2.45510  11.83700  1.000 51.39413  ? 3   DG  A OP2   1 
ATOM   45  O  "O5'" . DG  A 1 3  ? 1.73168   -0.05012  11.90033  1.000 50.37127  ? 3   DG  A "O5'" 1 
ATOM   46  C  "C5'" . DG  A 1 3  ? 1.97069   1.35287   11.88130  1.000 47.54698  ? 3   DG  A "C5'" 1 
ATOM   47  C  "C4'" . DG  A 1 3  ? 0.76356   2.11048   11.34287  1.000 47.68035  ? 3   DG  A "C4'" 1 
ATOM   48  O  "O4'" . DG  A 1 3  ? 0.52962   1.75998   9.95270   1.000 43.31796  ? 3   DG  A "O4'" 1 
ATOM   49  C  "C3'" . DG  A 1 3  ? -0.56378  1.86197   12.07833  1.000 47.23139  ? 3   DG  A "C3'" 1 
ATOM   50  O  "O3'" . DG  A 1 3  ? -1.10260  3.09165   12.52116  1.000 49.75104  ? 3   DG  A "O3'" 1 
ATOM   51  C  "C2'" . DG  A 1 3  ? -1.45586  1.21853   11.01114  1.000 44.33493  ? 3   DG  A "C2'" 1 
ATOM   52  C  "C1'" . DG  A 1 3  ? -0.85578  1.75840   9.72275   1.000 42.79465  ? 3   DG  A "C1'" 1 
ATOM   53  N  N9    . DG  A 1 3  ? -1.16532  0.92153   8.55122   1.000 40.37207  ? 3   DG  A N9    1 
ATOM   54  C  C8    . DG  A 1 3  ? -0.80505  -0.38668  8.35794   1.000 40.22360  ? 3   DG  A C8    1 
ATOM   55  N  N7    . DG  A 1 3  ? -1.23820  -0.89527  7.23373   1.000 35.88820  ? 3   DG  A N7    1 
ATOM   56  C  C5    . DG  A 1 3  ? -1.95152  0.13377   6.64383   1.000 34.12236  ? 3   DG  A C5    1 
ATOM   57  C  C6    . DG  A 1 3  ? -2.64515  0.16642   5.41168   1.000 36.32314  ? 3   DG  A C6    1 
ATOM   58  O  O6    . DG  A 1 3  ? -2.77423  -0.76856  4.56819   1.000 30.59361  ? 3   DG  A O6    1 
ATOM   59  N  N1    . DG  A 1 3  ? -3.23309  1.41106   5.18308   1.000 32.67803  ? 3   DG  A N1    1 
ATOM   60  C  C2    . DG  A 1 3  ? -3.15174  2.49403   6.05668   1.000 34.91362  ? 3   DG  A C2    1 
ATOM   61  N  N2    . DG  A 1 3  ? -3.78551  3.62036   5.68048   1.000 35.47851  ? 3   DG  A N2    1 
ATOM   62  N  N3    . DG  A 1 3  ? -2.49430  2.47009   7.21213   1.000 35.10176  ? 3   DG  A N3    1 
ATOM   63  C  C4    . DG  A 1 3  ? -1.91897  1.26856   7.44308   1.000 38.30992  ? 3   DG  A C4    1 
ATOM   64  P  P     . DG  A 1 4  ? -2.38304  3.13684   13.50117  1.000 55.61674  ? 4   DG  A P     1 
ATOM   65  O  OP1   . DG  A 1 4  ? -2.08745  4.12583   14.54931  1.000 56.46506  ? 4   DG  A OP1   1 
ATOM   66  O  OP2   . DG  A 1 4  ? -2.77560  1.75178   13.85993  1.000 54.85833  ? 4   DG  A OP2   1 
ATOM   67  O  "O5'" . DG  A 1 4  ? -3.53776  3.70953   12.55948  1.000 50.17444  ? 4   DG  A "O5'" 1 
ATOM   68  C  "C5'" . DG  A 1 4  ? -3.51846  5.07599   12.16293  1.000 51.23148  ? 4   DG  A "C5'" 1 
ATOM   69  C  "C4'" . DG  A 1 4  ? -4.72365  5.39101   11.30166  1.000 46.84929  ? 4   DG  A "C4'" 1 
ATOM   70  O  "O4'" . DG  A 1 4  ? -4.69240  4.55380   10.10905  1.000 44.96380  ? 4   DG  A "O4'" 1 
ATOM   71  C  "C3'" . DG  A 1 4  ? -6.07018  5.10931   11.96801  1.000 46.49188  ? 4   DG  A "C3'" 1 
ATOM   72  O  "O3'" . DG  A 1 4  ? -7.03461  6.05371   11.52568  1.000 46.06560  ? 4   DG  A "O3'" 1 
ATOM   73  C  "C2'" . DG  A 1 4  ? -6.39683  3.70691   11.43702  1.000 42.56388  ? 4   DG  A "C2'" 1 
ATOM   74  C  "C1'" . DG  A 1 4  ? -5.91198  3.85969   10.00927  1.000 40.93763  ? 4   DG  A "C1'" 1 
ATOM   75  N  N9    . DG  A 1 4  ? -5.66050  2.61415   9.29621   1.000 37.96088  ? 4   DG  A N9    1 
ATOM   76  C  C8    . DG  A 1 4  ? -4.83262  1.59351   9.67747   1.000 39.88789  ? 4   DG  A C8    1 
ATOM   77  N  N7    . DG  A 1 4  ? -4.78171  0.61655   8.80873   1.000 35.63815  ? 4   DG  A N7    1 
ATOM   78  C  C5    . DG  A 1 4  ? -5.62264  1.03244   7.78941   1.000 36.11548  ? 4   DG  A C5    1 
ATOM   79  C  C6    . DG  A 1 4  ? -5.97286  0.39498   6.59142   1.000 38.11198  ? 4   DG  A C6    1 
ATOM   80  O  O6    . DG  A 1 4  ? -5.57888  -0.69067  6.18316   1.000 36.99006  ? 4   DG  A O6    1 
ATOM   81  N  N1    . DG  A 1 4  ? -6.85836  1.15853   5.83072   1.000 35.28204  ? 4   DG  A N1    1 
ATOM   82  C  C2    . DG  A 1 4  ? -7.34247  2.39863   6.20946   1.000 36.63285  ? 4   DG  A C2    1 
ATOM   83  N  N2    . DG  A 1 4  ? -8.19122  3.00288   5.36294   1.000 37.38819  ? 4   DG  A N2    1 
ATOM   84  N  N3    . DG  A 1 4  ? -7.02689  2.99444   7.34514   1.000 40.15017  ? 4   DG  A N3    1 
ATOM   85  C  C4    . DG  A 1 4  ? -6.16450  2.26595   8.07783   1.000 37.09110  ? 4   DG  A C4    1 
ATOM   86  P  P     . DT  A 1 5  ? -7.05726  7.55192   12.09972  1.000 50.73514  ? 5   DT  A P     1 
ATOM   87  O  OP1   . DT  A 1 5  ? -6.60914  7.55939   13.50645  1.000 48.85060  ? 5   DT  A OP1   1 
ATOM   88  O  OP2   . DT  A 1 5  ? -8.41810  8.01882   11.76321  1.000 52.96044  ? 5   DT  A OP2   1 
ATOM   89  O  "O5'" . DT  A 1 5  ? -5.99620  8.33735   11.20819  1.000 47.87883  ? 5   DT  A "O5'" 1 
ATOM   90  C  "C5'" . DT  A 1 5  ? -6.19100  8.44988   9.81426   1.000 50.32730  ? 5   DT  A "C5'" 1 
ATOM   91  C  "C4'" . DT  A 1 5  ? -5.17310  9.39203   9.20331   1.000 51.83868  ? 5   DT  A "C4'" 1 
ATOM   92  O  "O4'" . DT  A 1 5  ? -5.45597  10.74897  9.62550   1.000 49.36685  ? 5   DT  A "O4'" 1 
ATOM   93  C  "C3'" . DT  A 1 5  ? -3.72330  9.12395   9.58661   1.000 51.31566  ? 5   DT  A "C3'" 1 
ATOM   94  O  "O3'" . DT  A 1 5  ? -2.89072  9.40799   8.48432   1.000 54.32399  ? 5   DT  A "O3'" 1 
ATOM   95  C  "C2'" . DT  A 1 5  ? -3.47512  10.10176  10.73335  1.000 52.89824  ? 5   DT  A "C2'" 1 
ATOM   96  C  "C1'" . DT  A 1 5  ? -4.35343  11.28873  10.34934  1.000 55.02001  ? 5   DT  A "C1'" 1 
ATOM   97  N  N1    . DT  A 1 5  ? -4.86845  12.04907  11.54257  1.000 53.37488  ? 5   DT  A N1    1 
ATOM   98  C  C2    . DT  A 1 5  ? -4.24180  13.22883  11.95244  1.000 56.45904  ? 5   DT  A C2    1 
ATOM   99  O  O2    . DT  A 1 5  ? -3.29005  13.73042  11.38331  1.000 57.54851  ? 5   DT  A O2    1 
ATOM   100 N  N3    . DT  A 1 5  ? -4.79093  13.81552  13.05208  1.000 60.48315  ? 5   DT  A N3    1 
ATOM   101 C  C4    . DT  A 1 5  ? -5.86243  13.37481  13.79155  1.000 61.35381  ? 5   DT  A C4    1 
ATOM   102 O  O4    . DT  A 1 5  ? -6.27050  13.97802  14.77161  1.000 65.41845  ? 5   DT  A O4    1 
ATOM   103 C  C5    . DT  A 1 5  ? -6.46347  12.14611  13.34137  1.000 57.52732  ? 5   DT  A C5    1 
ATOM   104 C  C7    . DT  A 1 5  ? -7.63998  11.58854  14.08356  1.000 58.43057  ? 5   DT  A C7    1 
ATOM   105 C  C6    . DT  A 1 5  ? -5.94905  11.54638  12.25123  1.000 56.36738  ? 5   DT  A C6    1 
ATOM   106 P  P     . DG  A 1 6  ? -1.73047  8.38862   8.04020   1.000 52.17405  ? 6   DG  A P     1 
ATOM   107 O  OP1   . DG  A 1 6  ? -2.10506  7.00005   8.41770   1.000 48.86607  ? 6   DG  A OP1   1 
ATOM   108 O  OP2   . DG  A 1 6  ? -0.45267  9.01000   8.46870   1.000 51.32323  ? 6   DG  A OP2   1 
ATOM   109 O  "O5'" . DG  A 1 6  ? -1.79008  8.45087   6.46874   1.000 51.68446  ? 6   DG  A "O5'" 1 
ATOM   110 C  "C5'" . DG  A 1 6  ? -2.34122  9.58238   5.87478   1.000 51.03680  ? 6   DG  A "C5'" 1 
ATOM   111 C  "C4'" . DG  A 1 6  ? -3.03866  9.17106   4.62503   1.000 47.20095  ? 6   DG  A "C4'" 1 
ATOM   112 O  "O4'" . DG  A 1 6  ? -2.07927  8.48287   3.79501   1.000 47.19087  ? 6   DG  A "O4'" 1 
ATOM   113 C  "C3'" . DG  A 1 6  ? -4.10076  8.11475   4.81662   1.000 50.74126  ? 6   DG  A "C3'" 1 
ATOM   114 O  "O3'" . DG  A 1 6  ? -5.31424  8.66080   5.34319   1.000 50.25948  ? 6   DG  A "O3'" 1 
ATOM   115 C  "C2'" . DG  A 1 6  ? -4.23711  7.60170   3.40305   1.000 43.20729  ? 6   DG  A "C2'" 1 
ATOM   116 C  "C1'" . DG  A 1 6  ? -2.78372  7.59404   2.95189   1.000 43.67433  ? 6   DG  A "C1'" 1 
ATOM   117 N  N9    . DG  A 1 6  ? -2.20859  6.25840   2.99947   1.000 37.43447  ? 6   DG  A N9    1 
ATOM   118 C  C8    . DG  A 1 6  ? -1.35217  5.70295   3.93087   1.000 38.39841  ? 6   DG  A C8    1 
ATOM   119 N  N7    . DG  A 1 6  ? -1.04743  4.43553   3.65103   1.000 40.05737  ? 6   DG  A N7    1 
ATOM   120 C  C5    . DG  A 1 6  ? -1.76218  4.16882   2.49304   1.000 34.89940  ? 6   DG  A C5    1 
ATOM   121 C  C6    . DG  A 1 6  ? -1.84561  2.97855   1.71332   1.000 33.59996  ? 6   DG  A C6    1 
ATOM   122 O  O6    . DG  A 1 6  ? -1.27728  1.87282   1.90892   1.000 33.47696  ? 6   DG  A O6    1 
ATOM   123 N  N1    . DG  A 1 6  ? -2.69397  3.14882   0.62180   1.000 33.70762  ? 6   DG  A N1    1 
ATOM   124 C  C2    . DG  A 1 6  ? -3.36351  4.30372   0.30261   1.000 37.73253  ? 6   DG  A C2    1 
ATOM   125 N  N2    . DG  A 1 6  ? -4.13482  4.28205   -0.79816  1.000 38.50416  ? 6   DG  A N2    1 
ATOM   126 N  N3    . DG  A 1 6  ? -3.29554  5.41032   1.01846   1.000 36.42635  ? 6   DG  A N3    1 
ATOM   127 C  C4    . DG  A 1 6  ? -2.47806  5.26738   2.09058   1.000 35.68523  ? 6   DG  A C4    1 
ATOM   128 P  P     . DG  A 1 7  ? -6.34455  9.54233   4.47352   1.000 52.22496  ? 7   DG  A P     1 
ATOM   129 O  OP1   . DG  A 1 7  ? -5.65307  10.69881  3.88510   1.000 55.84518  ? 7   DG  A OP1   1 
ATOM   130 O  OP2   . DG  A 1 7  ? -7.50316  9.69291   5.36647   1.000 52.42019  ? 7   DG  A OP2   1 
ATOM   131 O  "O5'" . DG  A 1 7  ? -6.86352  8.58611   3.30297   1.000 50.02339  ? 7   DG  A "O5'" 1 
ATOM   132 C  "C5'" . DG  A 1 7  ? -7.11057  9.12506   2.01677   1.000 47.45887  ? 7   DG  A "C5'" 1 
ATOM   133 C  "C4'" . DG  A 1 7  ? -7.83599  8.12367   1.14224   1.000 46.70110  ? 7   DG  A "C4'" 1 
ATOM   134 O  "O4'" . DG  A 1 7  ? -7.05459  6.89694   1.02844   1.000 43.84635  ? 7   DG  A "O4'" 1 
ATOM   135 C  "C3'" . DG  A 1 7  ? -9.22134  7.71060   1.64060   1.000 46.03304  ? 7   DG  A "C3'" 1 
ATOM   136 O  "O3'" . DG  A 1 7  ? -10.11452 7.68288   0.52937   1.000 47.86877  ? 7   DG  A "O3'" 1 
ATOM   137 C  "C2'" . DG  A 1 7  ? -8.97312  6.32506   2.24796   1.000 42.67570  ? 7   DG  A "C2'" 1 
ATOM   138 C  "C1'" . DG  A 1 7  ? -7.86433  5.79359   1.33885   1.000 42.78573  ? 7   DG  A "C1'" 1 
ATOM   139 N  N9    . DG  A 1 7  ? -7.00746  4.78057   1.93786   1.000 39.57623  ? 7   DG  A N9    1 
ATOM   140 C  C8    . DG  A 1 7  ? -6.23146  4.90770   3.06090   1.000 40.06129  ? 7   DG  A C8    1 
ATOM   141 N  N7    . DG  A 1 7  ? -5.54467  3.83440   3.33892   1.000 37.03880  ? 7   DG  A N7    1 
ATOM   142 C  C5    . DG  A 1 7  ? -5.86991  2.94672   2.31836   1.000 34.66018  ? 7   DG  A C5    1 
ATOM   143 C  C6    . DG  A 1 7  ? -5.42921  1.62591   2.09301   1.000 35.00027  ? 7   DG  A C6    1 
ATOM   144 O  O6    . DG  A 1 7  ? -4.63477  0.96880   2.76739   1.000 32.68794  ? 7   DG  A O6    1 
ATOM   145 N  N1    . DG  A 1 7  ? -6.00392  1.08239   0.94878   1.000 35.34584  ? 7   DG  A N1    1 
ATOM   146 C  C2    . DG  A 1 7  ? -6.89357  1.73983   0.12780   1.000 35.37024  ? 7   DG  A C2    1 
ATOM   147 N  N2    . DG  A 1 7  ? -7.34406  1.05723   -0.94155  1.000 37.53752  ? 7   DG  A N2    1 
ATOM   148 N  N3    . DG  A 1 7  ? -7.31024  2.98259   0.33453   1.000 37.97904  ? 7   DG  A N3    1 
ATOM   149 C  C4    . DG  A 1 7  ? -6.75988  3.51627   1.44420   1.000 36.46425  ? 7   DG  A C4    1 
ATOM   150 P  P     . DG  A 1 8  ? -11.61278 7.11389   0.65055   1.000 52.31001  ? 8   DG  A P     1 
ATOM   151 O  OP1   . DG  A 1 8  ? -12.39698 7.85992   -0.35152  1.000 54.75400  ? 8   DG  A OP1   1 
ATOM   152 O  OP2   . DG  A 1 8  ? -12.06400 7.07938   2.06221   1.000 52.85662  ? 8   DG  A OP2   1 
ATOM   153 O  "O5'" . DG  A 1 8  ? -11.47564 5.61900   0.11509   1.000 51.22780  ? 8   DG  A "O5'" 1 
ATOM   154 C  "C5'" . DG  A 1 8  ? -11.60450 5.36486   -1.27045  1.000 53.60191  ? 8   DG  A "C5'" 1 
ATOM   155 C  "C4'" . DG  A 1 8  ? -11.89012 3.90396   -1.51110  1.000 54.49632  ? 8   DG  A "C4'" 1 
ATOM   156 O  "O4'" . DG  A 1 8  ? -10.87616 3.12196   -0.84388  1.000 50.79311  ? 8   DG  A "O4'" 1 
ATOM   157 C  "C3'" . DG  A 1 8  ? -13.22885 3.40324   -0.95204  1.000 56.17479  ? 8   DG  A "C3'" 1 
ATOM   158 O  "O3'" . DG  A 1 8  ? -13.76467 2.40007   -1.81922  1.000 64.34336  ? 8   DG  A "O3'" 1 
ATOM   159 C  "C2'" . DG  A 1 8  ? -12.81440 2.80536   0.39173   1.000 50.77318  ? 8   DG  A "C2'" 1 
ATOM   160 C  "C1'" . DG  A 1 8  ? -11.51191 2.16680   -0.02852  1.000 47.25799  ? 8   DG  A "C1'" 1 
ATOM   161 N  N9    . DG  A 1 8  ? -10.60275 1.80278   1.04633   1.000 42.16782  ? 8   DG  A N9    1 
ATOM   162 C  C8    . DG  A 1 8  ? -10.12031 2.59749   2.05986   1.000 37.93493  ? 8   DG  A C8    1 
ATOM   163 N  N7    . DG  A 1 8  ? -9.28472  1.97749   2.85178   1.000 36.19349  ? 8   DG  A N7    1 
ATOM   164 C  C5    . DG  A 1 8  ? -9.18954  0.69511   2.29701   1.000 36.34398  ? 8   DG  A C5    1 
ATOM   165 C  C6    . DG  A 1 8  ? -8.43274  -0.42727  2.70529   1.000 36.49958  ? 8   DG  A C6    1 
ATOM   166 O  O6    . DG  A 1 8  ? -7.66799  -0.52248  3.66115   1.000 34.91176  ? 8   DG  A O6    1 
ATOM   167 N  N1    . DG  A 1 8  ? -8.63658  -1.52121  1.86926   1.000 35.59648  ? 8   DG  A N1    1 
ATOM   168 C  C2    . DG  A 1 8  ? -9.46667  -1.52852  0.77401   1.000 38.76751  ? 8   DG  A C2    1 
ATOM   169 N  N2    . DG  A 1 8  ? -9.54252  -2.68072  0.08492   1.000 38.53260  ? 8   DG  A N2    1 
ATOM   170 N  N3    . DG  A 1 8  ? -10.18128 -0.48750  0.38473   1.000 38.75769  ? 8   DG  A N3    1 
ATOM   171 C  C4    . DG  A 1 8  ? -9.98834  0.58523   1.18857   1.000 38.25168  ? 8   DG  A C4    1 
ATOM   172 P  P     . DC  A 1 9  ? -14.78666 2.78859   -2.99932  1.000 77.08711  ? 9   DC  A P     1 
ATOM   173 O  OP1   . DC  A 1 9  ? -14.45375 4.14530   -3.48040  1.000 76.07000  ? 9   DC  A OP1   1 
ATOM   174 O  OP2   . DC  A 1 9  ? -16.15022 2.50681   -2.50630  1.000 75.40974  ? 9   DC  A OP2   1 
ATOM   175 O  "O5'" . DC  A 1 9  ? -14.46569 1.72821   -4.15408  1.000 76.12904  ? 9   DC  A "O5'" 1 
ATOM   176 C  "C5'" . DC  A 1 9  ? -13.14293 1.24367   -4.32336  1.000 73.98346  ? 9   DC  A "C5'" 1 
ATOM   177 C  "C4'" . DC  A 1 9  ? -12.93232 0.71906   -5.72981  1.000 78.03589  ? 9   DC  A "C4'" 1 
ATOM   178 O  "O4'" . DC  A 1 9  ? -13.36232 1.71912   -6.68309  1.000 87.01588  ? 9   DC  A "O4'" 1 
ATOM   179 C  "C3'" . DC  A 1 9  ? -11.48522 0.43661   -6.09434  1.000 77.28440  ? 9   DC  A "C3'" 1 
ATOM   180 O  "O3'" . DC  A 1 9  ? -11.43257 -0.47519  -7.17162  1.000 77.48471  ? 9   DC  A "O3'" 1 
ATOM   181 C  "C2'" . DC  A 1 9  ? -10.99718 1.81418   -6.52461  1.000 78.06685  ? 9   DC  A "C2'" 1 
ATOM   182 C  "C1'" . DC  A 1 9  ? -12.22994 2.37056   -7.24183  1.000 87.86474  ? 9   DC  A "C1'" 1 
ATOM   183 N  N1    . DC  A 1 9  ? -12.40298 3.84708   -7.06850  1.000 94.54546  ? 9   DC  A N1    1 
ATOM   184 C  C2    . DC  A 1 9  ? -12.62051 4.66113   -8.18928  1.000 99.50257  ? 9   DC  A C2    1 
ATOM   185 O  O2    . DC  A 1 9  ? -12.66734 4.14432   -9.31384  1.000 99.06621  ? 9   DC  A O2    1 
ATOM   186 N  N3    . DC  A 1 9  ? -12.77639 5.99795   -8.00773  1.000 103.15021 ? 9   DC  A N3    1 
ATOM   187 C  C4    . DC  A 1 9  ? -12.72014 6.51902   -6.77772  1.000 104.42208 ? 9   DC  A C4    1 
ATOM   188 N  N4    . DC  A 1 9  ? -12.87868 7.84200   -6.64989  1.000 107.43033 ? 9   DC  A N4    1 
ATOM   189 C  C5    . DC  A 1 9  ? -12.49830 5.70617   -5.62526  1.000 95.19516  ? 9   DC  A C5    1 
ATOM   190 C  C6    . DC  A 1 9  ? -12.34652 4.39067   -5.81494  1.000 90.81959  ? 9   DC  A C6    1 
ATOM   191 P  P     . DG  A 1 10 ? -11.40232 -2.05596  -6.89563  1.000 67.75253  ? 10  DG  A P     1 
ATOM   192 O  OP1   . DG  A 1 10 ? -10.72259 -2.66758  -8.06159  1.000 64.76738  ? 10  DG  A OP1   1 
ATOM   193 O  OP2   . DG  A 1 10 ? -12.76755 -2.48403  -6.50636  1.000 65.47008  ? 10  DG  A OP2   1 
ATOM   194 O  "O5'" . DG  A 1 10 ? -10.44200 -2.21182  -5.63068  1.000 56.53847  ? 10  DG  A "O5'" 1 
ATOM   195 C  "C5'" . DG  A 1 10 ? -10.70350 -3.21959  -4.67709  1.000 52.40721  ? 10  DG  A "C5'" 1 
ATOM   196 C  "C4'" . DG  A 1 10 ? -9.66490  -4.32046  -4.75756  1.000 46.93820  ? 10  DG  A "C4'" 1 
ATOM   197 O  "O4'" . DG  A 1 10 ? -8.34808  -3.73385  -4.69791  1.000 42.71601  ? 10  DG  A "O4'" 1 
ATOM   198 C  "C3'" . DG  A 1 10 ? -9.74668  -5.33288  -3.62921  1.000 44.42848  ? 10  DG  A "C3'" 1 
ATOM   199 O  "O3'" . DG  A 1 10 ? -10.45729 -6.47772  -4.08148  1.000 45.98767  ? 10  DG  A "O3'" 1 
ATOM   200 C  "C2'" . DG  A 1 10 ? -8.29040  -5.66962  -3.31255  1.000 41.55599  ? 10  DG  A "C2'" 1 
ATOM   201 C  "C1'" . DG  A 1 10 ? -7.52242  -4.44149  -3.80235  1.000 41.62972  ? 10  DG  A "C1'" 1 
ATOM   202 N  N9    . DG  A 1 10 ? -7.08667  -3.52583  -2.74237  1.000 38.28170  ? 10  DG  A N9    1 
ATOM   203 C  C8    . DG  A 1 10 ? -7.39555  -2.19564  -2.61983  1.000 38.64947  ? 10  DG  A C8    1 
ATOM   204 N  N7    . DG  A 1 10 ? -6.84077  -1.62472  -1.57885  1.000 36.71942  ? 10  DG  A N7    1 
ATOM   205 C  C5    . DG  A 1 10 ? -6.12397  -2.64447  -0.98121  1.000 35.95149  ? 10  DG  A C5    1 
ATOM   206 C  C6    . DG  A 1 10 ? -5.31600  -2.63004  0.17308   1.000 37.75950  ? 10  DG  A C6    1 
ATOM   207 O  O6    . DG  A 1 10 ? -5.08605  -1.68009  0.92092   1.000 35.23097  ? 10  DG  A O6    1 
ATOM   208 N  N1    . DG  A 1 10 ? -4.76464  -3.87575  0.43920   1.000 34.35691  ? 10  DG  A N1    1 
ATOM   209 C  C2    . DG  A 1 10 ? -4.96486  -4.99854  -0.33940  1.000 36.40259  ? 10  DG  A C2    1 
ATOM   210 N  N2    . DG  A 1 10 ? -4.35313  -6.11924  0.06129   1.000 34.17267  ? 10  DG  A N2    1 
ATOM   211 N  N3    . DG  A 1 10 ? -5.71300  -5.01984  -1.42773  1.000 34.64046  ? 10  DG  A N3    1 
ATOM   212 C  C4    . DG  A 1 10 ? -6.25545  -3.81806  -1.69398  1.000 37.45195  ? 10  DG  A C4    1 
ATOM   213 P  P     . DG  A 1 11 ? -11.40215 -7.28198  -3.06735  1.000 45.90030  ? 11  DG  A P     1 
ATOM   214 O  OP1   . DG  A 1 11 ? -12.22818 -8.22232  -3.84783  1.000 48.51378  ? 11  DG  A OP1   1 
ATOM   215 O  OP2   . DG  A 1 11 ? -12.02606 -6.27888  -2.16194  1.000 47.85801  ? 11  DG  A OP2   1 
ATOM   216 O  "O5'" . DG  A 1 11 ? -10.36567 -8.09746  -2.17849  1.000 44.02061  ? 11  DG  A "O5'" 1 
ATOM   217 C  "C5'" . DG  A 1 11 ? -9.62210  -9.16204  -2.75010  1.000 45.21803  ? 11  DG  A "C5'" 1 
ATOM   218 C  "C4'" . DG  A 1 11 ? -8.88117  -9.92563  -1.66940  1.000 43.85768  ? 11  DG  A "C4'" 1 
ATOM   219 O  "O4'" . DG  A 1 11 ? -8.03615  -9.01005  -0.93074  1.000 43.27683  ? 11  DG  A "O4'" 1 
ATOM   220 C  "C3'" . DG  A 1 11 ? -9.76376  -10.58039 -0.61601  1.000 44.48587  ? 11  DG  A "C3'" 1 
ATOM   221 O  "O3'" . DG  A 1 11 ? -9.07473  -11.69379 -0.04330  1.000 44.79545  ? 11  DG  A "O3'" 1 
ATOM   222 C  "C2'" . DG  A 1 11 ? -9.90707  -9.44548  0.40704   1.000 42.50079  ? 11  DG  A "C2'" 1 
ATOM   223 C  "C1'" . DG  A 1 11 ? -8.49055  -8.90603  0.40536   1.000 42.48001  ? 11  DG  A "C1'" 1 
ATOM   224 N  N9    . DG  A 1 11 ? -8.35725  -7.50347  0.80712   1.000 38.51065  ? 11  DG  A N9    1 
ATOM   225 C  C8    . DG  A 1 11 ? -8.99771  -6.41399  0.26335   1.000 41.55508  ? 11  DG  A C8    1 
ATOM   226 N  N7    . DG  A 1 11 ? -8.63748  -5.27467  0.80954   1.000 37.58345  ? 11  DG  A N7    1 
ATOM   227 C  C5    . DG  A 1 11 ? -7.68758  -5.64232  1.76434   1.000 38.32519  ? 11  DG  A C5    1 
ATOM   228 C  C6    . DG  A 1 11 ? -6.93421  -4.85030  2.67402   1.000 38.98346  ? 11  DG  A C6    1 
ATOM   229 O  O6    . DG  A 1 11 ? -6.96131  -3.62053  2.83226   1.000 36.45486  ? 11  DG  A O6    1 
ATOM   230 N  N1    . DG  A 1 11 ? -6.08605  -5.63047  3.46028   1.000 36.66690  ? 11  DG  A N1    1 
ATOM   231 C  C2    . DG  A 1 11 ? -5.97303  -7.00201  3.37334   1.000 38.42928  ? 11  DG  A C2    1 
ATOM   232 N  N2    . DG  A 1 11 ? -5.11386  -7.58057  4.21813   1.000 34.77907  ? 11  DG  A N2    1 
ATOM   233 N  N3    . DG  A 1 11 ? -6.67392  -7.74860  2.53832   1.000 39.76546  ? 11  DG  A N3    1 
ATOM   234 C  C4    . DG  A 1 11 ? -7.50096  -7.00944  1.76042   1.000 40.22390  ? 11  DG  A C4    1 
ATOM   235 P  P     . DT  A 1 12 ? -8.89406  -13.07662 -0.85055  1.000 44.60236  ? 12  DT  A P     1 
ATOM   236 O  OP1   . DT  A 1 12 ? -10.03424 -13.24350 -1.76990  1.000 44.82534  ? 12  DT  A OP1   1 
ATOM   237 O  OP2   . DT  A 1 12 ? -8.60260  -14.10592 0.16996   1.000 50.75815  ? 12  DT  A OP2   1 
ATOM   238 O  "O5'" . DT  A 1 12 ? -7.56658  -12.85870 -1.69547  1.000 45.26045  ? 12  DT  A "O5'" 1 
ATOM   239 C  "C5'" . DT  A 1 12 ? -6.37528  -12.48756 -1.03726  1.000 48.88497  ? 12  DT  A "C5'" 1 
ATOM   240 C  "C4'" . DT  A 1 12 ? -5.18712  -12.61258 -1.96584  1.000 49.25421  ? 12  DT  A "C4'" 1 
ATOM   241 O  "O4'" . DT  A 1 12 ? -5.01546  -13.99769 -2.35982  1.000 48.52538  ? 12  DT  A "O4'" 1 
ATOM   242 C  "C3'" . DT  A 1 12 ? -5.29807  -11.82085 -3.25688  1.000 47.56309  ? 12  DT  A "C3'" 1 
ATOM   243 O  "O3'" . DT  A 1 12 ? -4.02531  -11.33933 -3.60393  1.000 49.93870  ? 12  DT  A "O3'" 1 
ATOM   244 C  "C2'" . DT  A 1 12 ? -5.79729  -12.85360 -4.25684  1.000 49.96085  ? 12  DT  A "C2'" 1 
ATOM   245 C  "C1'" . DT  A 1 12 ? -5.09578  -14.10872 -3.76442  1.000 51.34966  ? 12  DT  A "C1'" 1 
ATOM   246 N  N1    . DT  A 1 12 ? -5.82292  -15.34965 -4.08808  1.000 48.60937  ? 12  DT  A N1    1 
ATOM   247 C  C2    . DT  A 1 12 ? -5.42726  -16.09134 -5.17434  1.000 54.32284  ? 12  DT  A C2    1 
ATOM   248 O  O2    . DT  A 1 12 ? -4.48522  -15.78276 -5.88188  1.000 58.80075  ? 12  DT  A O2    1 
ATOM   249 N  N3    . DT  A 1 12 ? -6.15708  -17.21825 -5.38936  1.000 51.58276  ? 12  DT  A N3    1 
ATOM   250 C  C4    . DT  A 1 12 ? -7.23997  -17.66271 -4.65685  1.000 49.42207  ? 12  DT  A C4    1 
ATOM   251 O  O4    . DT  A 1 12 ? -7.83566  -18.68909 -4.92790  1.000 56.74031  ? 12  DT  A O4    1 
ATOM   252 C  C5    . DT  A 1 12 ? -7.60854  -16.82951 -3.53488  1.000 50.33875  ? 12  DT  A C5    1 
ATOM   253 C  C7    . DT  A 1 12 ? -8.75870  -17.21396 -2.66444  1.000 50.87470  ? 12  DT  A C7    1 
ATOM   254 C  C6    . DT  A 1 12 ? -6.89305  -15.72800 -3.31242  1.000 48.88563  ? 12  DT  A C6    1 
ATOM   255 P  P     . DG  A 1 13 ? -3.85433  -9.88631  -4.25763  1.000 48.53135  ? 13  DG  A P     1 
ATOM   256 O  OP1   . DG  A 1 13 ? -4.93817  -9.00775  -3.76486  1.000 46.58741  ? 13  DG  A OP1   1 
ATOM   257 O  OP2   . DG  A 1 13 ? -3.68240  -10.11994 -5.71307  1.000 50.27600  ? 13  DG  A OP2   1 
ATOM   258 O  "O5'" . DG  A 1 13 ? -2.50063  -9.38025  -3.63680  1.000 45.21981  ? 13  DG  A "O5'" 1 
ATOM   259 C  "C5'" . DG  A 1 13 ? -1.40163  -10.24118 -3.62871  1.000 48.80503  ? 13  DG  A "C5'" 1 
ATOM   260 C  "C4'" . DG  A 1 13 ? -0.53838  -9.92113  -2.44588  1.000 42.17793  ? 13  DG  A "C4'" 1 
ATOM   261 O  "O4'" . DG  A 1 13 ? -0.26301  -8.49986  -2.45467  1.000 44.44348  ? 13  DG  A "O4'" 1 
ATOM   262 C  "C3'" . DG  A 1 13 ? -1.18487  -10.23980 -1.09818  1.000 41.06789  ? 13  DG  A "C3'" 1 
ATOM   263 O  "O3'" . DG  A 1 13 ? -0.36371  -11.12947 -0.36581  1.000 44.64538  ? 13  DG  A "O3'" 1 
ATOM   264 C  "C2'" . DG  A 1 13 ? -1.29506  -8.88261  -0.39736  1.000 38.36216  ? 13  DG  A "C2'" 1 
ATOM   265 C  "C1'" . DG  A 1 13 ? -0.29786  -8.01599  -1.15472  1.000 37.86943  ? 13  DG  A "C1'" 1 
ATOM   266 N  N9    . DG  A 1 13 ? -0.72729  -6.62564  -1.20091  1.000 35.44620  ? 13  DG  A N9    1 
ATOM   267 C  C8    . DG  A 1 13 ? -1.57731  -6.04658  -2.11055  1.000 35.98550  ? 13  DG  A C8    1 
ATOM   268 N  N7    . DG  A 1 13 ? -1.81184  -4.77210  -1.85002  1.000 34.37189  ? 13  DG  A N7    1 
ATOM   269 C  C5    . DG  A 1 13 ? -1.05776  -4.51930  -0.71812  1.000 31.26803  ? 13  DG  A C5    1 
ATOM   270 C  C6    . DG  A 1 13 ? -0.90968  -3.31616  0.02345   1.000 34.04929  ? 13  DG  A C6    1 
ATOM   271 O  O6    . DG  A 1 13 ? -1.42378  -2.23337  -0.20986  1.000 32.18355  ? 13  DG  A O6    1 
ATOM   272 N  N1    . DG  A 1 13 ? -0.06791  -3.47985  1.12285   1.000 34.58940  ? 13  DG  A N1    1 
ATOM   273 C  C2    . DG  A 1 13 ? 0.56026   -4.66511  1.45412   1.000 36.00854  ? 13  DG  A C2    1 
ATOM   274 N  N2    . DG  A 1 13 ? 1.34458   -4.65402  2.54219   1.000 34.65044  ? 13  DG  A N2    1 
ATOM   275 N  N3    . DG  A 1 13 ? 0.41665   -5.80028  0.76940   1.000 36.47486  ? 13  DG  A N3    1 
ATOM   276 C  C4    . DG  A 1 13 ? -0.39978  -5.64634  -0.30006  1.000 35.12556  ? 13  DG  A C4    1 
ATOM   277 P  P     . DG  A 1 14 ? -0.96056  -11.94472 0.88466   1.000 49.67507  ? 14  DG  A P     1 
ATOM   278 O  OP1   . DG  A 1 14 ? -0.23779  -13.23524 0.98308   1.000 50.57313  ? 14  DG  A OP1   1 
ATOM   279 O  OP2   . DG  A 1 14 ? -2.43161  -11.96185 0.77712   1.000 50.61040  ? 14  DG  A OP2   1 
ATOM   280 O  "O5'" . DG  A 1 14 ? -0.57636  -11.04105 2.13147   1.000 46.19936  ? 14  DG  A "O5'" 1 
ATOM   281 C  "C5'" . DG  A 1 14 ? 0.77714   -10.80782 2.44257   1.000 41.54898  ? 14  DG  A "C5'" 1 
ATOM   282 C  "C4'" . DG  A 1 14 ? 0.88368   -10.15029 3.79852   1.000 40.10365  ? 14  DG  A "C4'" 1 
ATOM   283 O  "O4'" . DG  A 1 14 ? 0.59250   -8.72706  3.68946   1.000 41.21317  ? 14  DG  A "O4'" 1 
ATOM   284 C  "C3'" . DG  A 1 14 ? -0.06403  -10.70029 4.85452   1.000 39.83536  ? 14  DG  A "C3'" 1 
ATOM   285 O  "O3'" . DG  A 1 14 ? 0.64616   -10.77447 6.07649   1.000 40.48134  ? 14  DG  A "O3'" 1 
ATOM   286 C  "C2'" . DG  A 1 14 ? -1.20803  -9.66367  4.87570   1.000 40.17566  ? 14  DG  A "C2'" 1 
ATOM   287 C  "C1'" . DG  A 1 14 ? -0.45567  -8.37277  4.56739   1.000 36.06535  ? 14  DG  A "C1'" 1 
ATOM   288 N  N9    . DG  A 1 14 ? -1.23533  -7.32497  3.90410   1.000 35.81888  ? 14  DG  A N9    1 
ATOM   289 C  C8    . DG  A 1 14 ? -1.92094  -7.41202  2.72088   1.000 36.48307  ? 14  DG  A C8    1 
ATOM   290 N  N7    . DG  A 1 14 ? -2.47415  -6.28434  2.35320   1.000 36.04204  ? 14  DG  A N7    1 
ATOM   291 C  C5    . DG  A 1 14 ? -2.10909  -5.38606  3.34311   1.000 35.26964  ? 14  DG  A C5    1 
ATOM   292 C  C6    . DG  A 1 14 ? -2.41859  -4.00539  3.48358   1.000 35.83392  ? 14  DG  A C6    1 
ATOM   293 O  O6    . DG  A 1 14 ? -3.08584  -3.28462  2.72252   1.000 34.07587  ? 14  DG  A O6    1 
ATOM   294 N  N1    . DG  A 1 14 ? -1.85271  -3.47093  4.64022   1.000 34.28884  ? 14  DG  A N1    1 
ATOM   295 C  C2    . DG  A 1 14 ? -1.08987  -4.18403  5.54457   1.000 36.42568  ? 14  DG  A C2    1 
ATOM   296 N  N2    . DG  A 1 14 ? -0.61975  -3.50752  6.59945   1.000 39.55057  ? 14  DG  A N2    1 
ATOM   297 N  N3    . DG  A 1 14 ? -0.78735  -5.47483  5.41176   1.000 37.04193  ? 14  DG  A N3    1 
ATOM   298 C  C4    . DG  A 1 14 ? -1.33526  -6.00661  4.29943   1.000 35.73289  ? 14  DG  A C4    1 
ATOM   299 P  P     . DG  A 1 15 ? -0.04378  -11.28641 7.43173   1.000 47.81942  ? 15  DG  A P     1 
ATOM   300 O  OP1   . DG  A 1 15 ? 1.01855   -11.92839 8.22879   1.000 46.44961  ? 15  DG  A OP1   1 
ATOM   301 O  OP2   . DG  A 1 15 ? -1.28521  -12.02071 7.12045   1.000 47.51954  ? 15  DG  A OP2   1 
ATOM   302 O  "O5'" . DG  A 1 15 ? -0.41650  -9.93392  8.17803   1.000 45.55248  ? 15  DG  A "O5'" 1 
ATOM   303 C  "C5'" . DG  A 1 15 ? 0.59156   -9.22889  8.88344   1.000 46.41404  ? 15  DG  A "C5'" 1 
ATOM   304 C  "C4'" . DG  A 1 15 ? -0.02682  -8.27380  9.88388   1.000 49.54396  ? 15  DG  A "C4'" 1 
ATOM   305 O  "O4'" . DG  A 1 15 ? -0.62176  -7.15050  9.18528   1.000 46.03412  ? 15  DG  A "O4'" 1 
ATOM   306 C  "C3'" . DG  A 1 15 ? -1.13239  -8.87419  10.73849  1.000 52.06001  ? 15  DG  A "C3'" 1 
ATOM   307 O  "O3'" . DG  A 1 15 ? -1.02351  -8.39858  12.05978  1.000 61.33990  ? 15  DG  A "O3'" 1 
ATOM   308 C  "C2'" . DG  A 1 15 ? -2.40266  -8.37314  10.06385  1.000 51.21148  ? 15  DG  A "C2'" 1 
ATOM   309 C  "C1'" . DG  A 1 15 ? -1.96708  -6.99616  9.58608   1.000 46.40851  ? 15  DG  A "C1'" 1 
ATOM   310 N  N9    . DG  A 1 15 ? -2.72763  -6.50073  8.44020   1.000 40.06852  ? 15  DG  A N9    1 
ATOM   311 C  C8    . DG  A 1 15 ? -3.09024  -7.20196  7.31270   1.000 41.97973  ? 15  DG  A C8    1 
ATOM   312 N  N7    . DG  A 1 15 ? -3.75900  -6.48436  6.44643   1.000 40.30761  ? 15  DG  A N7    1 
ATOM   313 C  C5    . DG  A 1 15 ? -3.82402  -5.22631  7.02925   1.000 39.01727  ? 15  DG  A C5    1 
ATOM   314 C  C6    . DG  A 1 15 ? -4.42776  -4.03857  6.55444   1.000 37.76469  ? 15  DG  A C6    1 
ATOM   315 O  O6    . DG  A 1 15 ? -5.03109  -3.86249  5.49332   1.000 36.05455  ? 15  DG  A O6    1 
ATOM   316 N  N1    . DG  A 1 15 ? -4.27247  -2.98420  7.45350   1.000 39.39907  ? 15  DG  A N1    1 
ATOM   317 C  C2    . DG  A 1 15 ? -3.62088  -3.07962  8.66447   1.000 41.47163  ? 15  DG  A C2    1 
ATOM   318 N  N2    . DG  A 1 15 ? -3.57211  -1.96732  9.40617   1.000 40.95144  ? 15  DG  A N2    1 
ATOM   319 N  N3    . DG  A 1 15 ? -3.05340  -4.19010  9.11785   1.000 40.30972  ? 15  DG  A N3    1 
ATOM   320 C  C4    . DG  A 1 15 ? -3.19999  -5.21955  8.25269   1.000 42.90881  ? 15  DG  A C4    1 
ATOM   321 P  P     . DT  A 1 16 ? -1.69092  -9.22276  13.26403  1.000 76.45834  ? 16  DT  A P     1 
ATOM   322 O  OP1   . DT  A 1 16 ? -0.91965  -10.47123 13.45037  1.000 78.71752  ? 16  DT  A OP1   1 
ATOM   323 O  OP2   . DT  A 1 16 ? -3.15254  -9.28515  13.04295  1.000 72.56688  ? 16  DT  A OP2   1 
ATOM   324 O  "O5'" . DT  A 1 16 ? -1.46642  -8.29060  14.53175  1.000 79.86603  ? 16  DT  A "O5'" 1 
ATOM   325 C  "C5'" . DT  A 1 16 ? -2.31210  -8.44132  15.65349  1.000 79.73349  ? 16  DT  A "C5'" 1 
ATOM   326 C  "C4'" . DT  A 1 16 ? -3.02720  -7.14113  15.98263  1.000 80.62445  ? 16  DT  A "C4'" 1 
ATOM   327 O  "O4'" . DT  A 1 16 ? -2.27493  -6.41879  16.96437  1.000 83.52070  ? 16  DT  A "O4'" 1 
ATOM   328 C  "C3'" . DT  A 1 16 ? -3.20535  -6.15400  14.82804  1.000 78.13589  ? 16  DT  A "C3'" 1 
ATOM   329 O  "O3'" . DT  A 1 16 ? -4.49179  -6.32179  14.23241  1.000 76.26079  ? 16  DT  A "O3'" 1 
ATOM   330 C  "C2'" . DT  A 1 16 ? -3.06407  -4.76582  15.50003  1.000 79.91070  ? 16  DT  A "C2'" 1 
ATOM   331 C  "C1'" . DT  A 1 16 ? -2.75311  -5.10406  16.96687  1.000 82.67755  ? 16  DT  A "C1'" 1 
ATOM   332 N  N1    . DT  A 1 16 ? -1.73357  -4.18814  17.62475  1.000 84.35438  ? 16  DT  A N1    1 
ATOM   333 C  C2    . DT  A 1 16 ? -0.94734  -4.65294  18.67330  1.000 86.46669  ? 16  DT  A C2    1 
ATOM   334 O  O2    . DT  A 1 16 ? -1.00429  -5.78957  19.11718  1.000 87.88084  ? 16  DT  A O2    1 
ATOM   335 N  N3    . DT  A 1 16 ? -0.07710  -3.72471  19.18785  1.000 93.45944  ? 16  DT  A N3    1 
ATOM   336 C  C4    . DT  A 1 16 ? 0.08644   -2.41041  18.78206  1.000 101.25720 ? 16  DT  A C4    1 
ATOM   337 O  O4    . DT  A 1 16 ? 0.89927   -1.65547  19.31114  1.000 103.91956 ? 16  DT  A O4    1 
ATOM   338 C  C5    . DT  A 1 16 ? -0.76532  -1.98894  17.69262  1.000 99.30682  ? 16  DT  A C5    1 
ATOM   339 C  C7    . DT  A 1 16 ? -0.67821  -0.58673  17.16668  1.000 100.63255 ? 16  DT  A C7    1 
ATOM   340 C  C6    . DT  A 1 16 ? -1.62377  -2.88482  17.17723  1.000 92.52241  ? 16  DT  A C6    1 
ATOM   341 O  "O5'" . DG  B 1 1  ? -5.37702  -2.28718  -6.43537  1.000 44.63325  ? 1   DG  B "O5'" 1 
ATOM   342 C  "C5'" . DG  B 1 1  ? -6.73137  -2.13853  -6.85971  1.000 45.58960  ? 1   DG  B "C5'" 1 
ATOM   343 C  "C4'" . DG  B 1 1  ? -7.13547  -0.67371  -6.90684  1.000 48.37899  ? 1   DG  B "C4'" 1 
ATOM   344 O  "O4'" . DG  B 1 1  ? -6.98685  -0.07918  -5.58822  1.000 45.90825  ? 1   DG  B "O4'" 1 
ATOM   345 C  "C3'" . DG  B 1 1  ? -6.30447  0.20875   -7.84258  1.000 47.86460  ? 1   DG  B "C3'" 1 
ATOM   346 O  "O3'" . DG  B 1 1  ? -7.13224  1.25573   -8.35563  1.000 51.48585  ? 1   DG  B "O3'" 1 
ATOM   347 C  "C2'" . DG  B 1 1  ? -5.25810  0.76458   -6.89288  1.000 44.77444  ? 1   DG  B "C2'" 1 
ATOM   348 C  "C1'" . DG  B 1 1  ? -6.13937  1.04463   -5.68928  1.000 44.41367  ? 1   DG  B "C1'" 1 
ATOM   349 N  N9    . DG  B 1 1  ? -5.41549  1.19943   -4.43975  1.000 41.39034  ? 1   DG  B N9    1 
ATOM   350 C  C8    . DG  B 1 1  ? -5.33121  2.33719   -3.67835  1.000 38.18769  ? 1   DG  B C8    1 
ATOM   351 N  N7    . DG  B 1 1  ? -4.62877  2.18909   -2.59790  1.000 38.71422  ? 1   DG  B N7    1 
ATOM   352 C  C5    . DG  B 1 1  ? -4.22076  0.86613   -2.64170  1.000 34.82610  ? 1   DG  B C5    1 
ATOM   353 C  C6    . DG  B 1 1  ? -3.43054  0.13456   -1.73233  1.000 33.56766  ? 1   DG  B C6    1 
ATOM   354 O  O6    . DG  B 1 1  ? -2.93027  0.52306   -0.67140  1.000 32.67875  ? 1   DG  B O6    1 
ATOM   355 N  N1    . DG  B 1 1  ? -3.25222  -1.19250  -2.15681  1.000 35.40997  ? 1   DG  B N1    1 
ATOM   356 C  C2    . DG  B 1 1  ? -3.78423  -1.72891  -3.31583  1.000 36.36076  ? 1   DG  B C2    1 
ATOM   357 N  N2    . DG  B 1 1  ? -3.50958  -3.03037  -3.56796  1.000 36.25388  ? 1   DG  B N2    1 
ATOM   358 N  N3    . DG  B 1 1  ? -4.52394  -1.04468  -4.17394  1.000 38.54730  ? 1   DG  B N3    1 
ATOM   359 C  C4    . DG  B 1 1  ? -4.70571  0.23908   -3.76963  1.000 39.88917  ? 1   DG  B C4    1 
ATOM   360 P  P     . DG  B 1 2  ? -6.66761  2.14059   -9.61632  1.000 52.33701  ? 2   DG  B P     1 
ATOM   361 O  OP1   . DG  B 1 2  ? -7.86843  2.84737   -10.11540 1.000 51.15848  ? 2   DG  B OP1   1 
ATOM   362 O  OP2   . DG  B 1 2  ? -5.90240  1.28246   -10.53938 1.000 51.73918  ? 2   DG  B OP2   1 
ATOM   363 O  "O5'" . DG  B 1 2  ? -5.69436  3.23564   -8.97698  1.000 47.69914  ? 2   DG  B "O5'" 1 
ATOM   364 C  "C5'" . DG  B 1 2  ? -6.25903  4.33122   -8.27847  1.000 46.28567  ? 2   DG  B "C5'" 1 
ATOM   365 C  "C4'" . DG  B 1 2  ? -5.21495  5.12295   -7.51780  1.000 47.07723  ? 2   DG  B "C4'" 1 
ATOM   366 O  "O4'" . DG  B 1 2  ? -4.62891  4.30587   -6.47061  1.000 44.11840  ? 2   DG  B "O4'" 1 
ATOM   367 C  "C3'" . DG  B 1 2  ? -4.02954  5.65478   -8.34721  1.000 46.90364  ? 2   DG  B "C3'" 1 
ATOM   368 O  "O3'" . DG  B 1 2  ? -3.81965  7.01415   -8.02545  1.000 49.00961  ? 2   DG  B "O3'" 1 
ATOM   369 C  "C2'" . DG  B 1 2  ? -2.86083  4.80389   -7.85035  1.000 42.25504  ? 2   DG  B "C2'" 1 
ATOM   370 C  "C1'" . DG  B 1 2  ? -3.27483  4.63649   -6.40536  1.000 40.85341  ? 2   DG  B "C1'" 1 
ATOM   371 N  N9    . DG  B 1 2  ? -2.56547  3.60329   -5.68718  1.000 38.20262  ? 2   DG  B N9    1 
ATOM   372 C  C8    . DG  B 1 2  ? -2.36820  2.30074   -6.07685  1.000 39.69213  ? 2   DG  B C8    1 
ATOM   373 N  N7    . DG  B 1 2  ? -1.68289  1.61283   -5.21858  1.000 35.51278  ? 2   DG  B N7    1 
ATOM   374 C  C5    . DG  B 1 2  ? -1.41651  2.52334   -4.20106  1.000 36.82811  ? 2   DG  B C5    1 
ATOM   375 C  C6    . DG  B 1 2  ? -0.69753  2.35154   -3.00754  1.000 36.71575  ? 2   DG  B C6    1 
ATOM   376 O  O6    . DG  B 1 2  ? -0.15264  1.33199   -2.60237  1.000 33.70795  ? 2   DG  B O6    1 
ATOM   377 N  N1    . DG  B 1 2  ? -0.63924  3.52592   -2.25346  1.000 35.73674  ? 2   DG  B N1    1 
ATOM   378 C  C2    . DG  B 1 2  ? -1.21856  4.72048   -2.62045  1.000 36.43977  ? 2   DG  B C2    1 
ATOM   379 N  N2    . DG  B 1 2  ? -1.06478  5.74879   -1.76546  1.000 35.51756  ? 2   DG  B N2    1 
ATOM   380 N  N3    . DG  B 1 2  ? -1.89366  4.89338   -3.74601  1.000 36.40686  ? 2   DG  B N3    1 
ATOM   381 C  C4    . DG  B 1 2  ? -1.94639  3.74576   -4.48502  1.000 39.52304  ? 2   DG  B C4    1 
ATOM   382 P  P     . DG  B 1 3  ? -3.27619  8.04283   -9.12800  1.000 54.59945  ? 3   DG  B P     1 
ATOM   383 O  OP1   . DG  B 1 3  ? -4.42135  8.89441   -9.50679  1.000 54.57186  ? 3   DG  B OP1   1 
ATOM   384 O  OP2   . DG  B 1 3  ? -2.54142  7.25559   -10.14507 1.000 53.37614  ? 3   DG  B OP2   1 
ATOM   385 O  "O5'" . DG  B 1 3  ? -2.19954  8.92934   -8.32950  1.000 52.39930  ? 3   DG  B "O5'" 1 
ATOM   386 C  "C5'" . DG  B 1 3  ? -2.59048  9.66046   -7.18217  1.000 47.45067  ? 3   DG  B "C5'" 1 
ATOM   387 C  "C4'" . DG  B 1 3  ? -1.41844  9.86348   -6.22846  1.000 47.26549  ? 3   DG  B "C4'" 1 
ATOM   388 O  "O4'" . DG  B 1 3  ? -1.11364  8.62476   -5.54332  1.000 41.53431  ? 3   DG  B "O4'" 1 
ATOM   389 C  "C3'" . DG  B 1 3  ? -0.10322  10.34127  -6.86933  1.000 48.03530  ? 3   DG  B "C3'" 1 
ATOM   390 O  "O3'" . DG  B 1 3  ? 0.32514   11.55422  -6.26279  1.000 49.70081  ? 3   DG  B "O3'" 1 
ATOM   391 C  "C2'" . DG  B 1 3  ? 0.87502   9.20169   -6.58200  1.000 44.76366  ? 3   DG  B "C2'" 1 
ATOM   392 C  "C1'" . DG  B 1 3  ? 0.26861   8.55699   -5.34425  1.000 40.58200  ? 3   DG  B "C1'" 1 
ATOM   393 N  N9    . DG  B 1 3  ? 0.65961   7.15366   -5.19141  1.000 38.46960  ? 3   DG  B N9    1 
ATOM   394 C  C8    . DG  B 1 3  ? 0.39064   6.12884   -6.05916  1.000 41.37060  ? 3   DG  B C8    1 
ATOM   395 N  N7    . DG  B 1 3  ? 0.88930   4.98238   -5.68411  1.000 35.18983  ? 3   DG  B N7    1 
ATOM   396 C  C5    . DG  B 1 3  ? 1.54157   5.26684   -4.49065  1.000 34.55332  ? 3   DG  B C5    1 
ATOM   397 C  C6    . DG  B 1 3  ? 2.26051   4.41445   -3.61660  1.000 35.81193  ? 3   DG  B C6    1 
ATOM   398 O  O6    . DG  B 1 3  ? 2.47878   3.17843   -3.74383  1.000 31.93286  ? 3   DG  B O6    1 
ATOM   399 N  N1    . DG  B 1 3  ? 2.75980   5.11367   -2.51127  1.000 36.02880  ? 3   DG  B N1    1 
ATOM   400 C  C2    . DG  B 1 3  ? 2.57530   6.46759   -2.28890  1.000 36.75379  ? 3   DG  B C2    1 
ATOM   401 N  N2    . DG  B 1 3  ? 3.13122   6.98434   -1.17001  1.000 37.87177  ? 3   DG  B N2    1 
ATOM   402 N  N3    . DG  B 1 3  ? 1.89904   7.26655   -3.10247  1.000 37.47986  ? 3   DG  B N3    1 
ATOM   403 C  C4    . DG  B 1 3  ? 1.40445   6.60402   -4.17148  1.000 38.24918  ? 3   DG  B C4    1 
ATOM   404 P  P     . DG  B 1 4  ? 1.51631   12.42603  -6.90919  1.000 54.95589  ? 4   DG  B P     1 
ATOM   405 O  OP1   . DG  B 1 4  ? 1.06028   13.82541  -6.91826  1.000 54.80803  ? 4   DG  B OP1   1 
ATOM   406 O  OP2   . DG  B 1 4  ? 1.96916   11.77477  -8.15949  1.000 54.65233  ? 4   DG  B OP2   1 
ATOM   407 O  "O5'" . DG  B 1 4  ? 2.70761   12.29040  -5.84712  1.000 51.16887  ? 4   DG  B "O5'" 1 
ATOM   408 C  "C5'" . DG  B 1 4  ? 2.51210   12.71794  -4.49464  1.000 48.15309  ? 4   DG  B "C5'" 1 
ATOM   409 C  "C4'" . DG  B 1 4  ? 3.75362   12.47625  -3.64894  1.000 46.70264  ? 4   DG  B "C4'" 1 
ATOM   410 O  "O4'" . DG  B 1 4  ? 3.91240   11.04713  -3.40992  1.000 43.04750  ? 4   DG  B "O4'" 1 
ATOM   411 C  "C3'" . DG  B 1 4  ? 5.06677   12.92630  -4.27809  1.000 44.93008  ? 4   DG  B "C3'" 1 
ATOM   412 O  "O3'" . DG  B 1 4  ? 5.98134   13.29580  -3.25234  1.000 46.50402  ? 4   DG  B "O3'" 1 
ATOM   413 C  "C2'" . DG  B 1 4  ? 5.52917   11.64273  -4.97816  1.000 43.76231  ? 4   DG  B "C2'" 1 
ATOM   414 C  "C1'" . DG  B 1 4  ? 5.17130   10.63197  -3.90647  1.000 40.02849  ? 4   DG  B "C1'" 1 
ATOM   415 N  N9    . DG  B 1 4  ? 5.04090   9.25392   -4.37260  1.000 39.96797  ? 4   DG  B N9    1 
ATOM   416 C  C8    . DG  B 1 4  ? 4.31719   8.81400   -5.45055  1.000 38.54162  ? 4   DG  B C8    1 
ATOM   417 N  N7    . DG  B 1 4  ? 4.35669   7.51665   -5.60772  1.000 37.44542  ? 4   DG  B N7    1 
ATOM   418 C  C5    . DG  B 1 4  ? 5.15225   7.07425   -4.56378  1.000 36.84332  ? 4   DG  B C5    1 
ATOM   419 C  C6    . DG  B 1 4  ? 5.55390   5.76621   -4.22428  1.000 40.88428  ? 4   DG  B C6    1 
ATOM   420 O  O6    . DG  B 1 4  ? 5.26203   4.71678   -4.79669  1.000 37.88934  ? 4   DG  B O6    1 
ATOM   421 N  N1    . DG  B 1 4  ? 6.36551   5.74603   -3.09469  1.000 42.08597  ? 4   DG  B N1    1 
ATOM   422 C  C2    . DG  B 1 4  ? 6.73340   6.87361   -2.37800  1.000 40.90439  ? 4   DG  B C2    1 
ATOM   423 N  N2    . DG  B 1 4  ? 7.52324   6.67121   -1.31602  1.000 41.18144  ? 4   DG  B N2    1 
ATOM   424 N  N3    . DG  B 1 4  ? 6.37206   8.11119   -2.70104  1.000 39.29636  ? 4   DG  B N3    1 
ATOM   425 C  C4    . DG  B 1 4  ? 5.57835   8.13702   -3.78976  1.000 37.80714  ? 4   DG  B C4    1 
ATOM   426 P  P     . DT  B 1 5  ? 5.85310   14.70844  -2.48486  1.000 48.16223  ? 5   DT  B P     1 
ATOM   427 O  OP1   . DT  B 1 5  ? 5.38327   15.75722  -3.41598  1.000 47.69821  ? 5   DT  B OP1   1 
ATOM   428 O  OP2   . DT  B 1 5  ? 7.15761   14.90035  -1.81868  1.000 50.54949  ? 5   DT  B OP2   1 
ATOM   429 O  "O5'" . DT  B 1 5  ? 4.74819   14.45338  -1.36502  1.000 46.21664  ? 5   DT  B "O5'" 1 
ATOM   430 C  "C5'" . DT  B 1 5  ? 4.99939   13.55286  -0.30530  1.000 47.58768  ? 5   DT  B "C5'" 1 
ATOM   431 C  "C4'" . DT  B 1 5  ? 3.90786   13.63928  0.75423   1.000 50.71818  ? 5   DT  B "C4'" 1 
ATOM   432 O  "O4'" . DT  B 1 5  ? 4.03894   14.87740  1.49698   1.000 48.91559  ? 5   DT  B "O4'" 1 
ATOM   433 C  "C3'" . DT  B 1 5  ? 2.47234   13.60661  0.23680   1.000 50.03215  ? 5   DT  B "C3'" 1 
ATOM   434 O  "O3'" . DT  B 1 5  ? 1.66770   12.89520  1.15182   1.000 53.76912  ? 5   DT  B "O3'" 1 
ATOM   435 C  "C2'" . DT  B 1 5  ? 2.08099   15.08137  0.19759   1.000 48.18675  ? 5   DT  B "C2'" 1 
ATOM   436 C  "C1'" . DT  B 1 5  ? 2.85410   15.65621  1.38135   1.000 54.06244  ? 5   DT  B "C1'" 1 
ATOM   437 N  N1    . DT  B 1 5  ? 3.22679   17.10130  1.19290   1.000 51.67643  ? 5   DT  B N1    1 
ATOM   438 C  C2    . DT  B 1 5  ? 2.55921   18.09781  1.90490   1.000 55.29594  ? 5   DT  B C2    1 
ATOM   439 O  O2    . DT  B 1 5  ? 1.68227   17.88202  2.72335   1.000 57.36506  ? 5   DT  B O2    1 
ATOM   440 N  N3    . DT  B 1 5  ? 2.97239   19.37133  1.63583   1.000 59.18119  ? 5   DT  B N3    1 
ATOM   441 C  C4    . DT  B 1 5  ? 3.94926   19.76964  0.75338   1.000 59.81495  ? 5   DT  B C4    1 
ATOM   442 O  O4    . DT  B 1 5  ? 4.24503   20.95197  0.58356   1.000 63.78710  ? 5   DT  B O4    1 
ATOM   443 C  C5    . DT  B 1 5  ? 4.59716   18.70854  0.03500   1.000 55.88786  ? 5   DT  B C5    1 
ATOM   444 C  C7    . DT  B 1 5  ? 5.67169   19.04428  -0.94619  1.000 56.52668  ? 5   DT  B C7    1 
ATOM   445 C  C6    . DT  B 1 5  ? 4.21350   17.43498  0.28149   1.000 52.98174  ? 5   DT  B C6    1 
ATOM   446 P  P     . DG  B 1 6  ? 0.63236   11.77273  0.64592   1.000 50.85104  ? 6   DG  B P     1 
ATOM   447 O  OP1   . DG  B 1 6  ? 1.10035   11.14031  -0.61330  1.000 49.63931  ? 6   DG  B OP1   1 
ATOM   448 O  OP2   . DG  B 1 6  ? -0.70017  12.41710  0.76082   1.000 49.87192  ? 6   DG  B OP2   1 
ATOM   449 O  "O5'" . DG  B 1 6  ? 0.73113   10.65990  1.76020   1.000 48.97172  ? 6   DG  B "O5'" 1 
ATOM   450 C  "C5'" . DG  B 1 6  ? 0.94341   11.05897  3.09521   1.000 49.40003  ? 6   DG  B "C5'" 1 
ATOM   451 C  "C4'" . DG  B 1 6  ? 1.68410   9.96805   3.80166   1.000 49.02038  ? 6   DG  B "C4'" 1 
ATOM   452 O  "O4'" . DG  B 1 6  ? 1.06687   8.71522   3.44278   1.000 45.93279  ? 6   DG  B "O4'" 1 
ATOM   453 C  "C3'" . DG  B 1 6  ? 3.15650   9.86455   3.41309   1.000 45.65006  ? 6   DG  B "C3'" 1 
ATOM   454 O  "O3'" . DG  B 1 6  ? 3.94530   10.13002  4.54271   1.000 51.55283  ? 6   DG  B "O3'" 1 
ATOM   455 C  "C2'" . DG  B 1 6  ? 3.33195   8.41575   2.91181   1.000 42.48650  ? 6   DG  B "C2'" 1 
ATOM   456 C  "C1'" . DG  B 1 6  ? 2.04176   7.71650   3.33388   1.000 42.25687  ? 6   DG  B "C1'" 1 
ATOM   457 N  N9    . DG  B 1 6  ? 1.58365   6.71673   2.35513   1.000 37.56890  ? 6   DG  B N9    1 
ATOM   458 C  C8    . DG  B 1 6  ? 0.73810   6.91602   1.28288   1.000 36.55619  ? 6   DG  B C8    1 
ATOM   459 N  N7    . DG  B 1 6  ? 0.52572   5.82093   0.57600   1.000 38.66569  ? 6   DG  B N7    1 
ATOM   460 C  C5    . DG  B 1 6  ? 1.27202   4.85235   1.22406   1.000 36.52534  ? 6   DG  B C5    1 
ATOM   461 C  C6    . DG  B 1 6  ? 1.43738   3.47584   0.91437   1.000 31.84237  ? 6   DG  B C6    1 
ATOM   462 O  O6    . DG  B 1 6  ? 0.93153   2.83498   -0.02351  1.000 34.18647  ? 6   DG  B O6    1 
ATOM   463 N  N1    . DG  B 1 6  ? 2.29051   2.84710   1.82191   1.000 36.61907  ? 6   DG  B N1    1 
ATOM   464 C  C2    . DG  B 1 6  ? 2.90243   3.46192   2.88941   1.000 39.16079  ? 6   DG  B C2    1 
ATOM   465 N  N2    . DG  B 1 6  ? 3.69159   2.69478   3.66498   1.000 36.89127  ? 6   DG  B N2    1 
ATOM   466 N  N3    . DG  B 1 6  ? 2.75683   4.74546   3.18679   1.000 36.42441  ? 6   DG  B N3    1 
ATOM   467 C  C4    . DG  B 1 6  ? 1.93395   5.37685   2.31042   1.000 36.54655  ? 6   DG  B C4    1 
ATOM   468 P  P     . DG  B 1 7  ? 5.52272   10.40351  4.40789   1.000 52.75404  ? 7   DG  B P     1 
ATOM   469 O  OP1   . DG  B 1 7  ? 5.98888   11.01253  5.67728   1.000 54.93096  ? 7   DG  B OP1   1 
ATOM   470 O  OP2   . DG  B 1 7  ? 5.78946   11.05792  3.10793   1.000 51.87934  ? 7   DG  B OP2   1 
ATOM   471 O  "O5'" . DG  B 1 7  ? 6.11565   8.92465   4.35922   1.000 46.95497  ? 7   DG  B "O5'" 1 
ATOM   472 C  "C5'" . DG  B 1 7  ? 6.08258   8.15407   5.53543   1.000 47.07141  ? 7   DG  B "C5'" 1 
ATOM   473 C  "C4'" . DG  B 1 7  ? 6.89331   6.90411   5.36805   1.000 46.96248  ? 7   DG  B "C4'" 1 
ATOM   474 O  "O4'" . DG  B 1 7  ? 6.20625   6.02148   4.45049   1.000 40.84038  ? 7   DG  B "O4'" 1 
ATOM   475 C  "C3'" . DG  B 1 7  ? 8.29687   7.11724   4.79881   1.000 46.40303  ? 7   DG  B "C3'" 1 
ATOM   476 O  "O3'" . DG  B 1 7  ? 9.21660   6.33919   5.55799   1.000 48.22978  ? 7   DG  B "O3'" 1 
ATOM   477 C  "C2'" . DG  B 1 7  ? 8.16202   6.65243   3.34154   1.000 42.81322  ? 7   DG  B "C2'" 1 
ATOM   478 C  "C1'" . DG  B 1 7  ? 7.10597   5.56252   3.47310   1.000 43.45692  ? 7   DG  B "C1'" 1 
ATOM   479 N  N9    . DG  B 1 7  ? 6.34331   5.27536   2.25900   1.000 39.75505  ? 7   DG  B N9    1 
ATOM   480 C  C8    . DG  B 1 7  ? 5.56098   6.14455   1.53061   1.000 37.49560  ? 7   DG  B C8    1 
ATOM   481 N  N7    . DG  B 1 7  ? 4.98284   5.57674   0.50111   1.000 39.59377  ? 7   DG  B N7    1 
ATOM   482 C  C5    . DG  B 1 7  ? 5.39038   4.24821   0.57042   1.000 35.76377  ? 7   DG  B C5    1 
ATOM   483 C  C6    . DG  B 1 7  ? 5.08359   3.16617   -0.27841  1.000 37.02922  ? 7   DG  B C6    1 
ATOM   484 O  O6    . DG  B 1 7  ? 4.36494   3.17576   -1.26057  1.000 35.76980  ? 7   DG  B O6    1 
ATOM   485 N  N1    . DG  B 1 7  ? 5.69818   1.99332   0.13261   1.000 38.26391  ? 7   DG  B N1    1 
ATOM   486 C  C2    . DG  B 1 7  ? 6.52072   1.88323   1.22811   1.000 37.63547  ? 7   DG  B C2    1 
ATOM   487 N  N2    . DG  B 1 7  ? 7.02775   0.66347   1.47798   1.000 40.73184  ? 7   DG  B N2    1 
ATOM   488 N  N3    . DG  B 1 7  ? 6.81532   2.89920   2.03951   1.000 37.99976  ? 7   DG  B N3    1 
ATOM   489 C  C4    . DG  B 1 7  ? 6.22356   4.04462   1.63862   1.000 38.30084  ? 7   DG  B C4    1 
ATOM   490 P  P     . DG  B 1 8  ? 10.74608  6.14778   5.10924   1.000 53.48575  ? 8   DG  B P     1 
ATOM   491 O  OP1   . DG  B 1 8  ? 11.50328  5.87171   6.33915   1.000 50.70168  ? 8   DG  B OP1   1 
ATOM   492 O  OP2   . DG  B 1 8  ? 11.14236  7.20561   4.15385   1.000 53.80549  ? 8   DG  B OP2   1 
ATOM   493 O  "O5'" . DG  B 1 8  ? 10.73265  4.75775   4.32134   1.000 51.65106  ? 8   DG  B "O5'" 1 
ATOM   494 C  "C5'" . DG  B 1 8  ? 10.89795  3.54645   5.04103   1.000 52.32362  ? 8   DG  B "C5'" 1 
ATOM   495 C  "C4'" . DG  B 1 8  ? 11.39183  2.44595   4.12733   1.000 53.22508  ? 8   DG  B "C4'" 1 
ATOM   496 O  "O4'" . DG  B 1 8  ? 10.44615  2.26407   3.04793   1.000 52.06389  ? 8   DG  B "O4'" 1 
ATOM   497 C  "C3'" . DG  B 1 8  ? 12.73910  2.71702   3.45113   1.000 56.56257  ? 8   DG  B "C3'" 1 
ATOM   498 O  "O3'" . DG  B 1 8  ? 13.45222  1.49056   3.30225   1.000 60.49454  ? 8   DG  B "O3'" 1 
ATOM   499 C  "C2'" . DG  B 1 8  ? 12.31210  3.26793   2.09564   1.000 52.83343  ? 8   DG  B "C2'" 1 
ATOM   500 C  "C1'" . DG  B 1 8  ? 11.13231  2.35709   1.82013   1.000 52.06375  ? 8   DG  B "C1'" 1 
ATOM   501 N  N9    . DG  B 1 8  ? 10.20224  2.83927   0.81011   1.000 49.04379  ? 8   DG  B N9    1 
ATOM   502 C  C8    . DG  B 1 8  ? 9.61673   4.07670   0.73163   1.000 47.43402  ? 8   DG  B C8    1 
ATOM   503 N  N7    . DG  B 1 8  ? 8.80217   4.20047   -0.28079  1.000 50.13087  ? 8   DG  B N7    1 
ATOM   504 C  C5    . DG  B 1 8  ? 8.84116   2.95904   -0.89890  1.000 46.67295  ? 8   DG  B C5    1 
ATOM   505 C  C6    . DG  B 1 8  ? 8.15678   2.49187   -2.04196  1.000 47.71585  ? 8   DG  B C6    1 
ATOM   506 O  O6    . DG  B 1 8  ? 7.36891   3.10904   -2.75858  1.000 40.85446  ? 8   DG  B O6    1 
ATOM   507 N  N1    . DG  B 1 8  ? 8.48345   1.17033   -2.33583  1.000 44.02339  ? 8   DG  B N1    1 
ATOM   508 C  C2    . DG  B 1 8  ? 9.35670   0.39824   -1.60444  1.000 45.76110  ? 8   DG  B C2    1 
ATOM   509 N  N2    . DG  B 1 8  ? 9.55439   -0.85477  -2.03468  1.000 42.60245  ? 8   DG  B N2    1 
ATOM   510 N  N3    . DG  B 1 8  ? 9.99923   0.82662   -0.52800  1.000 45.85920  ? 8   DG  B N3    1 
ATOM   511 C  C4    . DG  B 1 8  ? 9.69115   2.11079   -0.23607  1.000 47.71957  ? 8   DG  B C4    1 
ATOM   512 P  P     . DC  B 1 9  ? 14.41519  0.95468   4.47129   1.000 65.79725  ? 9   DC  B P     1 
ATOM   513 O  OP1   . DC  B 1 9  ? 14.03052  1.62393   5.73353   1.000 69.55370  ? 9   DC  B OP1   1 
ATOM   514 O  OP2   . DC  B 1 9  ? 15.80474  1.07763   3.98523   1.000 68.55519  ? 9   DC  B OP2   1 
ATOM   515 O  "O5'" . DC  B 1 9  ? 14.06308  -0.60168  4.57969   1.000 68.28760  ? 9   DC  B "O5'" 1 
ATOM   516 C  "C5'" . DC  B 1 9  ? 12.72391  -1.01321  4.82143   1.000 71.27566  ? 9   DC  B "C5'" 1 
ATOM   517 C  "C4'" . DC  B 1 9  ? 12.67494  -2.47004  5.24011   1.000 76.66363  ? 9   DC  B "C4'" 1 
ATOM   518 O  "O4'" . DC  B 1 9  ? 13.07718  -2.58922  6.62062   1.000 83.27571  ? 9   DC  B "O4'" 1 
ATOM   519 C  "C3'" . DC  B 1 9  ? 11.29448  -3.09744  5.21719   1.000 76.08901  ? 9   DC  B "C3'" 1 
ATOM   520 O  "O3'" . DC  B 1 9  ? 10.93088  -3.49551  3.88142   1.000 77.48145  ? 9   DC  B "O3'" 1 
ATOM   521 C  "C2'" . DC  B 1 9  ? 11.44817  -4.28129  6.17878   1.000 79.43212  ? 9   DC  B "C2'" 1 
ATOM   522 C  "C1'" . DC  B 1 9  ? 12.53952  -3.79106  7.14881   1.000 86.18090  ? 9   DC  B "C1'" 1 
ATOM   523 N  N1    . DC  B 1 9  ? 12.07515  -3.57046  8.59181   1.000 91.39286  ? 9   DC  B N1    1 
ATOM   524 C  C2    . DC  B 1 9  ? 10.98004  -2.72332  8.89217   1.000 88.68980  ? 9   DC  B C2    1 
ATOM   525 O  O2    . DC  B 1 9  ? 10.37946  -2.13925  7.98306   1.000 85.30387  ? 9   DC  B O2    1 
ATOM   526 N  N3    . DC  B 1 9  ? 10.61138  -2.56774  10.18946  1.000 92.83091  ? 9   DC  B N3    1 
ATOM   527 C  C4    . DC  B 1 9  ? 11.27349  -3.20330  11.15785  1.000 94.91990  ? 9   DC  B C4    1 
ATOM   528 N  N4    . DC  B 1 9  ? 10.87045  -3.01419  12.41903  1.000 96.60979  ? 9   DC  B N4    1 
ATOM   529 C  C5    . DC  B 1 9  ? 12.37644  -4.06103  10.87736  1.000 95.32275  ? 9   DC  B C5    1 
ATOM   530 C  C6    . DC  B 1 9  ? 12.73777  -4.21366  9.59926   1.000 93.84704  ? 9   DC  B C6    1 
ATOM   531 P  P     . DG  B 1 10 ? 11.53322  -4.81519  3.17675   1.000 67.21512  ? 10  DG  B P     1 
ATOM   532 O  OP1   . DG  B 1 10 ? 11.00159  -6.03677  3.82444   1.000 62.83818  ? 10  DG  B OP1   1 
ATOM   533 O  OP2   . DG  B 1 10 ? 12.99425  -4.65456  3.01528   1.000 64.83917  ? 10  DG  B OP2   1 
ATOM   534 O  "O5'" . DG  B 1 10 ? 10.84315  -4.78566  1.73368   1.000 54.67165  ? 10  DG  B "O5'" 1 
ATOM   535 C  "C5'" . DG  B 1 10 ? 10.90758  -5.93604  0.93908   1.000 51.03159  ? 10  DG  B "C5'" 1 
ATOM   536 C  "C4'" . DG  B 1 10 ? 9.80485   -5.98694  -0.09885  1.000 43.82748  ? 10  DG  B "C4'" 1 
ATOM   537 O  "O4'" . DG  B 1 10 ? 8.68951   -5.15528  0.25259   1.000 42.98603  ? 10  DG  B "O4'" 1 
ATOM   538 C  "C3'" . DG  B 1 10 ? 10.18936  -5.49248  -1.46453  1.000 43.97302  ? 10  DG  B "C3'" 1 
ATOM   539 O  "O3'" . DG  B 1 10 ? 10.94553  -6.49520  -2.11956  1.000 42.50401  ? 10  DG  B "O3'" 1 
ATOM   540 C  "C2'" . DG  B 1 10 ? 8.81873   -5.29504  -2.11829  1.000 40.72395  ? 10  DG  B "C2'" 1 
ATOM   541 C  "C1'" . DG  B 1 10 ? 7.89671   -5.01663  -0.90907  1.000 40.76058  ? 10  DG  B "C1'" 1 
ATOM   542 N  N9    . DG  B 1 10 ? 7.30287   -3.68499  -0.91199  1.000 41.68375  ? 10  DG  B N9    1 
ATOM   543 C  C8    . DG  B 1 10 ? 7.47344   -2.71354  0.03386   1.000 38.08755  ? 10  DG  B C8    1 
ATOM   544 N  N7    . DG  B 1 10 ? 6.81171   -1.61452  -0.22121  1.000 36.71443  ? 10  DG  B N7    1 
ATOM   545 C  C5    . DG  B 1 10 ? 6.17129   -1.87448  -1.41947  1.000 36.20845  ? 10  DG  B C5    1 
ATOM   546 C  C6    . DG  B 1 10 ? 5.31662   -1.05390  -2.18639  1.000 38.13770  ? 10  DG  B C6    1 
ATOM   547 O  O6    . DG  B 1 10 ? 4.95138   0.11377   -1.94400  1.000 35.71321  ? 10  DG  B O6    1 
ATOM   548 N  N1    . DG  B 1 10 ? 4.87673   -1.70120  -3.34077  1.000 33.61130  ? 10  DG  B N1    1 
ATOM   549 C  C2    . DG  B 1 10 ? 5.22100   -2.99103  -3.69508  1.000 36.51038  ? 10  DG  B C2    1 
ATOM   550 N  N2    . DG  B 1 10 ? 4.70871   -3.44876  -4.84239  1.000 34.17719  ? 10  DG  B N2    1 
ATOM   551 N  N3    . DG  B 1 10 ? 6.02315   -3.76740  -2.97776  1.000 36.44913  ? 10  DG  B N3    1 
ATOM   552 C  C4    . DG  B 1 10 ? 6.45981   -3.14997  -1.86045  1.000 39.73082  ? 10  DG  B C4    1 
ATOM   553 P  P     . DG  B 1 11 ? 11.93893  -6.10194  -3.30873  1.000 44.92319  ? 11  DG  B P     1 
ATOM   554 O  OP1   . DG  B 1 11 ? 12.91926  -7.19575  -3.48894  1.000 47.83000  ? 11  DG  B OP1   1 
ATOM   555 O  OP2   . DG  B 1 11 ? 12.39410  -4.70533  -3.08401  1.000 44.70380  ? 11  DG  B OP2   1 
ATOM   556 O  "O5'" . DG  B 1 11 ? 10.99235  -6.07070  -4.57917  1.000 40.77097  ? 11  DG  B "O5'" 1 
ATOM   557 C  "C5'" . DG  B 1 11 ? 10.24198  -7.21553  -4.94161  1.000 42.21804  ? 11  DG  B "C5'" 1 
ATOM   558 C  "C4'" . DG  B 1 11 ? 9.54752   -6.98060  -6.26547  1.000 41.31166  ? 11  DG  B "C4'" 1 
ATOM   559 O  "O4'" . DG  B 1 11 ? 8.60200   -5.89530  -6.12076  1.000 41.58187  ? 11  DG  B "O4'" 1 
ATOM   560 C  "C3'" . DG  B 1 11 ? 10.45434  -6.55390  -7.41283  1.000 40.55977  ? 11  DG  B "C3'" 1 
ATOM   561 O  "O3'" . DG  B 1 11 ? 9.84718   -6.90716  -8.64335  1.000 41.77623  ? 11  DG  B "O3'" 1 
ATOM   562 C  "C2'" . DG  B 1 11 ? 10.47593  -5.03475  -7.24190  1.000 42.33612  ? 11  DG  B "C2'" 1 
ATOM   563 C  "C1'" . DG  B 1 11 ? 9.01997   -4.79017  -6.89965  1.000 40.26218  ? 11  DG  B "C1'" 1 
ATOM   564 N  N9    . DG  B 1 11 ? 8.76970   -3.58395  -6.12441  1.000 38.59176  ? 11  DG  B N9    1 
ATOM   565 C  C8    . DG  B 1 11 ? 9.35560   -3.21262  -4.93894  1.000 40.72225  ? 11  DG  B C8    1 
ATOM   566 N  N7    . DG  B 1 11 ? 8.88937   -2.08381  -4.46499  1.000 38.69770  ? 11  DG  B N7    1 
ATOM   567 C  C5    . DG  B 1 11 ? 7.92817   -1.69790  -5.39400  1.000 40.20691  ? 11  DG  B C5    1 
ATOM   568 C  C6    . DG  B 1 11 ? 7.08341   -0.55735  -5.43173  1.000 41.56869  ? 11  DG  B C6    1 
ATOM   569 O  O6    . DG  B 1 11 ? 7.01211   0.37760   -4.61559  1.000 39.53452  ? 11  DG  B O6    1 
ATOM   570 N  N1    . DG  B 1 11 ? 6.25869   -0.56387  -6.55989  1.000 36.00538  ? 11  DG  B N1    1 
ATOM   571 C  C2    . DG  B 1 11 ? 6.25184   -1.56046  -7.52085  1.000 37.64566  ? 11  DG  B C2    1 
ATOM   572 N  N2    . DG  B 1 11 ? 5.40418   -1.40873  -8.54564  1.000 38.75484  ? 11  DG  B N2    1 
ATOM   573 N  N3    . DG  B 1 11 ? 7.04391   -2.60808  -7.49559  1.000 40.43983  ? 11  DG  B N3    1 
ATOM   574 C  C4    . DG  B 1 11 ? 7.84128   -2.62199  -6.40955  1.000 38.60163  ? 11  DG  B C4    1 
ATOM   575 P  P     . DT  B 1 12 ? 9.78934   -8.44447  -9.12209  1.000 44.76038  ? 12  DT  B P     1 
ATOM   576 O  OP1   . DT  B 1 12 ? 10.98607  -9.16072  -8.63667  1.000 45.60761  ? 12  DT  B OP1   1 
ATOM   577 O  OP2   . DT  B 1 12 ? 9.47752   -8.38593  -10.56342 1.000 47.96671  ? 12  DT  B OP2   1 
ATOM   578 O  "O5'" . DT  B 1 12 ? 8.50286   -9.01895  -8.39039  1.000 43.58900  ? 12  DT  B "O5'" 1 
ATOM   579 C  "C5'" . DT  B 1 12 ? 7.24383   -8.43345  -8.62984  1.000 46.72882  ? 12  DT  B "C5'" 1 
ATOM   580 C  "C4'" . DT  B 1 12 ? 6.13070   -9.31716  -8.10604  1.000 46.72639  ? 12  DT  B "C4'" 1 
ATOM   581 O  "O4'" . DT  B 1 12 ? 6.06143   -10.52879 -8.89897  1.000 47.99946  ? 12  DT  B "O4'" 1 
ATOM   582 C  "C3'" . DT  B 1 12 ? 6.28630   -9.77879  -6.66273  1.000 45.89000  ? 12  DT  B "C3'" 1 
ATOM   583 O  "O3'" . DT  B 1 12 ? 5.00476   -9.94658  -6.10494  1.000 48.41443  ? 12  DT  B "O3'" 1 
ATOM   584 C  "C2'" . DT  B 1 12 ? 6.99363   -11.12180 -6.82420  1.000 46.71993  ? 12  DT  B "C2'" 1 
ATOM   585 C  "C1'" . DT  B 1 12 ? 6.31895   -11.65182 -8.07950  1.000 49.79348  ? 12  DT  B "C1'" 1 
ATOM   586 N  N1    . DT  B 1 12 ? 7.14448   -12.63577 -8.85478  1.000 45.63055  ? 12  DT  B N1    1 
ATOM   587 C  C2    . DT  B 1 12 ? 6.84665   -13.97582 -8.76295  1.000 51.04970  ? 12  DT  B C2    1 
ATOM   588 O  O2    . DT  B 1 12 ? 5.94446   -14.40754 -8.08065  1.000 55.71529  ? 12  DT  B O2    1 
ATOM   589 N  N3    . DT  B 1 12 ? 7.63982   -14.79270 -9.50487  1.000 50.87766  ? 12  DT  B N3    1 
ATOM   590 C  C4    . DT  B 1 12 ? 8.68862   -14.43012 -10.32153 1.000 49.32595  ? 12  DT  B C4    1 
ATOM   591 O  O4    . DT  B 1 12 ? 9.34275   -15.25606 -10.96492 1.000 51.43695  ? 12  DT  B O4    1 
ATOM   592 C  C5    . DT  B 1 12 ? 8.95177   -13.01287 -10.38082 1.000 48.76666  ? 12  DT  B C5    1 
ATOM   593 C  C7    . DT  B 1 12 ? 10.06256  -12.49445 -11.23530 1.000 51.30836  ? 12  DT  B C7    1 
ATOM   594 C  C6    . DT  B 1 12 ? 8.17526   -12.19309 -9.65146  1.000 47.86973  ? 12  DT  B C6    1 
ATOM   595 P  P     . DG  B 1 13 ? 4.62367   -9.31849  -4.67751  1.000 48.26679  ? 13  DG  B P     1 
ATOM   596 O  OP1   . DG  B 1 13 ? 5.62603   -8.31202  -4.24907  1.000 44.56820  ? 13  DG  B OP1   1 
ATOM   597 O  OP2   . DG  B 1 13 ? 4.27870   -10.48633 -3.83207  1.000 49.32557  ? 13  DG  B OP2   1 
ATOM   598 O  "O5'" . DG  B 1 13 ? 3.28460   -8.53834  -4.96748  1.000 43.60929  ? 13  DG  B "O5'" 1 
ATOM   599 C  "C5'" . DG  B 1 13 ? 2.16239   -9.24338  -5.40678  1.000 46.98826  ? 13  DG  B "C5'" 1 
ATOM   600 C  "C4'" . DG  B 1 13 ? 1.21772   -8.27370  -6.03473  1.000 43.77851  ? 13  DG  B "C4'" 1 
ATOM   601 O  "O4'" . DG  B 1 13 ? 0.79119   -7.32262  -5.02019  1.000 43.06636  ? 13  DG  B "O4'" 1 
ATOM   602 C  "C3'" . DG  B 1 13 ? 1.86016   -7.46340  -7.15296  1.000 41.18054  ? 13  DG  B "C3'" 1 
ATOM   603 O  "O3'" . DG  B 1 13 ? 1.06148   -7.51606  -8.29826  1.000 44.50058  ? 13  DG  B "O3'" 1 
ATOM   604 C  "C2'" . DG  B 1 13 ? 1.95516   -6.04223  -6.58973  1.000 37.46664  ? 13  DG  B "C2'" 1 
ATOM   605 C  "C1'" . DG  B 1 13 ? 0.86552   -6.02764  -5.53080  1.000 38.92100  ? 13  DG  B "C1'" 1 
ATOM   606 N  N9    . DG  B 1 13 ? 1.17436   -5.10057  -4.43986  1.000 33.88451  ? 13  DG  B N9    1 
ATOM   607 C  C8    . DG  B 1 13 ? 2.01437   -5.30741  -3.36864  1.000 34.62436  ? 13  DG  B C8    1 
ATOM   608 N  N7    . DG  B 1 13 ? 2.11384   -4.24996  -2.57594  1.000 36.57436  ? 13  DG  B N7    1 
ATOM   609 C  C5    . DG  B 1 13 ? 1.28998   -3.30186  -3.17084  1.000 32.44902  ? 13  DG  B C5    1 
ATOM   610 C  C6    . DG  B 1 13 ? 0.98886   -1.95568  -2.76590  1.000 32.02228  ? 13  DG  B C6    1 
ATOM   611 O  O6    . DG  B 1 13 ? 1.41492   -1.34770  -1.77028  1.000 32.88527  ? 13  DG  B O6    1 
ATOM   612 N  N1    . DG  B 1 13 ? 0.10262   -1.33594  -3.66370  1.000 34.08280  ? 13  DG  B N1    1 
ATOM   613 C  C2    . DG  B 1 13 ? -0.42140  -1.95029  -4.79878  1.000 35.91159  ? 13  DG  B C2    1 
ATOM   614 N  N2    . DG  B 1 13 ? -1.26598  -1.22911  -5.55862  1.000 36.61844  ? 13  DG  B N2    1 
ATOM   615 N  N3    . DG  B 1 13 ? -0.14110  -3.19804  -5.17143  1.000 38.49652  ? 13  DG  B N3    1 
ATOM   616 C  C4    . DG  B 1 13 ? 0.71382   -3.80480  -4.31654  1.000 36.55870  ? 13  DG  B C4    1 
ATOM   617 P  P     . DG  B 1 14 ? 1.67375   -7.08232  -9.72094  1.000 51.94458  ? 14  DG  B P     1 
ATOM   618 O  OP1   . DG  B 1 14 ? 0.90717   -7.75813  -10.77959 1.000 51.05039  ? 14  DG  B OP1   1 
ATOM   619 O  OP2   . DG  B 1 14 ? 3.14044   -7.21644  -9.66819  1.000 48.87001  ? 14  DG  B OP2   1 
ATOM   620 O  "O5'" . DG  B 1 14 ? 1.27386   -5.54596  -9.79806  1.000 46.57121  ? 14  DG  B "O5'" 1 
ATOM   621 C  "C5'" . DG  B 1 14 ? -0.09864  -5.21891  -9.88696  1.000 43.73770  ? 14  DG  B "C5'" 1 
ATOM   622 C  "C4'" . DG  B 1 14 ? -0.29118  -3.80956  -10.38853 1.000 41.29241  ? 14  DG  B "C4'" 1 
ATOM   623 O  "O4'" . DG  B 1 14 ? -0.13156  -2.87732  -9.28567  1.000 40.53157  ? 14  DG  B "O4'" 1 
ATOM   624 C  "C3'" . DG  B 1 14 ? 0.67949   -3.35893  -11.46955 1.000 40.09573  ? 14  DG  B "C3'" 1 
ATOM   625 O  "O3'" . DG  B 1 14 ? -0.02460  -2.51190  -12.36550 1.000 42.03991  ? 14  DG  B "O3'" 1 
ATOM   626 C  "C2'" . DG  B 1 14 ? 1.75521   -2.61564  -10.66401 1.000 38.91579  ? 14  DG  B "C2'" 1 
ATOM   627 C  "C1'" . DG  B 1 14 ? 0.91501   -1.98075  -9.56244  1.000 38.03628  ? 14  DG  B "C1'" 1 
ATOM   628 N  N9    . DG  B 1 14 ? 1.61605   -1.73234  -8.31071  1.000 37.63727  ? 14  DG  B N9    1 
ATOM   629 C  C8    . DG  B 1 14 ? 2.36722   -2.61140  -7.56792  1.000 35.09102  ? 14  DG  B C8    1 
ATOM   630 N  N7    . DG  B 1 14 ? 2.83240   -2.08800  -6.46186  1.000 35.28226  ? 14  DG  B N7    1 
ATOM   631 C  C5    . DG  B 1 14 ? 2.32749   -0.79819  -6.46540  1.000 32.51933  ? 14  DG  B C5    1 
ATOM   632 C  C6    . DG  B 1 14 ? 2.49019   0.24220   -5.52075  1.000 35.79678  ? 14  DG  B C6    1 
ATOM   633 O  O6    . DG  B 1 14 ? 3.11964   0.21492   -4.47142  1.000 35.19475  ? 14  DG  B O6    1 
ATOM   634 N  N1    . DG  B 1 14 ? 1.81380   1.39810   -5.90324  1.000 35.29875  ? 14  DG  B N1    1 
ATOM   635 C  C2    . DG  B 1 14 ? 1.07976   1.52767   -7.05597  1.000 35.62042  ? 14  DG  B C2    1 
ATOM   636 N  N2    . DG  B 1 14 ? 0.49728   2.70772   -7.26018  1.000 36.60956  ? 14  DG  B N2    1 
ATOM   637 N  N3    . DG  B 1 14 ? 0.91433   0.55103   -7.95363  1.000 35.82285  ? 14  DG  B N3    1 
ATOM   638 C  C4    . DG  B 1 14 ? 1.56811   -0.57251  -7.58736  1.000 33.57676  ? 14  DG  B C4    1 
ATOM   639 P  P     . DG  B 1 15 ? 0.69212   -1.80506  -13.61864 1.000 48.16375  ? 15  DG  B P     1 
ATOM   640 O  OP1   . DG  B 1 15 ? -0.29972  -1.77759  -14.70634 1.000 48.01807  ? 15  DG  B OP1   1 
ATOM   641 O  OP2   . DG  B 1 15 ? 2.02997   -2.39181  -13.83159 1.000 49.97260  ? 15  DG  B OP2   1 
ATOM   642 O  "O5'" . DG  B 1 15 ? 0.89816   -0.30214  -13.13242 1.000 47.29265  ? 15  DG  B "O5'" 1 
ATOM   643 C  "C5'" . DG  B 1 15 ? -0.20706  0.58614   -13.11687 1.000 47.08043  ? 15  DG  B "C5'" 1 
ATOM   644 C  "C4'" . DG  B 1 15 ? 0.26045   2.02583   -13.04011 1.000 49.17103  ? 15  DG  B "C4'" 1 
ATOM   645 O  "O4'" . DG  B 1 15 ? 0.77576   2.31306   -11.71298 1.000 46.88183  ? 15  DG  B "O4'" 1 
ATOM   646 C  "C3'" . DG  B 1 15 ? 1.37337   2.39397   -14.01154 1.000 51.30596  ? 15  DG  B "C3'" 1 
ATOM   647 O  "O3'" . DG  B 1 15 ? 1.17021   3.71262   -14.48608 1.000 54.86788  ? 15  DG  B "O3'" 1 
ATOM   648 C  "C2'" . DG  B 1 15 ? 2.62213   2.30008   -13.14656 1.000 49.48871  ? 15  DG  B "C2'" 1 
ATOM   649 C  "C1'" . DG  B 1 15 ? 2.09354   2.81091   -11.81445 1.000 44.98171  ? 15  DG  B "C1'" 1 
ATOM   650 N  N9    . DG  B 1 15 ? 2.83802   2.33131   -10.66094 1.000 40.91168  ? 15  DG  B N9    1 
ATOM   651 C  C8    . DG  B 1 15 ? 3.25809   1.04969   -10.41925 1.000 41.87280  ? 15  DG  B C8    1 
ATOM   652 N  N7    . DG  B 1 15 ? 3.89104   0.91576   -9.28862  1.000 39.37941  ? 15  DG  B N7    1 
ATOM   653 C  C5    . DG  B 1 15 ? 3.86136   2.18536   -8.73115  1.000 39.21493  ? 15  DG  B C5    1 
ATOM   654 C  C6    . DG  B 1 15 ? 4.38676   2.64718   -7.50530  1.000 38.01454  ? 15  DG  B C6    1 
ATOM   655 O  O6    . DG  B 1 15 ? 4.99106   2.00055   -6.64746  1.000 35.00178  ? 15  DG  B O6    1 
ATOM   656 N  N1    . DG  B 1 15 ? 4.15003   4.00671   -7.32511  1.000 38.10736  ? 15  DG  B N1    1 
ATOM   657 C  C2    . DG  B 1 15 ? 3.48841   4.81003   -8.22394  1.000 42.23697  ? 15  DG  B C2    1 
ATOM   658 N  N2    . DG  B 1 15 ? 3.35265   6.09818   -7.88643  1.000 38.46409  ? 15  DG  B N2    1 
ATOM   659 N  N3    . DG  B 1 15 ? 2.99140   4.38664   -9.37262  1.000 41.20270  ? 15  DG  B N3    1 
ATOM   660 C  C4    . DG  B 1 15 ? 3.21953   3.06706   -9.56092  1.000 42.51983  ? 15  DG  B C4    1 
ATOM   661 P  P     . DT  B 1 16 ? 1.72411   4.14171   -15.93011 1.000 60.95003  ? 16  DT  B P     1 
ATOM   662 O  OP1   . DT  B 1 16 ? 1.05961   5.41604   -16.28691 1.000 62.55124  ? 16  DT  B OP1   1 
ATOM   663 O  OP2   . DT  B 1 16 ? 1.60011   2.97788   -16.83921 1.000 62.35803  ? 16  DT  B OP2   1 
ATOM   664 O  "O5'" . DT  B 1 16 ? 3.28924   4.38731   -15.68635 1.000 57.36051  ? 16  DT  B "O5'" 1 
ATOM   665 C  "C5'" . DT  B 1 16 ? 3.82557   5.72603   -15.62833 1.000 52.16917  ? 16  DT  B "C5'" 1 
ATOM   666 C  "C4'" . DT  B 1 16 ? 3.52772   6.39997   -14.29955 1.000 52.40326  ? 16  DT  B "C4'" 1 
ATOM   667 O  "O4'" . DT  B 1 16 ? 3.81063   5.48861   -13.19726 1.000 53.19865  ? 16  DT  B "O4'" 1 
ATOM   668 C  "C3'" . DT  B 1 16 ? 4.35995   7.65061   -14.02561 1.000 50.91780  ? 16  DT  B "C3'" 1 
ATOM   669 O  "O3'" . DT  B 1 16 ? 3.56533   8.62596   -13.34388 1.000 55.00178  ? 16  DT  B "O3'" 1 
ATOM   670 C  "C2'" . DT  B 1 16 ? 5.48499   7.11428   -13.13755 1.000 49.46658  ? 16  DT  B "C2'" 1 
ATOM   671 C  "C1'" . DT  B 1 16 ? 4.72661   6.09614   -12.30607 1.000 50.08077  ? 16  DT  B "C1'" 1 
ATOM   672 N  N1    . DT  B 1 16 ? 5.58117   5.02028   -11.66526 1.000 47.60528  ? 16  DT  B N1    1 
ATOM   673 C  C2    . DT  B 1 16 ? 6.24383   5.28872   -10.48220 1.000 48.41001  ? 16  DT  B C2    1 
ATOM   674 O  O2    . DT  B 1 16 ? 6.21090   6.37208   -9.92634  1.000 48.40679  ? 16  DT  B O2    1 
ATOM   675 N  N3    . DT  B 1 16 ? 6.96589   4.23639   -9.97469  1.000 47.61581  ? 16  DT  B N3    1 
ATOM   676 C  C4    . DT  B 1 16 ? 7.07987   2.97188   -10.51361 1.000 48.33031  ? 16  DT  B C4    1 
ATOM   677 O  O4    . DT  B 1 16 ? 7.74308   2.09345   -9.97926  1.000 52.47665  ? 16  DT  B O4    1 
ATOM   678 C  C5    . DT  B 1 16 ? 6.35675   2.75274   -11.74448 1.000 47.40558  ? 16  DT  B C5    1 
ATOM   679 C  C7    . DT  B 1 16 ? 6.40762   1.41183   -12.42293 1.000 45.36708  ? 16  DT  B C7    1 
ATOM   680 C  C6    . DT  B 1 16 ? 5.64896   3.77512   -12.25259 1.000 46.67567  ? 16  DT  B C6    1 
HETATM 681 K  K     . K   C 2 .  ? -5.29271  -1.76981  3.79302   1.000 28.92699  ? 101 K   A K     1 
HETATM 682 K  K     . K   D 2 .  ? -2.61814  -0.67896  1.75878   1.000 30.88570  ? 102 K   A K     1 
HETATM 683 K  K     . K   E 2 .  ? -0.07590  0.22855   -0.04618  1.000 29.98228  ? 103 K   A K     1 
HETATM 684 SR SR    . SR  F 3 .  ? 4.04512   4.18933   8.10775   1.000 56.21166  ? 104 SR  A SR    1 
HETATM 685 SR SR    . SR  G 3 .  ? -4.78465  8.62418   -2.65612  1.000 54.98470  ? 105 SR  A SR    1 
HETATM 686 SR SR    . SR  H 3 .  ? -11.20057 5.52407   9.65265   1.000 111.94492 ? 106 SR  A SR    1 
HETATM 687 SR SR    . SR  I 3 .  ? -2.74341  1.30354   18.99882  1.000 92.47657  ? 107 SR  A SR    1 
HETATM 688 K  K     . K   J 2 .  ? 2.47215   1.20698   -1.87201  1.000 31.51582  ? 101 K   B K     1 
HETATM 689 K  K     . K   K 2 .  ? 5.12229   2.22790   -3.92021  1.000 30.30579  ? 102 K   B K     1 
HETATM 690 O  O     . HOH L 4 .  ? -12.01153 -4.18113  -1.11843  1.000 45.01070  ? 201 HOH A O     1 
HETATM 691 O  O     . HOH L 4 .  ? -4.06968  -10.26074 1.32953   1.000 43.10110  ? 202 HOH A O     1 
HETATM 692 O  O     . HOH L 4 .  ? -4.23038  5.89580   7.57680   1.000 43.59164  ? 203 HOH A O     1 
HETATM 693 O  O     . HOH L 4 .  ? -6.68840  6.69850   6.37911   1.000 44.87979  ? 204 HOH A O     1 
HETATM 694 O  O     . HOH L 4 .  ? -7.80887  -12.65028 2.23638   1.000 50.16138  ? 205 HOH A O     1 
HETATM 695 O  O     . HOH L 4 .  ? -5.24437  -8.75157  -1.12210  1.000 40.99307  ? 206 HOH A O     1 
HETATM 696 O  O     . HOH L 4 .  ? -0.80645  4.80462   7.61467   1.000 41.23925  ? 207 HOH A O     1 
HETATM 697 O  O     . HOH L 4 .  ? -4.80538  -6.33437  -3.76669  1.000 39.27131  ? 208 HOH A O     1 
HETATM 698 O  O     . HOH L 4 .  ? 5.02172   -6.84076  0.19435   1.000 38.53183  ? 209 HOH A O     1 
HETATM 699 O  O     . HOH L 4 .  ? -3.67339  -10.72048 7.54252   1.000 43.11230  ? 210 HOH A O     1 
HETATM 700 O  O     . HOH L 4 .  ? 4.17771   1.62213   6.93090   1.000 41.24432  ? 211 HOH A O     1 
HETATM 701 O  O     . HOH L 4 .  ? -6.58749  -10.56743 3.01298   1.000 45.93629  ? 212 HOH A O     1 
HETATM 702 O  O     . HOH L 4 .  ? -10.98868 -0.60690  -2.37806  1.000 52.33884  ? 213 HOH A O     1 
HETATM 703 O  O     . HOH L 4 .  ? -2.56922  -13.88062 5.28725   1.000 54.29395  ? 214 HOH A O     1 
HETATM 704 O  O     . HOH L 4 .  ? -2.87347  -2.24827  12.31315  1.000 47.65131  ? 215 HOH A O     1 
HETATM 705 O  O     . HOH L 4 .  ? -4.89694  -10.46559 5.31318   1.000 43.38423  ? 216 HOH A O     1 
HETATM 706 O  O     . HOH L 4 .  ? -7.31410  5.09042   -1.96183  1.000 43.03479  ? 217 HOH A O     1 
HETATM 707 O  O     . HOH L 4 .  ? -9.12724  1.52701   -3.56244  1.000 50.70973  ? 218 HOH A O     1 
HETATM 708 O  O     . HOH L 4 .  ? -9.22373  -9.07986  4.22261   1.000 53.81659  ? 219 HOH A O     1 
HETATM 709 O  O     . HOH L 4 .  ? -8.80909  3.72168   -4.89043  1.000 55.58608  ? 220 HOH A O     1 
HETATM 710 O  O     . HOH L 4 .  ? 0.38851   -12.25148 -5.31234  1.000 62.58498  ? 221 HOH A O     1 
HETATM 711 O  O     . HOH M 4 .  ? 3.27827   10.03405  -0.86312  1.000 43.11091  ? 201 HOH B O     1 
HETATM 712 O  O     . HOH M 4 .  ? 5.23752   -6.52704  -2.43529  1.000 37.90161  ? 202 HOH B O     1 
HETATM 713 O  O     . HOH M 4 .  ? 0.00371   9.16816   -1.92694  1.000 42.32460  ? 203 HOH B O     1 
HETATM 714 O  O     . HOH M 4 .  ? 4.79189   -5.40219  -8.64172  1.000 41.78375  ? 204 HOH B O     1 
HETATM 715 O  O     . HOH M 4 .  ? 5.79738   -6.12772  -5.76656  1.000 39.93807  ? 205 HOH B O     1 
HETATM 716 O  O     . HOH M 4 .  ? -0.74294  6.26730   -14.47026 1.000 62.30118  ? 206 HOH B O     1 
HETATM 717 O  O     . HOH M 4 .  ? -4.63895  -4.81077  -5.47820  1.000 39.72637  ? 207 HOH B O     1 
HETATM 718 O  O     . HOH M 4 .  ? 12.11443  -9.63518  -2.34403  1.000 50.58754  ? 208 HOH B O     1 
HETATM 719 O  O     . HOH M 4 .  ? 10.76061  -1.26957  1.25920   1.000 51.38107  ? 209 HOH B O     1 
HETATM 720 O  O     . HOH M 4 .  ? 5.33744   -2.48084  -11.41820 1.000 38.88831  ? 210 HOH B O     1 
HETATM 721 O  O     . HOH M 4 .  ? 9.00895   -0.48044  5.69408   1.000 58.78886  ? 211 HOH B O     1 
HETATM 722 O  O     . HOH M 4 .  ? 2.55124   8.22322   -10.15063 1.000 48.27223  ? 212 HOH B O     1 
HETATM 723 O  O     . HOH M 4 .  ? -4.82959  6.18884   -3.74989  1.000 41.49756  ? 213 HOH B O     1 
HETATM 724 O  O     . HOH M 4 .  ? -0.29161  -5.35298  -14.50265 1.000 55.92296  ? 214 HOH B O     1 
HETATM 725 O  O     . HOH M 4 .  ? 7.45448   -5.51843  -11.83929 1.000 56.84504  ? 215 HOH B O     1 
HETATM 726 O  O     . HOH M 4 .  ? 13.65358  -5.69427  13.13052  1.000 81.79062  ? 216 HOH B O     1 
HETATM 727 O  O     . HOH M 4 .  ? 7.59981   -15.23096 -3.26145  1.000 58.37784  ? 217 HOH B O     1 
HETATM 728 O  O     . HOH M 4 .  ? 7.20093   -3.32398  -16.82628 1.000 56.07081  ? 218 HOH B O     1 
HETATM 729 O  O     . HOH M 4 .  ? 17.34729  -0.12369  -6.55608  1.000 65.44117  ? 219 HOH B O     1 
HETATM 730 O  O     . HOH M 4 .  ? 10.40726  -10.34690 -18.28125 1.000 63.95883  ? 220 HOH B O     1 
# 
loop_
_atom_site_anisotrop.id 
_atom_site_anisotrop.type_symbol 
_atom_site_anisotrop.pdbx_label_atom_id 
_atom_site_anisotrop.pdbx_label_alt_id 
_atom_site_anisotrop.pdbx_label_comp_id 
_atom_site_anisotrop.pdbx_label_asym_id 
_atom_site_anisotrop.pdbx_label_seq_id 
_atom_site_anisotrop.pdbx_PDB_ins_code 
_atom_site_anisotrop.U[1][1] 
_atom_site_anisotrop.U[2][2] 
_atom_site_anisotrop.U[3][3] 
_atom_site_anisotrop.U[1][2] 
_atom_site_anisotrop.U[1][3] 
_atom_site_anisotrop.U[2][3] 
_atom_site_anisotrop.pdbx_auth_seq_id 
_atom_site_anisotrop.pdbx_auth_comp_id 
_atom_site_anisotrop.pdbx_auth_asym_id 
_atom_site_anisotrop.pdbx_auth_atom_id 
1   O  "O5'" . DG  A 1  ? 0.53115 0.47033 0.61973 0.05061  -0.04842 0.01352  1   DG  A "O5'" 
2   C  "C5'" . DG  A 1  ? 0.55616 0.52485 0.66408 0.05113  -0.05680 0.03489  1   DG  A "C5'" 
3   C  "C4'" . DG  A 1  ? 0.58604 0.57145 0.66060 0.03799  -0.07751 0.04184  1   DG  A "C4'" 
4   O  "O4'" . DG  A 1  ? 0.58698 0.55509 0.62666 0.02459  -0.08309 0.01889  1   DG  A "O4'" 
5   C  "C3'" . DG  A 1  ? 0.60558 0.58546 0.65580 0.03822  -0.07998 0.04869  1   DG  A "C3'" 
6   O  "O3'" . DG  A 1  ? 0.65495 0.66729 0.69065 0.02848  -0.09764 0.06735  1   DG  A "O3'" 
7   C  "C2'" . DG  A 1  ? 0.57548 0.52473 0.58675 0.03089  -0.07820 0.02151  1   DG  A "C2'" 
8   C  "C1'" . DG  A 1  ? 0.56940 0.52077 0.56958 0.01869  -0.08696 0.01060  1   DG  A "C1'" 
9   N  N9    . DG  A 1  ? 0.54885 0.47012 0.52665 0.01682  -0.08148 -0.01187 1   DG  A N9    
10  C  C8    . DG  A 1  ? 0.56734 0.46969 0.50781 0.00566  -0.08530 -0.02458 1   DG  A C8    
11  N  N7    . DG  A 1  ? 0.53257 0.41078 0.46493 0.01085  -0.07752 -0.03775 1   DG  A N7    
12  C  C5    . DG  A 1  ? 0.51711 0.40323 0.47901 0.02252  -0.07069 -0.03625 1   DG  A C5    
13  C  C6    . DG  A 1  ? 0.50202 0.37912 0.46738 0.02978  -0.06368 -0.04574 1   DG  A C6    
14  O  O6    . DG  A 1  ? 0.48112 0.34250 0.42813 0.03146  -0.06234 -0.05236 1   DG  A O6    
15  N  N1    . DG  A 1  ? 0.48199 0.37140 0.47584 0.03509  -0.05683 -0.04601 1   DG  A N1    
16  C  C2    . DG  A 1  ? 0.48070 0.38251 0.50116 0.03720  -0.05341 -0.03596 1   DG  A C2    
17  N  N2    . DG  A 1  ? 0.48012 0.38332 0.52551 0.04129  -0.04128 -0.04138 1   DG  A N2    
18  N  N3    . DG  A 1  ? 0.51926 0.43219 0.54153 0.03499  -0.06045 -0.02083 1   DG  A N3    
19  C  C4    . DG  A 1  ? 0.52047 0.42793 0.51045 0.02585  -0.07069 -0.02278 1   DG  A C4    
20  P  P     . DG  A 2  ? 0.65689 0.67704 0.66785 0.02795  -0.10140 0.08373  2   DG  A P     
21  O  OP1   . DG  A 2  ? 0.70077 0.77003 0.70945 0.01840  -0.12177 0.10911  2   DG  A OP1   
22  O  OP2   . DG  A 2  ? 0.66391 0.66647 0.70171 0.04606  -0.08255 0.09404  2   DG  A OP2   
23  O  "O5'" . DG  A 2  ? 0.62547 0.61647 0.58077 0.01347  -0.10181 0.05441  2   DG  A "O5'" 
24  C  "C5'" . DG  A 2  ? 0.64679 0.63846 0.57105 -0.00657 -0.11372 0.03763  2   DG  A "C5'" 
25  C  "C4'" . DG  A 2  ? 0.64307 0.59692 0.52062 -0.01432 -0.10575 0.01080  2   DG  A "C4'" 
26  O  "O4'" . DG  A 2  ? 0.61874 0.53974 0.50772 -0.00423 -0.09315 -0.00763 2   DG  A "O4'" 
27  C  "C3'" . DG  A 2  ? 0.65465 0.60032 0.51135 -0.00839 -0.09611 0.01420  2   DG  A "C3'" 
28  O  "O3'" . DG  A 2  ? 0.69216 0.62060 0.49640 -0.02453 -0.09481 -0.00518 2   DG  A "O3'" 
29  C  "C2'" . DG  A 2  ? 0.62033 0.53889 0.50151 0.00984  -0.07860 0.00445  2   DG  A "C2'" 
30  C  "C1'" . DG  A 2  ? 0.60095 0.49918 0.47821 0.00577  -0.07909 -0.01612 2   DG  A "C1'" 
31  N  N9    . DG  A 2  ? 0.55385 0.43853 0.45903 0.01985  -0.06916 -0.02361 2   DG  A N9    
32  C  C8    . DG  A 2  ? 0.54141 0.43614 0.48563 0.03063  -0.06412 -0.01528 2   DG  A C8    
33  N  N7    . DG  A 2  ? 0.52113 0.40499 0.47721 0.03698  -0.05717 -0.02775 2   DG  A N7    
34  C  C5    . DG  A 2  ? 0.52537 0.39124 0.45270 0.03436  -0.05745 -0.04038 2   DG  A C5    
35  C  C6    . DG  A 2  ? 0.49077 0.34442 0.41755 0.04108  -0.05252 -0.05107 2   DG  A C6    
36  O  O6    . DG  A 2  ? 0.49092 0.35320 0.43903 0.04728  -0.04983 -0.05362 2   DG  A O6    
37  N  N1    . DG  A 2  ? 0.54683 0.37692 0.44364 0.03909  -0.05000 -0.05861 2   DG  A N1    
38  C  C2    . DG  A 2  ? 0.56222 0.38026 0.42826 0.02693  -0.05155 -0.06167 2   DG  A C2    
39  N  N2    . DG  A 2  ? 0.60114 0.38749 0.43959 0.02484  -0.04345 -0.07310 2   DG  A N2    
40  N  N3    . DG  A 2  ? 0.56976 0.40625 0.43164 0.01680  -0.05959 -0.05339 2   DG  A N3    
41  C  C4    . DG  A 2  ? 0.56589 0.42687 0.46178 0.02347  -0.06247 -0.04021 2   DG  A C4    
42  P  P     . DG  A 3  ? 0.74745 0.68209 0.51235 -0.02985 -0.09026 0.00030  3   DG  A P     
43  O  OP1   . DG  A 3  ? 0.77557 0.74117 0.50476 -0.05529 -0.10915 0.00483  3   DG  A OP1   
44  O  OP2   . DG  A 3  ? 0.73616 0.68100 0.53557 -0.00988 -0.08198 0.02372  3   DG  A OP2   
45  O  "O5'" . DG  A 3  ? 0.76476 0.65300 0.49613 -0.02935 -0.06938 -0.03056 3   DG  A "O5'" 
46  C  "C5'" . DG  A 3  ? 0.74986 0.61012 0.44660 -0.04608 -0.06751 -0.05732 3   DG  A "C5'" 
47  C  "C4'" . DG  A 3  ? 0.76712 0.58167 0.46284 -0.03130 -0.04404 -0.07812 3   DG  A "C4'" 
48  O  "O4'" . DG  A 3  ? 0.69545 0.50923 0.44121 -0.01120 -0.04392 -0.07102 3   DG  A "O4'" 
49  C  "C3'" . DG  A 3  ? 0.76927 0.57415 0.45116 -0.01973 -0.02319 -0.08071 3   DG  A "C3'" 
50  O  "O3'" . DG  A 3  ? 0.82804 0.59229 0.46998 -0.02534 -0.00322 -0.10713 3   DG  A "O3'" 
51  C  "C2'" . DG  A 3  ? 0.71424 0.52146 0.44883 0.00628  -0.01586 -0.07146 3   DG  A "C2'" 
52  C  "C1'" . DG  A 3  ? 0.69055 0.48790 0.44756 0.00824  -0.02490 -0.07584 3   DG  A "C1'" 
53  N  N9    . DG  A 3  ? 0.63782 0.45139 0.44474 0.02487  -0.02793 -0.06423 3   DG  A N9    
54  C  C8    . DG  A 3  ? 0.61621 0.45816 0.45395 0.02726  -0.03676 -0.04679 3   DG  A C8    
55  N  N7    . DG  A 3  ? 0.54711 0.39456 0.42192 0.03889  -0.03470 -0.04529 3   DG  A N7    
56  C  C5    . DG  A 3  ? 0.53265 0.36138 0.40246 0.04640  -0.02703 -0.05822 3   DG  A C5    
57  C  C6    . DG  A 3  ? 0.54983 0.38328 0.44701 0.05827  -0.02458 -0.06035 3   DG  A C6    
58  O  O6    . DG  A 3  ? 0.46013 0.31361 0.38868 0.06071  -0.02807 -0.05638 3   DG  A O6    
59  N  N1    . DG  A 3  ? 0.51461 0.32758 0.39943 0.06687  -0.01608 -0.06774 3   DG  A N1    
60  C  C2    . DG  A 3  ? 0.56516 0.34710 0.41430 0.06310  -0.00663 -0.07684 3   DG  A C2    
61  N  N2    . DG  A 3  ? 0.58124 0.33956 0.42723 0.07579  0.00593  -0.08138 3   DG  A N2    
62  N  N3    . DG  A 3  ? 0.58012 0.35539 0.39821 0.04726  -0.00838 -0.08078 3   DG  A N3    
63  C  C4    . DG  A 3  ? 0.60705 0.41084 0.43771 0.04007  -0.02073 -0.06907 3   DG  A C4    
64  P  P     . DG  A 4  ? 0.91560 0.66603 0.53155 -0.01784 0.02388  -0.11583 4   DG  A P     
65  O  OP1   . DG  A 4  ? 0.95658 0.68110 0.50774 -0.04255 0.03371  -0.14110 4   DG  A OP1   
66  O  OP2   . DG  A 4  ? 0.88631 0.67439 0.52367 -0.00898 0.02033  -0.09090 4   DG  A OP2   
67  O  "O5'" . DG  A 4  ? 0.84497 0.56651 0.49491 0.00937  0.04555  -0.12340 4   DG  A "O5'" 
68  C  "C5'" . DG  A 4  ? 0.87802 0.55387 0.51468 0.00975  0.05878  -0.14362 4   DG  A "C5'" 
69  C  "C4'" . DG  A 4  ? 0.81285 0.47650 0.49071 0.04125  0.07742  -0.13987 4   DG  A "C4'" 
70  O  "O4'" . DG  A 4  ? 0.75966 0.45884 0.48992 0.05381  0.05730  -0.11872 4   DG  A "O4'" 
71  C  "C3'" . DG  A 4  ? 0.80438 0.47471 0.48740 0.05760  0.10240  -0.13951 4   DG  A "C3'" 
72  O  "O3'" . DG  A 4  ? 0.80208 0.44421 0.50399 0.08204  0.12833  -0.14507 4   DG  A "O3'" 
73  C  "C2'" . DG  A 4  ? 0.72148 0.44306 0.45269 0.06700  0.08560  -0.11540 4   DG  A "C2'" 
74  C  "C1'" . DG  A 4  ? 0.68857 0.41355 0.45333 0.07336  0.06711  -0.10794 4   DG  A "C1'" 
75  N  N9    . DG  A 4  ? 0.62508 0.39014 0.42712 0.07300  0.04549  -0.09068 4   DG  A N9    
76  C  C8    . DG  A 4  ? 0.64387 0.43021 0.44148 0.05785  0.02892  -0.08125 4   DG  A C8    
77  N  N7    . DG  A 4  ? 0.56787 0.38049 0.40571 0.06208  0.01682  -0.06883 4   DG  A N7    
78  C  C5    . DG  A 4  ? 0.56381 0.37816 0.43025 0.07797  0.02236  -0.07104 4   DG  A C5    
79  C  C6    . DG  A 4  ? 0.56656 0.40688 0.47464 0.08452  0.01422  -0.06448 4   DG  A C6    
80  O  O6    . DG  A 4  ? 0.53938 0.39837 0.46770 0.07743  0.00390  -0.05851 4   DG  A O6    
81  N  N1    . DG  A 4  ? 0.52385 0.36733 0.44937 0.10052  0.02063  -0.06527 4   DG  A N1    
82  C  C2    . DG  A 4  ? 0.55505 0.37260 0.46423 0.11279  0.03712  -0.07022 4   DG  A C2    
83  N  N2    . DG  A 4  ? 0.55224 0.38056 0.48778 0.13191  0.04202  -0.06382 4   DG  A N2    
84  N  N3    . DG  A 4  ? 0.62392 0.40815 0.49346 0.10639  0.04939  -0.08046 4   DG  A N3    
85  C  C4    . DG  A 4  ? 0.59150 0.37863 0.43916 0.08711  0.03937  -0.08117 4   DG  A C4    
86  P  P     . DT  A 5  ? 0.89745 0.47413 0.55612 0.07886  0.15960  -0.17195 5   DT  A P     
87  O  OP1   . DT  A 5  ? 0.89867 0.46317 0.49425 0.04985  0.16625  -0.19267 5   DT  A OP1   
88  O  OP2   . DT  A 5  ? 0.91144 0.48743 0.61338 0.11231  0.18583  -0.16372 5   DT  A OP2   
89  O  "O5'" . DT  A 5  ? 0.86976 0.42072 0.52869 0.06858  0.14377  -0.17371 5   DT  A "O5'" 
90  C  "C5'" . DT  A 5  ? 0.88275 0.44056 0.58889 0.09152  0.13562  -0.15475 5   DT  A "C5'" 
91  C  "C4'" . DT  A 5  ? 0.91259 0.44373 0.61331 0.07682  0.12663  -0.15739 5   DT  A "C4'" 
92  O  "O4'" . DT  A 5  ? 0.89616 0.38980 0.58976 0.07619  0.15246  -0.16823 5   DT  A "O4'" 
93  C  "C3'" . DT  A 5  ? 0.91908 0.44994 0.58074 0.04012  0.10411  -0.16951 5   DT  A "C3'" 
94  O  "O3'" . DT  A 5  ? 0.95348 0.47982 0.63076 0.03611  0.08810  -0.16065 5   DT  A "O3'" 
95  C  "C2'" . DT  A 5  ? 0.96090 0.46409 0.58489 0.01642  0.12098  -0.19235 5   DT  A "C2'" 
96  C  "C1'" . DT  A 5  ? 0.98999 0.46043 0.64008 0.04018  0.14917  -0.18949 5   DT  A "C1'" 
97  N  N1    . DT  A 5  ? 0.98710 0.43052 0.61039 0.03369  0.17767  -0.20937 5   DT  A N1    
98  C  C2    . DT  A 5  ? 1.04823 0.45193 0.64504 0.01046  0.18926  -0.22798 5   DT  A C2    
99  O  O2    . DT  A 5  ? 1.06670 0.45674 0.66315 -0.00510 0.17823  -0.22814 5   DT  A O2    
100 N  N3    . DT  A 5  ? 1.11597 0.49526 0.68685 0.00548  0.21675  -0.24700 5   DT  A N3    
101 C  C4    . DT  A 5  ? 1.12371 0.51518 0.69227 0.02081  0.23403  -0.24882 5   DT  A C4    
102 O  O4    . DT  A 5  ? 1.19236 0.55852 0.73471 0.01390  0.26024  -0.26760 5   DT  A O4    
103 C  C5    . DT  A 5  ? 1.05059 0.48613 0.64906 0.04400  0.22101  -0.22797 5   DT  A C5    
104 C  C7    . DT  A 5  ? 1.05506 0.50901 0.65602 0.06070  0.24043  -0.22738 5   DT  A C7    
105 C  C6    . DT  A 5  ? 1.01995 0.47806 0.64369 0.04910  0.19376  -0.21003 5   DT  A C6    
106 P  P     . DG  A 6  ? 0.90683 0.48069 0.59484 0.01836  0.05172  -0.14862 6   DG  A P     
107 O  OP1   . DG  A 6  ? 0.84215 0.46810 0.54644 0.02418  0.03883  -0.13648 6   DG  A OP1   
108 O  OP2   . DG  A 6  ? 0.91514 0.46811 0.56680 -0.01684 0.04511  -0.16530 6   DG  A OP2   
109 O  "O5'" . DG  A 6  ? 0.88350 0.46640 0.61387 0.03839  0.04425  -0.12847 6   DG  A "O5'" 
110 C  "C5'" . DG  A 6  ? 0.88753 0.42772 0.62392 0.05667  0.06554  -0.12640 6   DG  A "C5'" 
111 C  "C4'" . DG  A 6  ? 0.81257 0.38713 0.59372 0.08480  0.05795  -0.10144 6   DG  A "C4'" 
112 O  "O4'" . DG  A 6  ? 0.79655 0.40592 0.59057 0.07213  0.03174  -0.09206 6   DG  A "O4'" 
113 C  "C3'" . DG  A 6  ? 0.83342 0.45441 0.64011 0.10139  0.05477  -0.09355 6   DG  A "C3'" 
114 O  "O3'" . DG  A 6  ? 0.83259 0.43425 0.64279 0.12305  0.08166  -0.09565 6   DG  A "O3'" 
115 C  "C2'" . DG  A 6  ? 0.71207 0.37418 0.55544 0.11376  0.03722  -0.07291 6   DG  A "C2'" 
116 C  "C1'" . DG  A 6  ? 0.72408 0.38131 0.55403 0.09067  0.02074  -0.07526 6   DG  A "C1'" 
117 N  N9    . DG  A 6  ? 0.62784 0.32747 0.46704 0.07668  0.00037  -0.07535 6   DG  A N9    
118 C  C8    . DG  A 6  ? 0.64372 0.34928 0.46598 0.05524  -0.00816 -0.08435 6   DG  A C8    
119 N  N7    . DG  A 6  ? 0.64408 0.38980 0.48813 0.05223  -0.02314 -0.07709 6   DG  A N7    
120 C  C5    . DG  A 6  ? 0.56307 0.32826 0.43470 0.06853  -0.02422 -0.06800 6   DG  A C5    
121 C  C6    . DG  A 6  ? 0.52468 0.32771 0.42427 0.07013  -0.03418 -0.06235 6   DG  A C6    
122 O  O6    . DG  A 6  ? 0.51330 0.33534 0.42334 0.06080  -0.04139 -0.06226 6   DG  A O6    
123 N  N1    . DG  A 6  ? 0.51529 0.33384 0.43160 0.08393  -0.03367 -0.05579 6   DG  A N1    
124 C  C2    . DG  A 6  ? 0.57286 0.37551 0.48529 0.09917  -0.02512 -0.04907 6   DG  A C2    
125 N  N2    . DG  A 6  ? 0.56630 0.39848 0.49820 0.11159  -0.02915 -0.03807 6   DG  A N2    
126 N  N3    . DG  A 6  ? 0.57740 0.33823 0.46841 0.10174  -0.01210 -0.05243 6   DG  A N3    
127 C  C4    . DG  A 6  ? 0.58123 0.32421 0.45043 0.08375  -0.01231 -0.06472 6   DG  A C4    
128 P  P     . DG  A 7  ? 0.85018 0.44181 0.69231 0.15805  0.09920  -0.07668 7   DG  A P     
129 O  OP1   . DG  A 7  ? 0.91295 0.46327 0.74564 0.15350  0.10432  -0.07322 7   DG  A OP1   
130 O  OP2   . DG  A 7  ? 0.84989 0.44151 0.70033 0.17331  0.12372  -0.08117 7   DG  A OP2   
131 O  "O5'" . DG  A 7  ? 0.78416 0.44578 0.67073 0.17110  0.07525  -0.05312 7   DG  A "O5'" 
132 C  "C5'" . DG  A 7  ? 0.74019 0.41225 0.65078 0.19021  0.07126  -0.02972 7   DG  A "C5'" 
133 C  "C4'" . DG  A 7  ? 0.69320 0.43939 0.64182 0.19865  0.05067  -0.01313 7   DG  A "C4'" 
134 O  "O4'" . DG  A 7  ? 0.65012 0.42442 0.59142 0.17199  0.02731  -0.02429 7   DG  A "O4'" 
135 C  "C3'" . DG  A 7  ? 0.66200 0.44516 0.64189 0.21616  0.06091  -0.00898 7   DG  A "C3'" 
136 O  "O3'" . DG  A 7  ? 0.65332 0.49205 0.67342 0.23627  0.05101  0.01669  7   DG  A "O3'" 
137 C  "C2'" . DG  A 7  ? 0.61258 0.42210 0.58681 0.19158  0.04789  -0.02580 7   DG  A "C2'" 
138 C  "C1'" . DG  A 7  ? 0.61363 0.43396 0.57807 0.17144  0.02279  -0.02654 7   DG  A "C1'" 
139 N  N9    . DG  A 7  ? 0.57903 0.39825 0.52643 0.14609  0.01299  -0.04233 7   DG  A N9    
140 C  C8    . DG  A 7  ? 0.60867 0.39022 0.52326 0.13154  0.01948  -0.05665 7   DG  A C8    
141 N  N7    . DG  A 7  ? 0.56656 0.36337 0.47738 0.11297  0.00670  -0.06207 7   DG  A N7    
142 C  C5    . DG  A 7  ? 0.51209 0.35119 0.45365 0.11411  -0.00596 -0.05488 7   DG  A C5    
143 C  C6    . DG  A 7  ? 0.50412 0.36782 0.45793 0.09976  -0.01765 -0.05728 7   DG  A C6    
144 O  O6    . DG  A 7  ? 0.48060 0.33690 0.42450 0.08670  -0.02044 -0.06099 7   DG  A O6    
145 N  N1    . DG  A 7  ? 0.48714 0.38800 0.46785 0.10161  -0.02536 -0.05380 7   DG  A N1    
146 C  C2    . DG  A 7  ? 0.47576 0.39763 0.47051 0.11617  -0.02603 -0.04462 7   DG  A C2    
147 N  N2    . DG  A 7  ? 0.48159 0.44693 0.49773 0.11106  -0.03676 -0.04359 7   DG  A N2    
148 N  N3    . DG  A 7  ? 0.51742 0.41967 0.50595 0.13424  -0.01574 -0.03631 7   DG  A N3    
149 C  C4    . DG  A 7  ? 0.52246 0.37905 0.48396 0.13187  -0.00420 -0.04398 7   DG  A C4    
150 P  P     . DG  A 8  ? 0.67253 0.57578 0.73923 0.25232  0.05380  0.02719  8   DG  A P     
151 O  OP1   . DG  A 8  ? 0.68069 0.61780 0.78192 0.28180  0.05295  0.05947  8   DG  A OP1   
152 O  OP2   . DG  A 8  ? 0.68916 0.56799 0.75116 0.25486  0.07908  0.01145  8   DG  A OP2   
153 O  "O5'" . DG  A 8  ? 0.63675 0.59758 0.71209 0.22543  0.02519  0.01935  8   DG  A "O5'" 
154 C  "C5'" . DG  A 8  ? 0.64356 0.65733 0.73574 0.22357  0.00184  0.03448  8   DG  A "C5'" 
155 C  "C4'" . DG  A 8  ? 0.63116 0.69992 0.73953 0.19936  -0.01528 0.02237  8   DG  A "C4'" 
156 O  "O4'" . DG  A 8  ? 0.60680 0.63674 0.68635 0.17463  -0.01507 -0.00176 8   DG  A "O4'" 
157 C  "C3'" . DG  A 8  ? 0.62310 0.73935 0.77194 0.20541  -0.00698 0.02472  8   DG  A "C3'" 
158 O  "O3'" . DG  A 8  ? 0.69434 0.88161 0.86880 0.18722  -0.02757 0.02404  8   DG  A "O3'" 
159 C  "C2'" . DG  A 8  ? 0.57606 0.64858 0.70452 0.19100  0.00776  0.00255  8   DG  A "C2'" 
160 C  "C1'" . DG  A 8  ? 0.54957 0.59905 0.64696 0.16551  -0.00833 -0.01189 8   DG  A "C1'" 
161 N  N9    . DG  A 8  ? 0.51206 0.51133 0.57880 0.15193  -0.00009 -0.02796 8   DG  A N9    
162 C  C8    . DG  A 8  ? 0.48641 0.43171 0.52324 0.15858  0.01553  -0.03234 8   DG  A C8    
163 N  N7    . DG  A 8  ? 0.48095 0.40078 0.49347 0.14067  0.01540  -0.04454 8   DG  A N7    
164 C  C5    . DG  A 8  ? 0.46593 0.41840 0.49658 0.12419  0.00167  -0.04734 8   DG  A C5    
165 C  C6    . DG  A 8  ? 0.47311 0.41743 0.49627 0.10512  -0.00225 -0.05476 8   DG  A C6    
166 O  O6    . DG  A 8  ? 0.47113 0.38589 0.46947 0.09865  0.00162  -0.05747 8   DG  A O6    
167 N  N1    . DG  A 8  ? 0.44231 0.41919 0.49100 0.09265  -0.01089 -0.05804 8   DG  A N1    
168 C  C2    . DG  A 8  ? 0.45995 0.47933 0.53371 0.09401  -0.01855 -0.05628 8   DG  A C2    
169 N  N2    . DG  A 8  ? 0.44278 0.48725 0.53404 0.07512  -0.02473 -0.06550 8   DG  A N2    
170 N  N3    . DG  A 8  ? 0.45119 0.48857 0.53284 0.11215  -0.01914 -0.04544 8   DG  A N3    
171 C  C4    . DG  A 8  ? 0.46452 0.46330 0.52556 0.12846  -0.00726 -0.04057 8   DG  A C4    
172 P  P     . DC  A 9  ? 0.81670 1.08427 1.02799 0.20134  -0.04345 0.05101  9   DC  A P     
173 O  OP1   . DC  A 9  ? 0.81710 1.05774 1.01546 0.22901  -0.04087 0.07509  9   DC  A OP1   
174 O  OP2   . DC  A 9  ? 0.76038 1.08387 1.02096 0.20928  -0.03524 0.05833  9   DC  A OP2   
175 O  "O5'" . DC  A 9  ? 0.79308 1.10432 0.99516 0.16664  -0.07012 0.03723  9   DC  A "O5'" 
176 C  "C5'" . DC  A 9  ? 0.79663 1.05743 0.95697 0.14441  -0.07380 0.01539  9   DC  A "C5'" 
177 C  "C4'" . DC  A 9  ? 0.83657 1.14210 0.98634 0.12147  -0.09635 0.01032  9   DC  A "C4'" 
178 O  "O4'" . DC  A 9  ? 0.93420 1.28255 1.08945 0.14173  -0.10897 0.04115  9   DC  A "O4'" 
179 C  "C3'" . DC  A 9  ? 0.85819 1.11241 0.96585 0.10443  -0.09764 -0.00743 9   DC  A "C3'" 
180 O  "O3'" . DC  A 9  ? 0.84941 1.14471 0.94994 0.07503  -0.11209 -0.02362 9   DC  A "O3'" 
181 C  "C2'" . DC  A 9  ? 0.88274 1.11297 0.97049 0.12883  -0.09830 0.01727  9   DC  A "C2'" 
182 C  "C1'" . DC  A 9  ? 0.97286 1.27667 1.08892 0.14573  -0.11058 0.04644  9   DC  A "C1'" 
183 N  N1    . DC  A 9  ? 1.06338 1.34393 1.18499 0.18392  -0.10034 0.07958  9   DC  A N1    
184 C  C2    . DC  A 9  ? 1.11385 1.43226 1.23454 0.19971  -0.11289 0.11251  9   DC  A C2    
185 O  O2    . DC  A 9  ? 1.09238 1.46859 1.20310 0.17941  -0.13468 0.11207  9   DC  A O2    
186 N  N3    . DC  A 9  ? 1.16709 1.45593 1.29622 0.23637  -0.09881 0.14444  9   DC  A N3    
187 C  C4    . DC  A 9  ? 1.20318 1.42654 1.33784 0.25381  -0.07264 0.13877  9   DC  A C4    
188 N  N4    . DC  A 9  ? 1.25038 1.43849 1.39300 0.28882  -0.05467 0.16789  9   DC  A N4    
189 C  C5    . DC  A 9  ? 1.09896 1.28873 1.22930 0.23548  -0.06190 0.10354  9   DC  A C5    
190 C  C6    . DC  A 9  ? 1.03486 1.25537 1.16050 0.20249  -0.07671 0.07780  9   DC  A C6    
191 P  P     . DG  A 10 ? 0.72438 1.01728 0.83262 0.04148  -0.10630 -0.05745 10  DG  A P     
192 O  OP1   . DG  A 10 ? 0.69311 0.99323 0.77454 0.01507  -0.11406 -0.07683 10  DG  A OP1   
193 O  OP2   . DG  A 10 ? 0.66445 1.00982 0.81329 0.03701  -0.10685 -0.05606 10  DG  A OP2   
194 O  "O5'" . DG  A 10 ? 0.61225 0.82609 0.70987 0.04822  -0.08692 -0.06563 10  DG  A "O5'" 
195 C  "C5'" . DG  A 10 ? 0.55834 0.75832 0.67458 0.03646  -0.07400 -0.07979 10  DG  A "C5'" 
196 C  "C4'" . DG  A 10 ? 0.50644 0.66805 0.60894 0.01467  -0.06615 -0.10254 10  DG  A "C4'" 
197 O  "O4'" . DG  A 10 ? 0.47813 0.59237 0.55250 0.02626  -0.06443 -0.09745 10  DG  A "O4'" 
198 C  "C3'" . DG  A 10 ? 0.47794 0.61238 0.59777 0.00655  -0.04935 -0.11107 10  DG  A "C3'" 
199 O  "O3'" . DG  A 10 ? 0.48047 0.64542 0.62144 -0.02120 -0.04693 -0.12989 10  DG  A "O3'" 
200 C  "C2'" . DG  A 10 ? 0.46709 0.54447 0.56738 0.00691  -0.04047 -0.11575 10  DG  A "C2'" 
201 C  "C1'" . DG  A 10 ? 0.48017 0.54796 0.55362 0.02274  -0.05090 -0.10447 10  DG  A "C1'" 
202 N  N9    . DG  A 10 ? 0.45299 0.48724 0.51430 0.04331  -0.04759 -0.08874 10  DG  A N9    
203 C  C8    . DG  A 10 ? 0.46028 0.49579 0.51243 0.06275  -0.05177 -0.07332 10  DG  A C8    
204 N  N7    . DG  A 10 ? 0.45369 0.45049 0.49099 0.07318  -0.04492 -0.06719 10  DG  A N7    
205 C  C5    . DG  A 10 ? 0.45049 0.42690 0.48859 0.06144  -0.03909 -0.07490 10  DG  A C5    
206 C  C6    . DG  A 10 ? 0.48906 0.43218 0.51344 0.06325  -0.03357 -0.07095 10  DG  A C6    
207 O  O6    . DG  A 10 ? 0.47080 0.39267 0.47515 0.07196  -0.03198 -0.06499 10  DG  A O6    
208 N  N1    . DG  A 10 ? 0.44455 0.38072 0.48014 0.05247  -0.02861 -0.07441 10  DG  A N1    
209 C  C2    . DG  A 10 ? 0.45886 0.40886 0.51543 0.04001  -0.02516 -0.08515 10  DG  A C2    
210 N  N2    . DG  A 10 ? 0.43221 0.36535 0.50084 0.03361  -0.01558 -0.08516 10  DG  A N2    
211 N  N3    . DG  A 10 ? 0.42417 0.40315 0.48885 0.03340  -0.02988 -0.09476 10  DG  A N3    
212 C  C4    . DG  A 10 ? 0.45762 0.45275 0.51263 0.04516  -0.03871 -0.08709 10  DG  A C4    
213 P  P     . DG  A 11 ? 0.46648 0.63745 0.64007 -0.02975 -0.03269 -0.13129 11  DG  A P     
214 O  OP1   . DG  A 11 ? 0.47820 0.69239 0.67270 -0.06261 -0.03440 -0.15207 11  DG  A OP1   
215 O  OP2   . DG  A 11 ? 0.48520 0.66647 0.66672 -0.00281 -0.03231 -0.10828 11  DG  A OP2   
216 O  "O5'" . DG  A 11 ? 0.46717 0.57179 0.63363 -0.03038 -0.01370 -0.13427 11  DG  A "O5'" 
217 C  "C5'" . DG  A 11 ? 0.49242 0.56961 0.65604 -0.05055 -0.00436 -0.15411 11  DG  A "C5'" 
218 C  "C4'" . DG  A 11 ? 0.49171 0.51457 0.66012 -0.04522 0.01526  -0.14676 11  DG  A "C4'" 
219 O  "O4'" . DG  A 11 ? 0.49910 0.49893 0.64629 -0.01871 0.00959  -0.12571 11  DG  A "O4'" 
220 C  "C3'" . DG  A 11 ? 0.49142 0.51395 0.68488 -0.05066 0.03007  -0.13982 11  DG  A "C3'" 
221 O  "O3'" . DG  A 11 ? 0.50876 0.48250 0.71076 -0.05471 0.05110  -0.13757 11  DG  A "O3'" 
222 C  "C2'" . DG  A 11 ? 0.46902 0.49608 0.64973 -0.02383 0.02333  -0.11589 11  DG  A "C2'" 
223 C  "C1'" . DG  A 11 ? 0.48932 0.48308 0.64165 -0.00790 0.01670  -0.10856 11  DG  A "C1'" 
224 N  N9    . DG  A 11 ? 0.44556 0.44287 0.57481 0.01381  0.00501  -0.09473 11  DG  A N9    
225 C  C8    . DG  A 11 ? 0.47501 0.50375 0.60014 0.02255  -0.00730 -0.09359 11  DG  A C8    
226 N  N7    . DG  A 11 ? 0.43747 0.45042 0.54010 0.04168  -0.01082 -0.08166 11  DG  A N7    
227 C  C5    . DG  A 11 ? 0.46390 0.43971 0.55258 0.04270  -0.00386 -0.07577 11  DG  A C5    
228 C  C6    . DG  A 11 ? 0.49068 0.43969 0.55082 0.05420  -0.00475 -0.06581 11  DG  A C6    
229 O  O6    . DG  A 11 ? 0.46713 0.41046 0.50754 0.06587  -0.00830 -0.06297 11  DG  A O6    
230 N  N1    . DG  A 11 ? 0.46993 0.39747 0.52577 0.04986  0.00030  -0.05843 11  DG  A N1    
231 C  C2    . DG  A 11 ? 0.48556 0.40966 0.56492 0.03961  0.00908  -0.05858 11  DG  A C2    
232 N  N2    . DG  A 11 ? 0.44699 0.35206 0.52240 0.04103  0.01361  -0.04414 11  DG  A N2    
233 N  N3    . DG  A 11 ? 0.48891 0.42784 0.59415 0.02779  0.01409  -0.07134 11  DG  A N3    
234 C  C4    . DG  A 11 ? 0.48457 0.45230 0.59145 0.02825  0.00543  -0.08052 11  DG  A C4    
235 P  P     . DT  A 12 ? 0.50862 0.45852 0.72754 -0.08239 0.06991  -0.16331 12  DT  A P     
236 O  OP1   . DT  A 12 ? 0.49268 0.48782 0.72266 -0.11109 0.06408  -0.18841 12  DT  A OP1   
237 O  OP2   . DT  A 12 ? 0.59579 0.49988 0.83291 -0.08011 0.09499  -0.14886 12  DT  A OP2   
238 O  "O5'" . DT  A 12 ? 0.53099 0.45980 0.72890 -0.07461 0.06555  -0.17085 12  DT  A "O5'" 
239 C  "C5'" . DT  A 12 ? 0.59003 0.49062 0.77676 -0.04843 0.06445  -0.14759 12  DT  A "C5'" 
240 C  "C4'" . DT  A 12 ? 0.60410 0.48533 0.78201 -0.04742 0.06796  -0.15919 12  DT  A "C4'" 
241 O  "O4'" . DT  A 12 ? 0.59933 0.44584 0.79857 -0.06455 0.09600  -0.17783 12  DT  A "O4'" 
242 C  "C3'" . DT  A 12 ? 0.57925 0.49394 0.73399 -0.05589 0.05028  -0.17804 12  DT  A "C3'" 
243 O  "O3'" . DT  A 12 ? 0.61878 0.52026 0.75841 -0.04153 0.04684  -0.17213 12  DT  A "O3'" 
244 C  "C2'" . DT  A 12 ? 0.60683 0.52152 0.76993 -0.08757 0.06521  -0.21228 12  DT  A "C2'" 
245 C  "C1'" . DT  A 12 ? 0.63518 0.49348 0.82238 -0.08643 0.09650  -0.21147 12  DT  A "C1'" 
246 N  N1    . DT  A 12 ? 0.59956 0.44147 0.80592 -0.11741 0.11998  -0.23891 12  DT  A N1    
247 C  C2    . DT  A 12 ? 0.67881 0.51000 0.87521 -0.13211 0.13578  -0.26030 12  DT  A C2    
248 O  O2    . DT  A 12 ? 0.74230 0.57143 0.92043 -0.12300 0.13417  -0.26265 12  DT  A O2    
249 N  N3    . DT  A 12 ? 0.64267 0.46670 0.85053 -0.15725 0.15512  -0.27681 12  DT  A N3    
250 C  C4    . DT  A 12 ? 0.60674 0.43385 0.83722 -0.17118 0.16031  -0.27530 12  DT  A C4    
251 O  O4    . DT  A 12 ? 0.69902 0.51867 0.93818 -0.19500 0.17894  -0.29176 12  DT  A O4    
252 C  C5    . DT  A 12 ? 0.61015 0.44856 0.85392 -0.15654 0.14448  -0.25353 12  DT  A C5    
253 C  C7    . DT  A 12 ? 0.60553 0.45104 0.87645 -0.17044 0.15120  -0.24766 12  DT  A C7    
254 C  C6    . DT  A 12 ? 0.59383 0.44323 0.82038 -0.12730 0.12376  -0.23249 12  DT  A C6    
255 P  P     . DG  A 13 ? 0.60065 0.53319 0.71013 -0.03289 0.02206  -0.16764 13  DG  A P     
256 O  OP1   . DG  A 13 ? 0.56724 0.53056 0.67231 -0.02655 0.00490  -0.15526 13  DG  A OP1   
257 O  OP2   . DG  A 13 ? 0.62380 0.56660 0.71986 -0.05102 0.02518  -0.19367 13  DG  A OP2   
258 O  "O5'" . DG  A 13 ? 0.56782 0.47759 0.67274 -0.01090 0.02054  -0.14551 13  DG  A "O5'" 
259 C  "C5'" . DG  A 13 ? 0.61762 0.49772 0.73903 -0.00791 0.03930  -0.14547 13  DG  A "C5'" 
260 C  "C4'" . DG  A 13 ? 0.53527 0.40483 0.66246 0.01218  0.03491  -0.11597 13  DG  A "C4'" 
261 O  "O4'" . DG  A 13 ? 0.56678 0.45392 0.66797 0.01971  0.01350  -0.10675 13  DG  A "O4'" 
262 C  "C3'" . DG  A 13 ? 0.51962 0.38392 0.65685 0.01720  0.03611  -0.09866 13  DG  A "C3'" 
263 O  "O3'" . DG  A 13 ? 0.56417 0.40653 0.72561 0.02721  0.05086  -0.07988 13  DG  A "O3'" 
264 C  "C2'" . DG  A 13 ? 0.48833 0.36936 0.59990 0.02693  0.01439  -0.08373 13  DG  A "C2'" 
265 C  "C1'" . DG  A 13 ? 0.48527 0.37199 0.58161 0.03015  0.00428  -0.08563 13  DG  A "C1'" 
266 N  N9    . DG  A 13 ? 0.45911 0.35961 0.52807 0.03264  -0.01296 -0.08462 13  DG  A N9    
267 C  C8    . DG  A 13 ? 0.46435 0.38185 0.52109 0.02779  -0.01971 -0.09675 13  DG  A C8    
268 N  N7    . DG  A 13 ? 0.44926 0.37087 0.48586 0.03576  -0.03145 -0.08827 13  DG  A N7    
269 C  C5    . DG  A 13 ? 0.41706 0.32271 0.44827 0.04180  -0.03267 -0.07480 13  DG  A C5    
270 C  C6    . DG  A 13 ? 0.46282 0.35976 0.47114 0.04754  -0.04035 -0.06609 13  DG  A C6    
271 O  O6    . DG  A 13 ? 0.44485 0.34088 0.43709 0.05209  -0.04462 -0.06686 13  DG  A O6    
272 N  N1    . DG  A 13 ? 0.47331 0.36200 0.47892 0.04711  -0.04132 -0.05517 13  DG  A N1    
273 C  C2    . DG  A 13 ? 0.48319 0.37406 0.51092 0.04632  -0.03566 -0.04731 13  DG  A C2    
274 N  N2    . DG  A 13 ? 0.46722 0.35941 0.48993 0.04663  -0.04050 -0.03193 13  DG  A N2    
275 N  N3    . DG  A 13 ? 0.48025 0.37202 0.53361 0.04473  -0.02460 -0.05365 13  DG  A N3    
276 C  C4    . DG  A 13 ? 0.46181 0.35985 0.51295 0.04036  -0.02369 -0.07015 13  DG  A C4    
277 P  P     . DG  A 14 ? 0.62672 0.45619 0.80452 0.02988  0.06188  -0.06132 14  DG  A P     
278 O  OP1   . DG  A 14 ? 0.63646 0.43658 0.84851 0.03610  0.08691  -0.05076 14  DG  A OP1   
279 O  OP2   . DG  A 14 ? 0.63698 0.47592 0.81006 0.01478  0.06207  -0.07804 14  DG  A OP2   
280 O  "O5'" . DG  A 14 ? 0.58420 0.42941 0.74176 0.04348  0.04263  -0.03326 14  DG  A "O5'" 
281 C  "C5'" . DG  A 14 ? 0.52280 0.37329 0.68258 0.05563  0.03545  -0.01323 14  DG  A "C5'" 
282 C  "C4'" . DG  A 14 ? 0.50689 0.37283 0.64403 0.06131  0.01949  0.01049  14  DG  A "C4'" 
283 O  "O4'" . DG  A 14 ? 0.52855 0.40731 0.63003 0.05615  0.00093  -0.00294 14  DG  A "O4'" 
284 C  "C3'" . DG  A 14 ? 0.50582 0.36598 0.64176 0.06063  0.02810  0.02315  14  DG  A "C3'" 
285 O  "O3'" . DG  A 14 ? 0.51214 0.38370 0.64226 0.06935  0.02147  0.05581  14  DG  A "O3'" 
286 C  "C2'" . DG  A 14 ? 0.51723 0.38658 0.62268 0.05277  0.01857  0.00428  14  DG  A "C2'" 
287 C  "C1'" . DG  A 14 ? 0.46973 0.35044 0.55015 0.05391  -0.00081 -0.00158 14  DG  A "C1'" 
288 N  N9    . DG  A 14 ? 0.47158 0.35639 0.53300 0.04968  -0.00776 -0.02337 14  DG  A N9    
289 C  C8    . DG  A 14 ? 0.47544 0.36280 0.54795 0.04447  -0.00395 -0.04349 14  DG  A C8    
290 N  N7    . DG  A 14 ? 0.47339 0.36936 0.52669 0.04520  -0.01311 -0.05324 14  DG  A N7    
291 C  C5    . DG  A 14 ? 0.47400 0.36516 0.50093 0.04998  -0.02046 -0.04303 14  DG  A C5    
292 C  C6    . DG  A 14 ? 0.49115 0.37943 0.49095 0.05343  -0.02683 -0.04763 14  DG  A C6    
293 O  O6    . DG  A 14 ? 0.46810 0.36088 0.46574 0.05692  -0.02840 -0.05653 14  DG  A O6    
294 N  N1    . DG  A 14 ? 0.48327 0.36278 0.45676 0.05229  -0.03043 -0.03949 14  DG  A N1    
295 C  C2    . DG  A 14 ? 0.50901 0.39223 0.48277 0.04909  -0.03189 -0.02427 14  DG  A C2    
296 N  N2    . DG  A 14 ? 0.55996 0.44125 0.50153 0.04403  -0.03807 -0.01928 14  DG  A N2    
297 N  N3    . DG  A 14 ? 0.50501 0.39368 0.50874 0.05035  -0.02659 -0.01378 14  DG  A N3    
298 C  C4    . DG  A 14 ? 0.48029 0.36817 0.50924 0.05052  -0.01918 -0.02592 14  DG  A C4    
299 P  P     . DG  A 15 ? 0.60812 0.47896 0.72984 0.07046  0.02895  0.07919  15  DG  A P     
300 O  OP1   . DG  A 15 ? 0.58247 0.46364 0.71876 0.08258  0.02817  0.11826  15  DG  A OP1   
301 O  OP2   . DG  A 15 ? 0.60539 0.45586 0.74427 0.06309  0.04964  0.06489  15  DG  A OP2   
302 O  "O5'" . DG  A 15 ? 0.59010 0.47877 0.66191 0.06413  0.01077  0.07256  15  DG  A "O5'" 
303 C  "C5'" . DG  A 15 ? 0.60238 0.51293 0.64821 0.06442  -0.00866 0.08756  15  DG  A "C5'" 
304 C  "C4'" . DG  A 15 ? 0.65621 0.57353 0.65270 0.05613  -0.01542 0.08196  15  DG  A "C4'" 
305 O  "O4'" . DG  A 15 ? 0.62092 0.52785 0.60033 0.05104  -0.01808 0.04928  15  DG  A "O4'" 
306 C  "C3'" . DG  A 15 ? 0.69214 0.60333 0.68258 0.05612  0.00125  0.09178  15  DG  A "C3'" 
307 O  "O3'" . DG  A 15 ? 0.81938 0.74644 0.76483 0.05059  -0.00605 0.10508  15  DG  A "O3'" 
308 C  "C2'" . DG  A 15 ? 0.68570 0.58337 0.67674 0.05282  0.01083  0.06043  15  DG  A "C2'" 
309 C  "C1'" . DG  A 15 ? 0.63267 0.53183 0.59881 0.04978  -0.00524 0.03936  15  DG  A "C1'" 
310 N  N9    . DG  A 15 ? 0.55079 0.44182 0.52980 0.05078  -0.00191 0.01346  15  DG  A N9    
311 C  C8    . DG  A 15 ? 0.56337 0.45178 0.57989 0.05149  0.00486  0.00448  15  DG  A C8    
312 N  N7    . DG  A 15 ? 0.54124 0.43181 0.55845 0.05150  0.00305  -0.01581 15  DG  A N7    
313 C  C5    . DG  A 15 ? 0.53770 0.42550 0.51927 0.05365  -0.00226 -0.01985 15  DG  A C5    
314 C  C6    . DG  A 15 ? 0.52644 0.41200 0.49646 0.05810  -0.00340 -0.03492 15  DG  A C6    
315 O  O6    . DG  A 15 ? 0.49558 0.38962 0.48470 0.06135  -0.00380 -0.04464 15  DG  A O6    
316 N  N1    . DG  A 15 ? 0.56425 0.43703 0.49570 0.05818  -0.00320 -0.03708 15  DG  A N1    
317 C  C2    . DG  A 15 ? 0.60095 0.47104 0.50374 0.05093  -0.00514 -0.02743 15  DG  A C2    
318 N  N2    . DG  A 15 ? 0.61290 0.46854 0.47453 0.04702  -0.00295 -0.03665 15  DG  A N2    
319 N  N3    . DG  A 15 ? 0.57904 0.46025 0.49230 0.04738  -0.00799 -0.00903 15  DG  A N3    
320 C  C4    . DG  A 15 ? 0.59619 0.48269 0.55147 0.05082  -0.00481 -0.00547 15  DG  A C4    
321 P  P     . DT  A 16 ? 1.01315 0.94338 0.94854 0.05132  0.00929  0.13132  16  DT  A P     
322 O  OP1   . DT  A 16 ? 1.02820 0.96530 0.99740 0.06122  0.01142  0.16989  16  DT  A OP1   
323 O  OP2   . DT  A 16 ? 0.96703 0.87975 0.91043 0.04977  0.02999  0.11169  16  DT  A OP2   
324 O  "O5'" . DT  A 16 ? 1.07103 1.02131 0.94222 0.04019  -0.00276 0.13400  16  DT  A "O5'" 
325 C  "C5'" . DT  A 16 ? 1.07931 1.03177 0.91843 0.03595  0.01178  0.14335  16  DT  A "C5'" 
326 C  "C4'" . DT  A 16 ? 1.10956 1.05300 0.90079 0.02613  0.01662  0.10928  16  DT  A "C4'" 
327 O  "O4'" . DT  A 16 ? 1.15939 1.12183 0.89219 0.01186  0.00117  0.11144  16  DT  A "O4'" 
328 C  "C3'" . DT  A 16 ? 1.08035 1.00446 0.88402 0.02779  0.01352  0.07256  16  DT  A "C3'" 
329 O  "O3'" . DT  A 16 ? 1.05119 0.96079 0.88558 0.03558  0.03346  0.05813  16  DT  A "O3'" 
330 C  "C2'" . DT  A 16 ? 1.12464 1.04467 0.86694 0.01473  0.00921  0.04986  16  DT  A "C2'" 
331 C  "C1'" . DT  A 16 ? 1.16740 1.11056 0.86341 0.00357  0.00706  0.07326  16  DT  A "C1'" 
332 N  N1    . DT  A 16 ? 1.20235 1.15992 0.84282 -0.01662 -0.01267 0.06509  16  DT  A N1    
333 C  C2    . DT  A 16 ? 1.22660 1.22229 0.83644 -0.02796 -0.02808 0.09522  16  DT  A C2    
334 O  O2    . DT  A 16 ? 1.23252 1.24767 0.85889 -0.01916 -0.02526 0.13247  16  DT  A O2    
335 N  N3    . DT  A 16 ? 1.32668 1.33864 0.88571 -0.05153 -0.04694 0.08150  16  DT  A N3    
336 C  C4    . DT  A 16 ? 1.44159 1.42758 0.97815 -0.06494 -0.04838 0.04059  16  DT  A C4    
337 O  O4    . DT  A 16 ? 1.48556 1.48713 0.97578 -0.09083 -0.06458 0.02838  16  DT  A O4    
338 C  C5    . DT  A 16 ? 1.42003 1.36128 0.99189 -0.04796 -0.02934 0.01468  16  DT  A C5    
339 C  C7    . DT  A 16 ? 1.45445 1.36054 1.00859 -0.05743 -0.02623 -0.02469 16  DT  A C7    
340 C  C6    . DT  A 16 ? 1.32024 1.25411 0.94109 -0.02507 -0.01440 0.02851  16  DT  A C6    
341 O  "O5'" . DG  B 1  ? 0.54314 0.60373 0.54899 0.03292  -0.07236 -0.09069 1   DG  B "O5'" 
342 C  "C5'" . DG  B 1  ? 0.53442 0.64523 0.55254 0.03362  -0.08229 -0.08495 1   DG  B "C5'" 
343 C  "C4'" . DG  B 1  ? 0.56878 0.68715 0.58225 0.05831  -0.08909 -0.05758 1   DG  B "C4'" 
344 O  "O4'" . DG  B 1  ? 0.55078 0.62595 0.56757 0.07589  -0.07838 -0.04926 1   DG  B "O4'" 
345 C  "C3'" . DG  B 1  ? 0.57475 0.68360 0.56028 0.06308  -0.09379 -0.04562 1   DG  B "C3'" 
346 O  "O3'" . DG  B 1  ? 0.60895 0.75013 0.59715 0.08150  -0.10281 -0.01883 1   DG  B "O3'" 
347 C  "C2'" . DG  B 1  ? 0.55940 0.60686 0.53497 0.07241  -0.08251 -0.04311 1   DG  B "C2'" 
348 C  "C1'" . DG  B 1  ? 0.55100 0.59109 0.54543 0.08762  -0.07664 -0.03664 1   DG  B "C1'" 
349 N  N9    . DG  B 1  ? 0.53186 0.52151 0.51927 0.09005  -0.06574 -0.04141 1   DG  B N9    
350 C  C8    . DG  B 1  ? 0.50668 0.46008 0.48419 0.10522  -0.05755 -0.03126 1   DG  B C8    
351 N  N7    . DG  B 1  ? 0.52810 0.44670 0.49617 0.09906  -0.05076 -0.04048 1   DG  B N7    
352 C  C5    . DG  B 1  ? 0.47135 0.40371 0.44817 0.08293  -0.05416 -0.05308 1   DG  B C5    
353 C  C6    . DG  B 1  ? 0.46205 0.37567 0.43770 0.07301  -0.05054 -0.06094 1   DG  B C6    
354 O  O6    . DG  B 1  ? 0.46425 0.35078 0.42661 0.07329  -0.04664 -0.05986 1   DG  B O6    
355 N  N1    . DG  B 1  ? 0.47424 0.40531 0.46587 0.06094  -0.05098 -0.07030 1   DG  B N1    
356 C  C2    . DG  B 1  ? 0.47266 0.43445 0.47444 0.05425  -0.05443 -0.07716 1   DG  B C2    
357 N  N2    . DG  B 1  ? 0.46537 0.43169 0.48043 0.04039  -0.04927 -0.09033 1   DG  B N2    
358 N  N3    . DG  B 1  ? 0.49297 0.48005 0.49161 0.05999  -0.06155 -0.07091 1   DG  B N3    
359 C  C4    . DG  B 1  ? 0.51863 0.48980 0.50717 0.07661  -0.06112 -0.05629 1   DG  B C4    
360 P  P     . DG  B 2  ? 0.62521 0.77679 0.58656 0.08601  -0.11041 0.00097  2   DG  B P     
361 O  OP1   . DG  B 2  ? 0.58799 0.79213 0.56366 0.10417  -0.12174 0.03038  2   DG  B OP1   
362 O  OP2   . DG  B 2  ? 0.62177 0.78334 0.56075 0.05939  -0.11280 -0.02062 2   DG  B OP2   
363 O  "O5'" . DG  B 2  ? 0.59366 0.67678 0.54191 0.10178  -0.09699 0.01251  2   DG  B "O5'" 
364 C  "C5'" . DG  B 2  ? 0.57891 0.64037 0.53937 0.12816  -0.08943 0.03394  2   DG  B "C5'" 
365 C  "C4'" . DG  B 2  ? 0.61791 0.60820 0.56260 0.13206  -0.07449 0.03264  2   DG  B "C4'" 
366 O  "O4'" . DG  B 2  ? 0.58885 0.55287 0.53457 0.11702  -0.06916 0.00629  2   DG  B "O4'" 
367 C  "C3'" . DG  B 2  ? 0.63216 0.59994 0.55003 0.12391  -0.07345 0.03924  2   DG  B "C3'" 
368 O  "O3'" . DG  B 2  ? 0.67740 0.59634 0.58841 0.13987  -0.06047 0.05750  2   DG  B "O3'" 
369 C  "C2'" . DG  B 2  ? 0.58330 0.52782 0.49438 0.10137  -0.07042 0.01166  2   DG  B "C2'" 
370 C  "C1'" . DG  B 2  ? 0.56791 0.49085 0.49349 0.10667  -0.06394 0.00119  2   DG  B "C1'" 
371 N  N9    . DG  B 2  ? 0.53632 0.45023 0.46498 0.08983  -0.06302 -0.02098 2   DG  B N9    
372 C  C8    . DG  B 2  ? 0.54354 0.48441 0.48017 0.07491  -0.06756 -0.03633 2   DG  B C8    
373 N  N7    . DG  B 2  ? 0.49466 0.41781 0.43685 0.06601  -0.06332 -0.04885 2   DG  B N7    
374 C  C5    . DG  B 2  ? 0.52616 0.41374 0.45940 0.07220  -0.05851 -0.04330 2   DG  B C5    
375 C  C6    . DG  B 2  ? 0.53327 0.39749 0.46428 0.06528  -0.05537 -0.04982 2   DG  B C6    
376 O  O6    . DG  B 2  ? 0.48934 0.36051 0.43089 0.05638  -0.05611 -0.05704 2   DG  B O6    
377 N  N1    . DG  B 2  ? 0.53776 0.36800 0.45208 0.06933  -0.04988 -0.04606 2   DG  B N1    
378 C  C2    . DG  B 2  ? 0.55514 0.36865 0.46075 0.08235  -0.04412 -0.03555 2   DG  B C2    
379 N  N2    . DG  B 2  ? 0.56305 0.33471 0.45175 0.08289  -0.03400 -0.03723 2   DG  B N2    
380 N  N3    . DG  B 2  ? 0.54468 0.38143 0.45719 0.09350  -0.04710 -0.02343 2   DG  B N3    
381 C  C4    . DG  B 2  ? 0.56682 0.44372 0.49115 0.08593  -0.05619 -0.02886 2   DG  B C4    
382 P  P     . DG  B 3  ? 0.75885 0.66560 0.65008 0.14452  -0.05769 0.08387  3   DG  B P     
383 O  OP1   . DG  B 3  ? 0.74815 0.67258 0.65274 0.17358  -0.05673 0.11799  3   DG  B OP1   
384 O  OP2   . DG  B 3  ? 0.73822 0.67701 0.61283 0.12257  -0.06784 0.07420  3   DG  B OP2   
385 O  "O5'" . DG  B 3  ? 0.76049 0.59167 0.63877 0.13863  -0.03972 0.07758  3   DG  B "O5'" 
386 C  "C5'" . DG  B 3  ? 0.71115 0.49539 0.59636 0.15157  -0.02427 0.07585  3   DG  B "C5'" 
387 C  "C4'" . DG  B 3  ? 0.73170 0.46237 0.60181 0.12997  -0.01452 0.05247  3   DG  B "C4'" 
388 O  "O4'" . DG  B 3  ? 0.64994 0.40351 0.52467 0.11281  -0.02506 0.02589  3   DG  B "O4'" 
389 C  "C3'" . DG  B 3  ? 0.75495 0.46290 0.60728 0.11159  -0.01136 0.05624  3   DG  B "C3'" 
390 O  "O3'" . DG  B 3  ? 0.80207 0.44320 0.64313 0.10835  0.00809  0.05627  3   DG  B "O3'" 
391 C  "C2'" . DG  B 3  ? 0.70594 0.43641 0.55846 0.08601  -0.02261 0.03090  3   DG  B "C2'" 
392 C  "C1'" . DG  B 3  ? 0.64833 0.38260 0.51101 0.08863  -0.02509 0.01254  3   DG  B "C1'" 
393 N  N9    . DG  B 3  ? 0.60579 0.37759 0.47829 0.07504  -0.03750 -0.00437 3   DG  B N9    
394 C  C8    . DG  B 3  ? 0.62361 0.44236 0.50593 0.07518  -0.04745 -0.00481 3   DG  B C8    
395 N  N7    . DG  B 3  ? 0.53645 0.37189 0.42871 0.06273  -0.05209 -0.02127 3   DG  B N7    
396 C  C5    . DG  B 3  ? 0.53956 0.34505 0.42827 0.05428  -0.04851 -0.02895 3   DG  B C5    
397 C  C6    . DG  B 3  ? 0.55041 0.36224 0.44803 0.04202  -0.05202 -0.04087 3   DG  B C6    
398 O  O6    . DG  B 3  ? 0.48657 0.32569 0.40104 0.03855  -0.05565 -0.04685 3   DG  B O6    
399 N  N1    . DG  B 3  ? 0.56708 0.34963 0.45222 0.03284  -0.04951 -0.04492 3   DG  B N1    
400 C  C2    . DG  B 3  ? 0.59603 0.33861 0.46184 0.03404  -0.04046 -0.04247 3   DG  B C2    
401 N  N2    . DG  B 3  ? 0.62384 0.34066 0.47446 0.01859  -0.03788 -0.05257 3   DG  B N2    
402 N  N3    . DG  B 3  ? 0.61133 0.34004 0.47269 0.04873  -0.03326 -0.03015 3   DG  B N3    
403 C  C4    . DG  B 3  ? 0.60458 0.37033 0.47838 0.05908  -0.03962 -0.02184 3   DG  B C4    
404 P  P     . DG  B 4  ? 0.88552 0.49156 0.71099 0.09146  0.01809  0.06622  4   DG  B P     
405 O  OP1   . DG  B 4  ? 0.90430 0.45220 0.72596 0.10888  0.04100  0.08672  4   DG  B OP1   
406 O  OP2   . DG  B 4  ? 0.86538 0.52172 0.68945 0.08518  0.00469  0.07659  4   DG  B OP2   
407 O  "O5'" . DG  B 4  ? 0.84817 0.43009 0.66592 0.05854  0.01893  0.03515  4   DG  B "O5'" 
408 C  "C5'" . DG  B 4  ? 0.82669 0.36569 0.63722 0.05362  0.02968  0.01527  4   DG  B "C5'" 
409 C  "C4'" . DG  B 4  ? 0.81231 0.34774 0.61445 0.01811  0.02401  -0.01056 4   DG  B "C4'" 
410 O  "O4'" . DG  B 4  ? 0.74193 0.33657 0.55711 0.01410  0.00285  -0.02074 4   DG  B "O4'" 
411 C  "C3'" . DG  B 4  ? 0.79346 0.32114 0.59254 -0.00695 0.02638  -0.00621 4   DG  B "C3'" 
412 O  "O3'" . DG  B 4  ? 0.82518 0.32846 0.61329 -0.03989 0.02902  -0.02934 4   DG  B "O3'" 
413 C  "C2'" . DG  B 4  ? 0.75031 0.34616 0.56630 -0.00828 0.00678  -0.00279 4   DG  B "C2'" 
414 C  "C1'" . DG  B 4  ? 0.69193 0.31455 0.51443 -0.00689 -0.00613 -0.02109 4   DG  B "C1'" 
415 N  N9    . DG  B 4  ? 0.66604 0.34585 0.50670 0.00213  -0.02091 -0.01960 4   DG  B N9    
416 C  C8    . DG  B 4  ? 0.63697 0.34386 0.48357 0.02146  -0.02375 -0.00644 4   DG  B C8    
417 N  N7    . DG  B 4  ? 0.60353 0.35428 0.46495 0.02179  -0.03432 -0.01351 4   DG  B N7    
418 C  C5    . DG  B 4  ? 0.59227 0.34633 0.46127 0.00587  -0.03896 -0.02728 4   DG  B C5    
419 C  C6    . DG  B 4  ? 0.62499 0.41480 0.51363 0.00201  -0.04735 -0.03540 4   DG  B C6    
420 O  O6    . DG  B 4  ? 0.57282 0.39190 0.47490 0.01014  -0.04964 -0.03661 4   DG  B O6    
421 N  N1    . DG  B 4  ? 0.63940 0.42847 0.53122 -0.01393 -0.05203 -0.04214 4   DG  B N1    
422 C  C2    . DG  B 4  ? 0.64135 0.39809 0.51474 -0.02956 -0.04913 -0.04641 4   DG  B C2    
423 N  N2    . DG  B 4  ? 0.63945 0.40961 0.51564 -0.04786 -0.05750 -0.05315 4   DG  B N2    
424 N  N3    . DG  B 4  ? 0.64160 0.35607 0.49541 -0.02838 -0.03770 -0.04347 4   DG  B N3    
425 C  C4    . DG  B 4  ? 0.62213 0.33756 0.47681 -0.00787 -0.03300 -0.03143 4   DG  B C4    
426 P  P     . DT  B 5  ? 0.88091 0.30333 0.64571 -0.05170 0.05434  -0.04205 5   DT  B P     
427 O  OP1   . DT  B 5  ? 0.89131 0.26582 0.65519 -0.03191 0.07669  -0.01707 5   DT  B OP1   
428 O  OP2   . DT  B 5  ? 0.91465 0.33517 0.67083 -0.09584 0.05009  -0.06383 5   DT  B OP2   
429 O  "O5'" . DT  B 5  ? 0.86234 0.27550 0.61819 -0.03548 0.05680  -0.05774 5   DT  B "O5'" 
430 C  "C5'" . DT  B 5  ? 0.86867 0.31925 0.62019 -0.05120 0.03919  -0.07889 5   DT  B "C5'" 
431 C  "C4'" . DT  B 5  ? 0.92178 0.34711 0.65816 -0.03735 0.05067  -0.09337 5   DT  B "C4'" 
432 O  "O4'" . DT  B 5  ? 0.91838 0.30027 0.63992 -0.05444 0.07197  -0.10980 5   DT  B "O4'" 
433 C  "C3'" . DT  B 5  ? 0.90825 0.33192 0.66082 0.00625  0.06046  -0.07372 5   DT  B "C3'" 
434 O  "O3'" . DT  B 5  ? 0.94886 0.39396 0.70017 0.01674  0.05683  -0.08475 5   DT  B "O3'" 
435 C  "C2'" . DT  B 5  ? 0.90343 0.27235 0.65509 0.01414  0.08972  -0.06933 5   DT  B "C2'" 
436 C  "C1'" . DT  B 5  ? 0.99119 0.34151 0.72143 -0.02319 0.09576  -0.09952 5   DT  B "C1'" 
437 N  N1    . DT  B 5  ? 0.97841 0.27937 0.70569 -0.03434 0.11868  -0.09940 5   DT  B N1    
438 C  C2    . DT  B 5  ? 1.03905 0.30152 0.76042 -0.02793 0.14453  -0.10971 5   DT  B C2    
439 O  O2    . DT  B 5  ? 1.06456 0.33256 0.78249 -0.01469 0.15034  -0.11947 5   DT  B O2    
440 N  N3    . DT  B 5  ? 1.10500 0.31975 0.82386 -0.03878 0.16574  -0.10855 5   DT  B N3    
441 C  C4    . DT  B 5  ? 1.11564 0.31882 0.83825 -0.05542 0.16417  -0.09731 5   DT  B C4    
442 O  O4    . DT  B 5  ? 1.18211 0.33902 0.90249 -0.06476 0.18617  -0.09671 5   DT  B O4    
443 C  C5    . DT  B 5  ? 1.04917 0.29596 0.77836 -0.06153 0.13745  -0.08605 5   DT  B C5    
444 C  C7    . DT  B 5  ? 1.05823 0.29748 0.79205 -0.08062 0.13636  -0.07256 5   DT  B C7    
445 C  C6    . DT  B 5  ? 0.99688 0.28870 0.72749 -0.05057 0.11629  -0.08815 5   DT  B C6    
446 P  P     . DG  B 6  ? 0.88226 0.38662 0.66322 0.04818  0.04285  -0.06668 6   DG  B P     
447 O  OP1   . DG  B 6  ? 0.84481 0.39510 0.64615 0.04986  0.02386  -0.04828 6   DG  B OP1   
448 O  OP2   . DG  B 6  ? 0.87766 0.35267 0.66457 0.07921  0.06558  -0.05908 6   DG  B OP2   
449 O  "O5'" . DG  B 6  ? 0.84838 0.38889 0.62344 0.03455  0.02836  -0.08408 6   DG  B "O5'" 
450 C  "C5'" . DG  B 6  ? 0.87498 0.38357 0.61843 0.01422  0.03835  -0.10828 6   DG  B "C5'" 
451 C  "C4'" . DG  B 6  ? 0.85588 0.41150 0.59517 -0.00762 0.01552  -0.11593 6   DG  B "C4'" 
452 O  "O4'" . DG  B 6  ? 0.78995 0.39672 0.55857 0.01313  0.00261  -0.10128 6   DG  B "O4'" 
453 C  "C3'" . DG  B 6  ? 0.80521 0.38119 0.54810 -0.03440 -0.00183 -0.11424 6   DG  B "C3'" 
454 O  "O3'" . DG  B 6  ? 0.89199 0.46156 0.60523 -0.06761 -0.00533 -0.13371 6   DG  B "O3'" 
455 C  "C2'" . DG  B 6  ? 0.73313 0.37275 0.50841 -0.02459 -0.02319 -0.09839 6   DG  B "C2'" 
456 C  "C1'" . DG  B 6  ? 0.72397 0.37606 0.50554 -0.00133 -0.01933 -0.09641 6   DG  B "C1'" 
457 N  N9    . DG  B 6  ? 0.64041 0.33121 0.45582 0.01874  -0.02780 -0.08081 6   DG  B N9    
458 C  C8    . DG  B 6  ? 0.62219 0.31284 0.45393 0.04095  -0.02202 -0.06954 6   DG  B C8    
459 N  N7    . DG  B 6  ? 0.62666 0.35893 0.48353 0.04898  -0.03254 -0.06144 6   DG  B N7    
460 C  C5    . DG  B 6  ? 0.59070 0.34564 0.45145 0.03480  -0.04282 -0.06584 6   DG  B C5    
461 C  C6    . DG  B 6  ? 0.51050 0.30327 0.39608 0.03586  -0.05170 -0.06163 6   DG  B C6    
462 O  O6    . DG  B 6  ? 0.52675 0.34041 0.43178 0.04551  -0.05263 -0.05804 6   DG  B O6    
463 N  N1    . DG  B 6  ? 0.56647 0.37242 0.45247 0.02289  -0.05882 -0.06182 6   DG  B N1    
464 C  C2    . DG  B 6  ? 0.61114 0.40398 0.47281 0.00703  -0.06108 -0.06682 6   DG  B C2    
465 N  N2    . DG  B 6  ? 0.57174 0.39114 0.43883 -0.00347 -0.07125 -0.06111 6   DG  B N2    
466 N  N3    . DG  B 6  ? 0.59801 0.35437 0.43158 0.00085  -0.05283 -0.07647 6   DG  B N3    
467 C  C4    . DG  B 6  ? 0.60555 0.34094 0.44211 0.01709  -0.04224 -0.07493 6   DG  B C4    
468 P  P     . DG  B 7  ? 0.90259 0.48672 0.61510 -0.10346 -0.01893 -0.13686 7   DG  B P     
469 O  OP1   . DG  B 7  ? 0.94997 0.51514 0.62201 -0.13921 -0.01663 -0.16236 7   DG  B OP1   
470 O  OP2   . DG  B 7  ? 0.89340 0.45495 0.62282 -0.09767 -0.01040 -0.12520 7   DG  B OP2   
471 O  "O5'" . DG  B 7  ? 0.79388 0.45345 0.53675 -0.10103 -0.04556 -0.12032 7   DG  B "O5'" 
472 C  "C5'" . DG  B 7  ? 0.78829 0.48030 0.51990 -0.10754 -0.05732 -0.12329 7   DG  B "C5'" 
473 C  "C4'" . DG  B 7  ? 0.75338 0.51100 0.51997 -0.10628 -0.07921 -0.10361 7   DG  B "C4'" 
474 O  "O4'" . DG  B 7  ? 0.66109 0.43032 0.46034 -0.07378 -0.07641 -0.08853 7   DG  B "O4'" 
475 C  "C3'" . DG  B 7  ? 0.73102 0.51403 0.51806 -0.12731 -0.08977 -0.09772 7   DG  B "C3'" 
476 O  "O3'" . DG  B 7  ? 0.73014 0.57305 0.52932 -0.14205 -0.11075 -0.08739 7   DG  B "O3'" 
477 C  "C2'" . DG  B 7  ? 0.67148 0.45997 0.49526 -0.10157 -0.08472 -0.08252 7   DG  B "C2'" 
478 C  "C1'" . DG  B 7  ? 0.67241 0.47239 0.50636 -0.07309 -0.08410 -0.07523 7   DG  B "C1'" 
479 N  N9    . DG  B 7  ? 0.62245 0.41311 0.47496 -0.04729 -0.07477 -0.06889 7   DG  B N9    
480 C  C8    . DG  B 7  ? 0.61069 0.36227 0.45171 -0.03616 -0.06114 -0.07220 7   DG  B C8    
481 N  N7    . DG  B 7  ? 0.62667 0.39033 0.48738 -0.01562 -0.05889 -0.06358 7   DG  B N7    
482 C  C5    . DG  B 7  ? 0.55607 0.36077 0.44202 -0.01364 -0.06813 -0.05791 7   DG  B C5    
483 C  C6    . DG  B 7  ? 0.55576 0.38421 0.46697 0.00098  -0.06746 -0.05258 7   DG  B C6    
484 O  O6    . DG  B 7  ? 0.54018 0.36550 0.45341 0.01291  -0.06220 -0.05210 7   DG  B O6    
485 N  N1    . DG  B 7  ? 0.55329 0.41240 0.48817 -0.00033 -0.07294 -0.04717 7   DG  B N1    
486 C  C2    . DG  B 7  ? 0.53990 0.41467 0.47539 -0.01276 -0.08190 -0.04236 7   DG  B C2    
487 N  N2    . DG  B 7  ? 0.55873 0.46502 0.52387 -0.00774 -0.08508 -0.03094 7   DG  B N2    
488 N  N3    . DG  B 7  ? 0.55822 0.41915 0.46645 -0.02990 -0.08656 -0.04804 7   DG  B N3    
489 C  C4    . DG  B 7  ? 0.58310 0.40495 0.46722 -0.03007 -0.07758 -0.05795 7   DG  B C4    
490 P  P     . DG  B 8  ? 0.76704 0.66217 0.60301 -0.15934 -0.12535 -0.07356 8   DG  B P     
491 O  OP1   . DG  B 8  ? 0.71693 0.66385 0.54564 -0.18367 -0.14629 -0.06912 8   DG  B OP1   
492 O  OP2   . DG  B 8  ? 0.78189 0.64400 0.61848 -0.17190 -0.11365 -0.08214 8   DG  B OP2   
493 O  "O5'" . DG  B 8  ? 0.71561 0.64592 0.60098 -0.12603 -0.12644 -0.04973 8   DG  B "O5'" 
494 C  "C5'" . DG  B 8  ? 0.70146 0.67971 0.60689 -0.11577 -0.13889 -0.03110 8   DG  B "C5'" 
495 C  "C4'" . DG  B 8  ? 0.68378 0.69477 0.64376 -0.09334 -0.13623 -0.01063 8   DG  B "C4'" 
496 O  "O4'" . DG  B 8  ? 0.68138 0.65293 0.64388 -0.07011 -0.11855 -0.01798 8   DG  B "O4'" 
497 C  "C3'" . DG  B 8  ? 0.70398 0.74820 0.69693 -0.10721 -0.13935 -0.00329 8   DG  B "C3'" 
498 O  "O3'" . DG  B 8  ? 0.71903 0.81470 0.76479 -0.08995 -0.14181 0.02166  8   DG  B "O3'" 
499 C  "C2'" . DG  B 8  ? 0.67361 0.67224 0.66158 -0.09926 -0.12078 -0.01597 8   DG  B "C2'" 
500 C  "C1'" . DG  B 8  ? 0.67036 0.64834 0.65949 -0.06896 -0.11104 -0.01552 8   DG  B "C1'" 
501 N  N9    . DG  B 8  ? 0.65334 0.58594 0.62416 -0.05835 -0.09655 -0.02806 8   DG  B N9    
502 C  C8    . DG  B 8  ? 0.65993 0.54811 0.59424 -0.06668 -0.09118 -0.04147 8   DG  B C8    
503 N  N7    . DG  B 8  ? 0.70431 0.56692 0.63351 -0.05054 -0.07966 -0.04418 8   DG  B N7    
504 C  C5    . DG  B 8  ? 0.64123 0.53129 0.60084 -0.03452 -0.07727 -0.03709 8   DG  B C5    
505 C  C6    . DG  B 8  ? 0.65448 0.53933 0.61917 -0.01808 -0.06753 -0.03891 8   DG  B C6    
506 O  O6    . DG  B 8  ? 0.58184 0.44343 0.52701 -0.01220 -0.06191 -0.04244 8   DG  B O6    
507 N  N1    . DG  B 8  ? 0.58798 0.50021 0.58449 -0.00888 -0.06373 -0.03512 8   DG  B N1    
508 C  C2    . DG  B 8  ? 0.59050 0.53223 0.61598 -0.01009 -0.06823 -0.02493 8   DG  B C2    
509 N  N2    . DG  B 8  ? 0.53435 0.49234 0.59200 0.00258  -0.05821 -0.02143 8   DG  B N2    
510 N  N3    . DG  B 8  ? 0.58785 0.54358 0.61102 -0.02350 -0.08089 -0.01799 8   DG  B N3    
511 C  C4    . DG  B 8  ? 0.63266 0.56085 0.61962 -0.03746 -0.08513 -0.02721 8   DG  B C4    
512 P  P     . DC  B 9  ? 0.75479 0.92115 0.82405 -0.09916 -0.16357 0.04688  9   DC  B P     
513 O  OP1   . DC  B 9  ? 0.82201 0.98209 0.83863 -0.12316 -0.17862 0.03560  9   DC  B OP1   
514 O  OP2   . DC  B 9  ? 0.75780 0.97503 0.87196 -0.11036 -0.16762 0.05970  9   DC  B OP2   
515 O  "O5'" . DC  B 9  ? 0.77039 0.94993 0.87430 -0.06350 -0.15663 0.07037  9   DC  B "O5'" 
516 C  "C5'" . DC  B 9  ? 0.83241 0.96727 0.90846 -0.04745 -0.14762 0.06181  9   DC  B "C5'" 
517 C  "C4'" . DC  B 9  ? 0.88091 1.03913 0.99282 -0.02135 -0.14419 0.08999  9   DC  B "C4'" 
518 O  "O4'" . DC  B 9  ? 0.95193 1.15686 1.05531 -0.03153 -0.16564 0.11238  9   DC  B "O4'" 
519 C  "C3'" . DC  B 9  ? 0.89477 1.00576 0.99050 -0.00291 -0.12892 0.08133  9   DC  B "C3'" 
520 O  "O3'" . DC  B 9  ? 0.91629 0.99488 1.03277 0.01259  -0.10719 0.06786  9   DC  B "O3'" 
521 C  "C2'" . DC  B 9  ? 0.91805 1.06129 1.03872 0.01266  -0.13248 0.11527  9   DC  B "C2'" 
522 C  "C1'" . DC  B 9  ? 0.98418 1.18883 1.10146 -0.00742 -0.15905 0.13464  9   DC  B "C1'" 
523 N  N1    . DC  B 9  ? 1.06269 1.27867 1.13115 -0.02177 -0.17554 0.13999  9   DC  B N1    
524 C  C2    . DC  B 9  ? 1.06507 1.23265 1.07208 -0.03650 -0.17234 0.10776  9   DC  B C2    
525 O  O2    . DC  B 9  ? 1.04250 1.16074 1.03793 -0.03625 -0.15830 0.07848  9   DC  B O2    
526 N  N3    . DC  B 9  ? 1.12882 1.30766 1.09067 -0.04978 -0.18355 0.11152  9   DC  B N3    
527 C  C4    . DC  B 9  ? 1.13176 1.37036 1.10442 -0.05004 -0.20061 0.14749  9   DC  B C4    
528 N  N4    . DC  B 9  ? 1.16694 1.41669 1.08710 -0.06558 -0.21083 0.14941  9   DC  B N4    
529 C  C5    . DC  B 9  ? 1.09722 1.38909 1.13551 -0.03318 -0.20641 0.18501  9   DC  B C5    
530 C  C6    . DC  B 9  ? 1.06795 1.34442 1.15339 -0.01901 -0.19194 0.17861  9   DC  B C6    
531 P  P     . DG  B 10 ? 0.76127 0.85385 0.93874 0.03625  -0.08885 0.08531  10  DG  B P     
532 O  OP1   . DG  B 10 ? 0.70231 0.78924 0.89601 0.05485  -0.08054 0.10351  10  DG  B OP1   
533 O  OP2   . DG  B 10 ? 0.70255 0.84386 0.91718 0.03229  -0.09520 0.10237  10  DG  B OP2   
534 O  "O5'" . DG  B 10 ? 0.61956 0.66764 0.79008 0.04038  -0.06807 0.05597  10  DG  B "O5'" 
535 C  "C5'" . DG  B 10 ? 0.56422 0.60211 0.77264 0.05824  -0.04423 0.05667  10  DG  B "C5'" 
536 C  "C4'" . DG  B 10 ? 0.49469 0.49022 0.68034 0.05741  -0.02927 0.02667  10  DG  B "C4'" 
537 O  "O4'" . DG  B 10 ? 0.50628 0.48197 0.64502 0.04693  -0.04211 0.01271  10  DG  B "O4'" 
538 C  "C3'" . DG  B 10 ? 0.49896 0.49043 0.68138 0.05123  -0.01976 0.00879  10  DG  B "C3'" 
539 O  "O3'" . DG  B 10 ? 0.46370 0.46143 0.68981 0.06370  0.00338  0.01277  10  DG  B "O3'" 
540 C  "C2'" . DG  B 10 ? 0.48099 0.43940 0.62693 0.04634  -0.01603 -0.01674 10  DG  B "C2'" 
541 C  "C1'" . DG  B 10 ? 0.49192 0.44293 0.61387 0.04463  -0.03164 -0.01167 10  DG  B "C1'" 
542 N  N9    . DG  B 10 ? 0.52107 0.46139 0.60134 0.03382  -0.04505 -0.02217 10  DG  B N9    
543 C  C8    . DG  B 10 ? 0.48168 0.42588 0.53960 0.02483  -0.06105 -0.01572 10  DG  B C8    
544 N  N7    . DG  B 10 ? 0.48218 0.40627 0.50653 0.01855  -0.06489 -0.02796 10  DG  B N7    
545 C  C5    . DG  B 10 ? 0.47876 0.39315 0.50385 0.02417  -0.05444 -0.03979 10  DG  B C5    
546 C  C6    . DG  B 10 ? 0.51669 0.41587 0.51650 0.02374  -0.05415 -0.04996 10  DG  B C6    
547 O  O6    . DG  B 10 ? 0.49983 0.38326 0.47386 0.02088  -0.05970 -0.05034 10  DG  B O6    
548 N  N1    . DG  B 10 ? 0.45561 0.35920 0.46227 0.02698  -0.04491 -0.05961 10  DG  B N1    
549 C  C2    . DG  B 10 ? 0.48058 0.39261 0.51404 0.02909  -0.03301 -0.06378 10  DG  B C2    
550 N  N2    . DG  B 10 ? 0.45147 0.36533 0.48176 0.02685  -0.02389 -0.07848 10  DG  B N2    
551 N  N3    . DG  B 10 ? 0.46824 0.38701 0.52965 0.03293  -0.02913 -0.05340 10  DG  B N3    
552 C  C4    . DG  B 10 ? 0.50990 0.43358 0.56611 0.03090  -0.04221 -0.03951 10  DG  B C4    
553 P  P     . DG  B 11 ? 0.48590 0.49715 0.72383 0.05937  0.01549  0.00542  11  DG  B P     
554 O  OP1   . DG  B 11 ? 0.49864 0.52522 0.79346 0.07684  0.03893  0.01936  11  DG  B OP1   
555 O  OP2   . DG  B 11 ? 0.48407 0.51484 0.69963 0.04264  -0.00667 0.01007  11  DG  B OP2   
556 O  "O5'" . DG  B 11 ? 0.45592 0.43395 0.65923 0.05247  0.02907  -0.02651 11  DG  B "O5'" 
557 C  "C5'" . DG  B 11 ? 0.48128 0.43276 0.69007 0.05871  0.04913  -0.04213 11  DG  B "C5'" 
558 C  "C4'" . DG  B 11 ? 0.48742 0.42270 0.65954 0.04621  0.05755  -0.07191 11  DG  B "C4'" 
559 O  "O4'" . DG  B 11 ? 0.50587 0.43930 0.63476 0.03608  0.03315  -0.07510 11  DG  B "O4'" 
560 C  "C3'" . DG  B 11 ? 0.47466 0.42216 0.64427 0.04090  0.07022  -0.07870 11  DG  B "C3'" 
561 O  "O3'" . DG  B 11 ? 0.50401 0.43618 0.64711 0.03150  0.08684  -0.10744 11  DG  B "O3'" 
562 C  "C2'" . DG  B 11 ? 0.50311 0.46332 0.64216 0.03078  0.04412  -0.06854 11  DG  B "C2'" 
563 C  "C1'" . DG  B 11 ? 0.49372 0.43698 0.59908 0.02711  0.02781  -0.07646 11  DG  B "C1'" 
564 N  N9    . DG  B 11 ? 0.47930 0.42389 0.56312 0.02303  0.00348  -0.06384 11  DG  B N9    
565 C  C8    . DG  B 11 ? 0.49836 0.45328 0.59561 0.02377  -0.01008 -0.04554 11  DG  B C8    
566 N  N7    . DG  B 11 ? 0.48575 0.43180 0.55280 0.01672  -0.02694 -0.04318 11  DG  B N7    
567 C  C5    . DG  B 11 ? 0.51968 0.45108 0.55692 0.01525  -0.02483 -0.05601 11  DG  B C5    
568 C  C6    . DG  B 11 ? 0.55339 0.46953 0.55650 0.01260  -0.03520 -0.05639 11  DG  B C6    
569 O  O6    . DG  B 11 ? 0.53623 0.44052 0.52537 0.00932  -0.04557 -0.04984 11  DG  B O6    
570 N  N1    . DG  B 11 ? 0.48922 0.40489 0.47393 0.01379  -0.03090 -0.06546 11  DG  B N1    
571 C  C2    . DG  B 11 ? 0.50397 0.43054 0.49585 0.01258  -0.01797 -0.07837 11  DG  B C2    
572 N  N2    . DG  B 11 ? 0.52418 0.45688 0.49145 0.00973  -0.01832 -0.08626 11  DG  B N2    
573 N  N3    . DG  B 11 ? 0.52784 0.45983 0.54886 0.01371  -0.00424 -0.08277 11  DG  B N3    
574 C  C4    . DG  B 11 ? 0.49555 0.43019 0.54094 0.01733  -0.00855 -0.06877 11  DG  B C4    
575 P  P     . DT  B 12 ? 0.54193 0.45088 0.70789 0.03520  0.12163  -0.12874 12  DT  B P     
576 O  OP1   . DT  B 12 ? 0.53226 0.44523 0.75539 0.05412  0.14148  -0.11000 12  DT  B OP1   
577 O  OP2   . DT  B 12 ? 0.59662 0.50201 0.72390 0.01850  0.13511  -0.15880 12  DT  B OP2   
578 O  "O5'" . DT  B 12 ? 0.53526 0.42468 0.69624 0.03362  0.11268  -0.13389 12  DT  B "O5'" 
579 C  "C5'" . DT  B 12 ? 0.58863 0.48059 0.70627 0.01920  0.09223  -0.14642 12  DT  B "C5'" 
580 C  "C4'" . DT  B 12 ? 0.59276 0.46622 0.71642 0.01605  0.09479  -0.15602 12  DT  B "C4'" 
581 O  "O4'" . DT  B 12 ? 0.61385 0.46422 0.74569 0.00711  0.12708  -0.18492 12  DT  B "O4'" 
582 C  "C3'" . DT  B 12 ? 0.57302 0.43813 0.73246 0.03229  0.09208  -0.13010 12  DT  B "C3'" 
583 O  "O3'" . DT  B 12 ? 0.61076 0.46941 0.75935 0.02605  0.08145  -0.13382 12  DT  B "O3'" 
584 C  "C2'" . DT  B 12 ? 0.57781 0.41892 0.77843 0.04118  0.12803  -0.13448 12  DT  B "C2'" 
585 C  "C1'" . DT  B 12 ? 0.63053 0.45463 0.80676 0.02037  0.14740  -0.17531 12  DT  B "C1'" 
586 N  N1    . DT  B 12 ? 0.57754 0.38241 0.77382 0.02166  0.18465  -0.18872 12  DT  B N1    
587 C  C2    . DT  B 12 ? 0.64891 0.42967 0.86109 0.01719  0.20526  -0.19156 12  DT  B C2    
588 O  O2    . DT  B 12 ? 0.71034 0.48155 0.92503 0.01280  0.19860  -0.18762 12  DT  B O2    
589 N  N3    . DT  B 12 ? 0.64671 0.41354 0.87287 0.01734  0.23663  -0.19988 12  DT  B N3    
590 C  C4    . DT  B 12 ? 0.62374 0.40054 0.84987 0.02180  0.24980  -0.20496 12  DT  B C4    
591 O  O4    . DT  B 12 ? 0.65111 0.41225 0.89101 0.02157  0.28079  -0.21316 12  DT  B O4    
592 C  C5    . DT  B 12 ? 0.61273 0.41804 0.82213 0.02581  0.22756  -0.20096 12  DT  B C5    
593 C  C7    . DT  B 12 ? 0.63981 0.46062 0.84906 0.02962  0.24232  -0.20537 12  DT  B C7    
594 C  C6    . DT  B 12 ? 0.60239 0.41854 0.79789 0.02534  0.19644  -0.19354 12  DT  B C6    
595 P  P     . DG  B 13 ? 0.60625 0.47487 0.75280 0.03488  0.05608  -0.10669 13  DG  B P     
596 O  OP1   . DG  B 13 ? 0.55378 0.44132 0.69829 0.04305  0.03975  -0.08459 13  DG  B OP1   
597 O  OP2   . DG  B 13 ? 0.61681 0.46542 0.79191 0.04059  0.07025  -0.09909 13  DG  B OP2   
598 O  "O5'" . DG  B 13 ? 0.55574 0.43557 0.66564 0.02246  0.03740  -0.11981 13  DG  B "O5'" 
599 C  "C5'" . DG  B 13 ? 0.60121 0.47606 0.70807 0.00897  0.04562  -0.14177 13  DG  B "C5'" 
600 C  "C4'" . DG  B 13 ? 0.56327 0.46297 0.63714 -0.00054 0.02617  -0.15037 13  DG  B "C4'" 
601 O  "O4'" . DG  B 13 ? 0.55422 0.46182 0.62029 0.01010  0.00640  -0.12943 13  DG  B "O4'" 
602 C  "C3'" . DG  B 13 ? 0.53393 0.44694 0.58379 -0.00341 0.02176  -0.15464 13  DG  B "C3'" 
603 O  "O3'" . DG  B 13 ? 0.57718 0.50895 0.60469 -0.02036 0.02030  -0.17605 13  DG  B "O3'" 
604 C  "C2'" . DG  B 13 ? 0.48901 0.41096 0.52358 0.00796  0.00007  -0.13148 13  DG  B "C2'" 
605 C  "C1'" . DG  B 13 ? 0.50554 0.42794 0.54534 0.01217  -0.00908 -0.12407 13  DG  B "C1'" 
606 N  N9    . DG  B 13 ? 0.44542 0.36159 0.48044 0.02410  -0.02084 -0.10299 13  DG  B N9    
607 C  C8    . DG  B 13 ? 0.45377 0.35859 0.50322 0.03108  -0.01908 -0.08851 13  DG  B C8    
608 N  N7    . DG  B 13 ? 0.48436 0.38733 0.51796 0.03566  -0.03174 -0.07561 13  DG  B N7    
609 C  C5    . DG  B 13 ? 0.43779 0.34568 0.44944 0.03522  -0.03922 -0.08028 13  DG  B C5    
610 C  C6    . DG  B 13 ? 0.44209 0.34288 0.43173 0.04008  -0.04847 -0.07226 13  DG  B C6    
611 O  O6    . DG  B 13 ? 0.46044 0.34819 0.44086 0.04125  -0.05221 -0.06427 13  DG  B O6    
612 N  N1    . DG  B 13 ? 0.46869 0.37969 0.44660 0.04266  -0.05195 -0.07443 13  DG  B N1    
613 C  C2    . DG  B 13 ? 0.48297 0.41614 0.46537 0.03701  -0.05062 -0.08453 13  DG  B C2    
614 N  N2    . DG  B 13 ? 0.48987 0.44105 0.46042 0.04069  -0.05757 -0.08044 13  DG  B N2    
615 N  N3    . DG  B 13 ? 0.50914 0.44708 0.50647 0.02757  -0.04180 -0.09772 13  DG  B N3    
616 C  C4    . DG  B 13 ? 0.48494 0.40604 0.49808 0.02900  -0.03481 -0.09426 13  DG  B C4    
617 P  P     . DG  B 14 ? 0.67639 0.62159 0.67568 -0.02910 0.02364  -0.18669 14  DG  B P     
618 O  OP1   . DG  B 14 ? 0.66573 0.62637 0.64759 -0.05241 0.03010  -0.21628 14  DG  B OP1   
619 O  OP2   . DG  B 14 ? 0.63853 0.56484 0.65347 -0.01966 0.03981  -0.18047 14  DG  B OP2   
620 O  "O5'" . DG  B 14 ? 0.60902 0.57745 0.58303 -0.02135 -0.00224 -0.16495 14  DG  B "O5'" 
621 C  "C5'" . DG  B 14 ? 0.56771 0.56291 0.53121 -0.02526 -0.01900 -0.16383 14  DG  B "C5'" 
622 C  "C4'" . DG  B 14 ? 0.53842 0.55433 0.47617 -0.01743 -0.03648 -0.14358 14  DG  B "C4'" 
623 O  "O4'" . DG  B 14 ? 0.53243 0.52883 0.47876 0.00155  -0.04402 -0.11993 14  DG  B "O4'" 
624 C  "C3'" . DG  B 14 ? 0.53080 0.54894 0.44372 -0.02184 -0.03094 -0.14280 14  DG  B "C3'" 
625 O  "O3'" . DG  B 14 ? 0.55346 0.60563 0.43823 -0.02327 -0.04621 -0.13118 14  DG  B "O3'" 
626 C  "C2'" . DG  B 14 ? 0.52217 0.51072 0.44572 -0.00685 -0.02895 -0.12321 14  DG  B "C2'" 
627 C  "C1'" . DG  B 14 ? 0.50965 0.49321 0.44235 0.00668  -0.04296 -0.10688 14  DG  B "C1'" 
628 N  N9    . DG  B 14 ? 0.50864 0.46369 0.45772 0.01608  -0.04120 -0.09666 14  DG  B N9    
629 C  C8    . DG  B 14 ? 0.47338 0.41352 0.44640 0.01556  -0.03132 -0.10200 14  DG  B C8    
630 N  N7    . DG  B 14 ? 0.47882 0.40343 0.45832 0.02266  -0.03599 -0.08844 14  DG  B N7    
631 C  C5    . DG  B 14 ? 0.45196 0.37323 0.41039 0.02768  -0.04620 -0.07726 14  DG  B C5    
632 C  C6    . DG  B 14 ? 0.50262 0.40399 0.45351 0.03276  -0.05167 -0.06523 14  DG  B C6    
633 O  O6    . DG  B 14 ? 0.49628 0.38624 0.45472 0.03123  -0.05227 -0.06230 14  DG  B O6    
634 N  N1    . DG  B 14 ? 0.50440 0.40067 0.43612 0.03936  -0.05584 -0.05587 14  DG  B N1    
635 C  C2    . DG  B 14 ? 0.50458 0.42199 0.42685 0.04200  -0.05839 -0.05333 14  DG  B C2    
636 N  N2    . DG  B 14 ? 0.52377 0.43454 0.43269 0.05266  -0.06130 -0.03755 14  DG  B N2    
637 N  N3    . DG  B 14 ? 0.49727 0.44147 0.42237 0.03389  -0.05714 -0.06531 14  DG  B N3    
638 C  C4    . DG  B 14 ? 0.46426 0.40444 0.40706 0.02642  -0.04931 -0.07913 14  DG  B C4    
639 P  P     . DG  B 15 ? 0.63875 0.70238 0.48888 -0.02785 -0.04399 -0.12305 15  DG  B P     
640 O  OP1   . DG  B 15 ? 0.62983 0.74230 0.45235 -0.04008 -0.05679 -0.12511 15  DG  B OP1   
641 O  OP2   . DG  B 15 ? 0.66850 0.70807 0.52217 -0.03481 -0.02173 -0.13864 15  DG  B OP2   
642 O  "O5'" . DG  B 15 ? 0.63363 0.68052 0.48275 -0.00722 -0.05315 -0.08836 15  DG  B "O5'" 
643 C  "C5'" . DG  B 15 ? 0.62593 0.69284 0.47007 0.00544  -0.07003 -0.06516 15  DG  B "C5'" 
644 C  "C4'" . DG  B 15 ? 0.66354 0.70628 0.49846 0.02078  -0.07022 -0.03504 15  DG  B "C4'" 
645 O  "O4'" . DG  B 15 ? 0.64202 0.64066 0.49862 0.02956  -0.06448 -0.03387 15  DG  B "O4'" 
646 C  "C3'" . DG  B 15 ? 0.70041 0.73847 0.51051 0.01207  -0.06025 -0.03001 15  DG  B "C3'" 
647 O  "O3'" . DG  B 15 ? 0.75146 0.78960 0.54366 0.02413  -0.06516 0.00325  15  DG  B "O3'" 
648 C  "C2'" . DG  B 15 ? 0.68447 0.68143 0.51444 0.01043  -0.04706 -0.03835 15  DG  B "C2'" 
649 C  "C1'" . DG  B 15 ? 0.62902 0.60100 0.47907 0.02511  -0.05402 -0.02909 15  DG  B "C1'" 
650 N  N9    . DG  B 15 ? 0.57802 0.52438 0.45206 0.02250  -0.04805 -0.04176 15  DG  B N9    
651 C  C8    . DG  B 15 ? 0.58227 0.53397 0.47474 0.01441  -0.04131 -0.06276 15  DG  B C8    
652 N  N7    . DG  B 15 ? 0.55052 0.48192 0.46380 0.01599  -0.03911 -0.06362 15  DG  B N7    
653 C  C5    . DG  B 15 ? 0.55865 0.46824 0.46310 0.02194  -0.04460 -0.04733 15  DG  B C5    
654 C  C6    . DG  B 15 ? 0.54862 0.43403 0.46173 0.02145  -0.04591 -0.04372 15  DG  B C6    
655 O  O6    . DG  B 15 ? 0.50405 0.38965 0.43621 0.01750  -0.04551 -0.04980 15  DG  B O6    
656 N  N1    . DG  B 15 ? 0.56387 0.42394 0.46010 0.02544  -0.04702 -0.03071 15  DG  B N1    
657 C  C2    . DG  B 15 ? 0.62241 0.48167 0.50073 0.03371  -0.04667 -0.01679 15  DG  B C2    
658 N  N2    . DG  B 15 ? 0.58966 0.41492 0.45688 0.03905  -0.04295 -0.00370 15  DG  B N2    
659 N  N3    . DG  B 15 ? 0.60151 0.49160 0.47241 0.03586  -0.04890 -0.01506 15  DG  B N3    
660 C  C4    . DG  B 15 ? 0.60640 0.52024 0.48892 0.02752  -0.04792 -0.03351 15  DG  B C4    
661 P  P     . DT  B 16 ? 0.83445 0.89173 0.58965 0.01510  -0.06019 0.01700  16  DT  B P     
662 O  OP1   . DT  B 16 ? 0.85678 0.91999 0.59989 0.03305  -0.06870 0.05731  16  DT  B OP1   
663 O  OP2   . DT  B 16 ? 0.84476 0.94328 0.58128 -0.00516 -0.06000 -0.00967 16  DT  B OP2   
664 O  "O5'" . DT  B 16 ? 0.80109 0.81677 0.56158 0.00802  -0.04121 0.01286  16  DT  B "O5'" 
665 C  "C5'" . DT  B 16 ? 0.74796 0.73070 0.50352 0.01542  -0.03491 0.04147  16  DT  B "C5'" 
666 C  "C4'" . DT  B 16 ? 0.75618 0.69869 0.53622 0.02950  -0.03795 0.04901  16  DT  B "C4'" 
667 O  "O4'" . DT  B 16 ? 0.76042 0.69307 0.56781 0.02413  -0.03795 0.02090  16  DT  B "O4'" 
668 C  "C3'" . DT  B 16 ? 0.75325 0.64895 0.53244 0.02936  -0.02585 0.06777  16  DT  B "C3'" 
669 O  "O3'" . DT  B 16 ? 0.81341 0.67780 0.59861 0.04746  -0.02781 0.08600  16  DT  B "O3'" 
670 C  "C2'" . DT  B 16 ? 0.73294 0.61150 0.53506 0.01448  -0.01934 0.04299  16  DT  B "C2'" 
671 C  "C1'" . DT  B 16 ? 0.72995 0.62228 0.55061 0.02036  -0.03027 0.02209  16  DT  B "C1'" 
672 N  N1    . DT  B 16 ? 0.68907 0.58607 0.53364 0.00901  -0.02690 -0.00258 16  DT  B N1    
673 C  C2    . DT  B 16 ? 0.70173 0.57303 0.56461 0.00451  -0.02609 -0.00604 16  DT  B C2    
674 O  O2    . DT  B 16 ? 0.71424 0.55336 0.57164 0.00577  -0.02578 0.00470  16  DT  B O2    
675 N  N3    . DT  B 16 ? 0.67882 0.56386 0.56651 -0.00237 -0.02433 -0.02229 16  DT  B N3    
676 C  C4    . DT  B 16 ? 0.67562 0.58751 0.57320 -0.00375 -0.01898 -0.03686 16  DT  B C4    
677 O  O4    . DT  B 16 ? 0.71656 0.63595 0.64135 -0.00620 -0.01476 -0.04681 16  DT  B O4    
678 C  C5    . DT  B 16 ? 0.66548 0.59671 0.53900 -0.00258 -0.01768 -0.03885 16  DT  B C5    
679 C  C7    . DT  B 16 ? 0.63059 0.58531 0.50784 -0.00844 -0.00813 -0.06034 16  DT  B C7    
680 C  C6    . DT  B 16 ? 0.66600 0.59367 0.51378 0.00315  -0.02390 -0.02074 16  DT  B C6    
681 K  K     . K   C .  ? 0.40895 0.30131 0.38884 0.07390  -0.01434 -0.05831 101 K   A K     
682 K  K     . K   D .  ? 0.44692 0.31942 0.40717 0.06465  -0.03882 -0.06098 102 K   A K     
683 K  K     . K   E .  ? 0.44312 0.30475 0.39132 0.05177  -0.05289 -0.06009 103 K   A K     
684 SR SR    . SR  F .  ? 0.86459 0.66248 0.60871 -0.06116 -0.07543 -0.08993 104 SR  A SR    
685 SR SR    . SR  G .  ? 0.80613 0.55842 0.72462 0.16627  0.00164  0.01732  105 SR  A SR    
686 SR SR    . SR  H .  ? 1.54693 1.28385 1.42261 0.17373  0.16398  -0.09691 106 SR  A SR    
687 SR SR    . SR  I .  ? 1.41537 1.24997 0.84835 -0.07401 0.03837  -0.09067 107 SR  A SR    
688 K  K     . K   J .  ? 0.46628 0.32377 0.40739 0.03567  -0.05879 -0.05618 101 K   B K     
689 K  K     . K   K .  ? 0.44990 0.31179 0.38981 0.01545  -0.05556 -0.04878 102 K   B K     
690 O  O     . HOH L .  ? 0.46221 0.62230 0.62570 0.04697  -0.03111 -0.07582 201 HOH A O     
691 O  O     . HOH L .  ? 0.53869 0.42135 0.67760 0.01445  0.03509  -0.07865 202 HOH A O     
692 O  O     . HOH L .  ? 0.73702 0.40908 0.51019 0.07222  0.04777  -0.11131 203 HOH A O     
693 O  O     . HOH L .  ? 0.73068 0.40732 0.56723 0.12967  0.07851  -0.09261 204 HOH A O     
694 O  O     . HOH L .  ? 0.60086 0.49939 0.80565 -0.03007 0.07867  -0.09389 205 HOH A O     
695 O  O     . HOH L .  ? 0.49997 0.44079 0.61678 -0.00069 0.00861  -0.11673 206 HOH A O     
696 O  O     . HOH L .  ? 0.70037 0.41371 0.45283 0.01557  -0.00822 -0.10589 207 HOH A O     
697 O  O     . HOH L .  ? 0.47902 0.46750 0.54562 0.00410  -0.02728 -0.12622 208 HOH A O     
698 O  O     . HOH L .  ? 0.47870 0.38923 0.59609 0.05474  -0.01673 -0.02004 209 HOH A O     
699 O  O     . HOH L .  ? 0.55810 0.42496 0.65501 0.04796  0.04683  0.03388  210 HOH A O     
700 O  O     . HOH L .  ? 0.62447 0.48655 0.45608 -0.02578 -0.08725 -0.04931 211 HOH A O     
701 O  O     . HOH L .  ? 0.56266 0.46751 0.71519 0.00690  0.04834  -0.06790 212 HOH A O     
702 O  O     . HOH L .  ? 0.58098 0.71513 0.69254 0.10371  -0.05085 -0.03784 213 HOH A O     
703 O  O     . HOH L .  ? 0.68570 0.49051 0.88671 0.04278  0.09239  0.02322  214 HOH A O     
704 O  O     . HOH L .  ? 0.71995 0.58782 0.50276 0.02462  -0.00261 -0.01821 215 HOH A O     
705 O  O     . HOH L .  ? 0.55040 0.42519 0.67281 0.03258  0.04766  -0.01755 216 HOH A O     
706 O  O     . HOH L .  ? 0.58135 0.48486 0.56892 0.16215  -0.02294 -0.00181 217 HOH A O     
707 O  O     . HOH L .  ? 0.59998 0.67279 0.65397 0.12469  -0.05986 -0.01825 218 HOH A O     
708 O  O     . HOH L .  ? 0.64494 0.60775 0.79210 0.01447  0.04687  -0.06201 219 HOH A O     
709 O  O     . HOH L .  ? 0.67276 0.73301 0.70624 0.15525  -0.06431 0.01950  220 HOH A O     
710 O  O     . HOH L .  ? 0.80012 0.62782 0.95000 -0.01960 0.09293  -0.18137 221 HOH A O     
711 O  O     . HOH M .  ? 0.74254 0.34649 0.54899 0.00719  -0.00543 -0.05644 201 HOH B O     
712 O  O     . HOH M .  ? 0.47467 0.37993 0.58548 0.04505  -0.00234 -0.05608 202 HOH B O     
713 O  O     . HOH M .  ? 0.70318 0.35743 0.54753 0.07892  -0.00375 -0.02645 203 HOH B O     
714 O  O     . HOH M .  ? 0.54614 0.47298 0.56847 0.00419  0.02120  -0.13405 204 HOH B O     
715 O  O     . HOH M .  ? 0.50665 0.41689 0.59393 0.02863  0.01837  -0.09624 205 HOH B O     
716 O  O     . HOH M .  ? 0.84470 0.88553 0.63694 0.07231  -0.08173 0.08000  206 HOH B O     
717 O  O     . HOH M .  ? 0.48511 0.50593 0.51838 0.00780  -0.04750 -0.12294 207 HOH B O     
718 O  O     . HOH M .  ? 0.52867 0.52004 0.87339 0.10908  0.06511  0.03941  208 HOH B O     
719 O  O     . HOH M .  ? 0.61863 0.63731 0.69631 -0.00897 -0.09219 0.01516  209 HOH B O     
720 O  O     . HOH M .  ? 0.52689 0.48917 0.46151 -0.00996 0.00686  -0.11962 210 HOH B O     
721 O  O     . HOH M .  ? 0.75253 0.76306 0.71812 -0.03604 -0.12818 0.01631  211 HOH B O     
722 O  O     . HOH M .  ? 0.72867 0.54559 0.55987 0.06065  -0.03472 0.04995  212 HOH B O     
723 O  O     . HOH M .  ? 0.59342 0.44985 0.53346 0.14366  -0.03472 0.00764  213 HOH B O     
724 O  O     . HOH M .  ? 0.72808 0.81234 0.58441 -0.08449 -0.01558 -0.21339 214 HOH B O     
725 O  O     . HOH M .  ? 0.73846 0.68033 0.74106 -0.01244 0.07313  -0.15984 215 HOH B O     
726 O  O     . HOH M .  ? 0.86947 1.29777 0.94043 -0.01973 -0.23846 0.28223  216 HOH B O     
727 O  O     . HOH M .  ? 0.69774 0.47928 1.04108 0.09540  0.18201  -0.04324 217 HOH B O     
728 O  O     . HOH M .  ? 0.76221 0.77544 0.59279 -0.06145 0.07842  -0.17677 218 HOH B O     
729 O  O     . HOH M .  ? 0.70724 0.83618 0.94305 -0.03430 0.01076  0.01847  219 HOH B O     
730 O  O     . HOH M .  ? 0.86070 0.75400 0.81546 -0.07239 0.28208  -0.32263 220 HOH B O     
# 
loop_
_pdbx_poly_seq_scheme.asym_id 
_pdbx_poly_seq_scheme.entity_id 
_pdbx_poly_seq_scheme.seq_id 
_pdbx_poly_seq_scheme.mon_id 
_pdbx_poly_seq_scheme.ndb_seq_num 
_pdbx_poly_seq_scheme.pdb_seq_num 
_pdbx_poly_seq_scheme.auth_seq_num 
_pdbx_poly_seq_scheme.pdb_mon_id 
_pdbx_poly_seq_scheme.auth_mon_id 
_pdbx_poly_seq_scheme.pdb_strand_id 
_pdbx_poly_seq_scheme.pdb_ins_code 
_pdbx_poly_seq_scheme.hetero 
A 1 1  DG 1  1  1  DG DG A . n 
A 1 2  DG 2  2  2  DG DG A . n 
A 1 3  DG 3  3  3  DG DG A . n 
A 1 4  DG 4  4  4  DG DG A . n 
A 1 5  DT 5  5  5  DT DT A . n 
A 1 6  DG 6  6  6  DG DG A . n 
A 1 7  DG 7  7  7  DG DG A . n 
A 1 8  DG 8  8  8  DG DG A . n 
A 1 9  DC 9  9  9  DC DC A . n 
A 1 10 DG 10 10 10 DG DG A . n 
A 1 11 DG 11 11 11 DG DG A . n 
A 1 12 DT 12 12 12 DT DT A . n 
A 1 13 DG 13 13 13 DG DG A . n 
A 1 14 DG 14 14 14 DG DG A . n 
A 1 15 DG 15 15 15 DG DG A . n 
A 1 16 DT 16 16 16 DT DT A . n 
B 1 1  DG 1  1  1  DG DG B . n 
B 1 2  DG 2  2  2  DG DG B . n 
B 1 3  DG 3  3  3  DG DG B . n 
B 1 4  DG 4  4  4  DG DG B . n 
B 1 5  DT 5  5  5  DT DT B . n 
B 1 6  DG 6  6  6  DG DG B . n 
B 1 7  DG 7  7  7  DG DG B . n 
B 1 8  DG 8  8  8  DG DG B . n 
B 1 9  DC 9  9  9  DC DC B . n 
B 1 10 DG 10 10 10 DG DG B . n 
B 1 11 DG 11 11 11 DG DG B . n 
B 1 12 DT 12 12 12 DT DT B . n 
B 1 13 DG 13 13 13 DG DG B . n 
B 1 14 DG 14 14 14 DG DG B . n 
B 1 15 DG 15 15 15 DG DG B . n 
B 1 16 DT 16 16 16 DT DT B . n 
# 
_pdbx_contact_author.id                 2 
_pdbx_contact_author.email              Phantuan@ntu.edu.sg 
_pdbx_contact_author.name_first         Tuan 
_pdbx_contact_author.name_last          Phan 
_pdbx_contact_author.name_mi            Anh 
_pdbx_contact_author.role               'principal investigator/group leader' 
_pdbx_contact_author.identifier_ORCID   0000-0002-4970-3861 
# 
loop_
_pdbx_nonpoly_scheme.asym_id 
_pdbx_nonpoly_scheme.entity_id 
_pdbx_nonpoly_scheme.mon_id 
_pdbx_nonpoly_scheme.ndb_seq_num 
_pdbx_nonpoly_scheme.pdb_seq_num 
_pdbx_nonpoly_scheme.auth_seq_num 
_pdbx_nonpoly_scheme.pdb_mon_id 
_pdbx_nonpoly_scheme.auth_mon_id 
_pdbx_nonpoly_scheme.pdb_strand_id 
_pdbx_nonpoly_scheme.pdb_ins_code 
C 2 K   1  101 1  K   K   A . 
D 2 K   1  102 2  K   K   A . 
E 2 K   1  103 3  K   K   A . 
F 3 SR  1  104 1  SR  SR  A . 
G 3 SR  1  105 2  SR  SR  A . 
H 3 SR  1  106 3  SR  SR  A . 
I 3 SR  1  107 4  SR  SR  A . 
J 2 K   1  101 4  K   K   B . 
K 2 K   1  102 5  K   K   B . 
L 4 HOH 1  201 30 HOH HOH A . 
L 4 HOH 2  202 9  HOH HOH A . 
L 4 HOH 3  203 25 HOH HOH A . 
L 4 HOH 4  204 18 HOH HOH A . 
L 4 HOH 5  205 42 HOH HOH A . 
L 4 HOH 6  206 6  HOH HOH A . 
L 4 HOH 7  207 20 HOH HOH A . 
L 4 HOH 8  208 11 HOH HOH A . 
L 4 HOH 9  209 31 HOH HOH A . 
L 4 HOH 10 210 8  HOH HOH A . 
L 4 HOH 11 211 2  HOH HOH A . 
L 4 HOH 12 212 41 HOH HOH A . 
L 4 HOH 13 213 4  HOH HOH A . 
L 4 HOH 14 214 13 HOH HOH A . 
L 4 HOH 15 215 26 HOH HOH A . 
L 4 HOH 16 216 10 HOH HOH A . 
L 4 HOH 17 217 29 HOH HOH A . 
L 4 HOH 18 218 45 HOH HOH A . 
L 4 HOH 19 219 40 HOH HOH A . 
L 4 HOH 20 220 24 HOH HOH A . 
L 4 HOH 21 221 33 HOH HOH A . 
M 4 HOH 1  201 7  HOH HOH B . 
M 4 HOH 2  202 19 HOH HOH B . 
M 4 HOH 3  203 21 HOH HOH B . 
M 4 HOH 4  204 5  HOH HOH B . 
M 4 HOH 5  205 17 HOH HOH B . 
M 4 HOH 6  206 35 HOH HOH B . 
M 4 HOH 7  207 39 HOH HOH B . 
M 4 HOH 8  208 43 HOH HOH B . 
M 4 HOH 9  209 23 HOH HOH B . 
M 4 HOH 10 210 22 HOH HOH B . 
M 4 HOH 11 211 32 HOH HOH B . 
M 4 HOH 12 212 12 HOH HOH B . 
M 4 HOH 13 213 3  HOH HOH B . 
M 4 HOH 14 214 28 HOH HOH B . 
M 4 HOH 15 215 15 HOH HOH B . 
M 4 HOH 16 216 38 HOH HOH B . 
M 4 HOH 17 217 34 HOH HOH B . 
M 4 HOH 18 218 36 HOH HOH B . 
M 4 HOH 19 219 44 HOH HOH B . 
M 4 HOH 20 220 37 HOH HOH B . 
# 
_pdbx_struct_assembly.id                   1 
_pdbx_struct_assembly.details              author_and_software_defined_assembly 
_pdbx_struct_assembly.method_details       PISA 
_pdbx_struct_assembly.oligomeric_details   dimeric 
_pdbx_struct_assembly.oligomeric_count     2 
# 
_pdbx_struct_assembly_gen.assembly_id       1 
_pdbx_struct_assembly_gen.oper_expression   1 
_pdbx_struct_assembly_gen.asym_id_list      A,B,C,D,E,F,G,H,I,J,K,L,M 
# 
loop_
_pdbx_struct_assembly_prop.biol_id 
_pdbx_struct_assembly_prop.type 
_pdbx_struct_assembly_prop.value 
_pdbx_struct_assembly_prop.details 
1 'ABSA (A^2)' 3090 ? 
1 MORE         -76  ? 
1 'SSA (A^2)'  5610 ? 
# 
_pdbx_struct_oper_list.id                   1 
_pdbx_struct_oper_list.type                 'identity operation' 
_pdbx_struct_oper_list.name                 1_555 
_pdbx_struct_oper_list.symmetry_operation   x,y,z 
_pdbx_struct_oper_list.matrix[1][1]         1.0000000000 
_pdbx_struct_oper_list.matrix[1][2]         0.0000000000 
_pdbx_struct_oper_list.matrix[1][3]         0.0000000000 
_pdbx_struct_oper_list.vector[1]            0.0000000000 
_pdbx_struct_oper_list.matrix[2][1]         0.0000000000 
_pdbx_struct_oper_list.matrix[2][2]         1.0000000000 
_pdbx_struct_oper_list.matrix[2][3]         0.0000000000 
_pdbx_struct_oper_list.vector[2]            0.0000000000 
_pdbx_struct_oper_list.matrix[3][1]         0.0000000000 
_pdbx_struct_oper_list.matrix[3][2]         0.0000000000 
_pdbx_struct_oper_list.matrix[3][3]         1.0000000000 
_pdbx_struct_oper_list.vector[3]            0.0000000000 
# 
loop_
_pdbx_struct_conn_angle.id 
_pdbx_struct_conn_angle.ptnr1_label_atom_id 
_pdbx_struct_conn_angle.ptnr1_label_alt_id 
_pdbx_struct_conn_angle.ptnr1_label_asym_id 
_pdbx_struct_conn_angle.ptnr1_label_comp_id 
_pdbx_struct_conn_angle.ptnr1_label_seq_id 
_pdbx_struct_conn_angle.ptnr1_auth_atom_id 
_pdbx_struct_conn_angle.ptnr1_auth_asym_id 
_pdbx_struct_conn_angle.ptnr1_auth_comp_id 
_pdbx_struct_conn_angle.ptnr1_auth_seq_id 
_pdbx_struct_conn_angle.ptnr1_PDB_ins_code 
_pdbx_struct_conn_angle.ptnr1_symmetry 
_pdbx_struct_conn_angle.ptnr2_label_atom_id 
_pdbx_struct_conn_angle.ptnr2_label_alt_id 
_pdbx_struct_conn_angle.ptnr2_label_asym_id 
_pdbx_struct_conn_angle.ptnr2_label_comp_id 
_pdbx_struct_conn_angle.ptnr2_label_seq_id 
_pdbx_struct_conn_angle.ptnr2_auth_atom_id 
_pdbx_struct_conn_angle.ptnr2_auth_asym_id 
_pdbx_struct_conn_angle.ptnr2_auth_comp_id 
_pdbx_struct_conn_angle.ptnr2_auth_seq_id 
_pdbx_struct_conn_angle.ptnr2_PDB_ins_code 
_pdbx_struct_conn_angle.ptnr2_symmetry 
_pdbx_struct_conn_angle.ptnr3_label_atom_id 
_pdbx_struct_conn_angle.ptnr3_label_alt_id 
_pdbx_struct_conn_angle.ptnr3_label_asym_id 
_pdbx_struct_conn_angle.ptnr3_label_comp_id 
_pdbx_struct_conn_angle.ptnr3_label_seq_id 
_pdbx_struct_conn_angle.ptnr3_auth_atom_id 
_pdbx_struct_conn_angle.ptnr3_auth_asym_id 
_pdbx_struct_conn_angle.ptnr3_auth_comp_id 
_pdbx_struct_conn_angle.ptnr3_auth_seq_id 
_pdbx_struct_conn_angle.ptnr3_PDB_ins_code 
_pdbx_struct_conn_angle.ptnr3_symmetry 
_pdbx_struct_conn_angle.value 
_pdbx_struct_conn_angle.value_esd 
1   O6 ? A DG 1  ? A DG 1  ? 1_555 K ? E K . ? A K 103 ? 1_555 O6 ? A DG 2  ? A DG 2  ? 1_555 76.5  ? 
2   O6 ? A DG 1  ? A DG 1  ? 1_555 K ? E K . ? A K 103 ? 1_555 O6 ? A DG 6  ? A DG 6  ? 1_555 105.1 ? 
3   O6 ? A DG 2  ? A DG 2  ? 1_555 K ? E K . ? A K 103 ? 1_555 O6 ? A DG 6  ? A DG 6  ? 1_555 68.3  ? 
4   O6 ? A DG 1  ? A DG 1  ? 1_555 K ? E K . ? A K 103 ? 1_555 O6 ? A DG 13 ? A DG 13 ? 1_555 117.2 ? 
5   O6 ? A DG 2  ? A DG 2  ? 1_555 K ? E K . ? A K 103 ? 1_555 O6 ? A DG 13 ? A DG 13 ? 1_555 71.0  ? 
6   O6 ? A DG 6  ? A DG 6  ? 1_555 K ? E K . ? A K 103 ? 1_555 O6 ? A DG 13 ? A DG 13 ? 1_555 110.3 ? 
7   O6 ? A DG 1  ? A DG 1  ? 1_555 K ? E K . ? A K 103 ? 1_555 O6 ? B DG 1  ? B DG 1  ? 1_555 175.4 ? 
8   O6 ? A DG 2  ? A DG 2  ? 1_555 K ? E K . ? A K 103 ? 1_555 O6 ? B DG 1  ? B DG 1  ? 1_555 103.9 ? 
9   O6 ? A DG 6  ? A DG 6  ? 1_555 K ? E K . ? A K 103 ? 1_555 O6 ? B DG 1  ? B DG 1  ? 1_555 71.1  ? 
10  O6 ? A DG 13 ? A DG 13 ? 1_555 K ? E K . ? A K 103 ? 1_555 O6 ? B DG 1  ? B DG 1  ? 1_555 67.0  ? 
11  O6 ? A DG 1  ? A DG 1  ? 1_555 K ? E K . ? A K 103 ? 1_555 O6 ? B DG 2  ? B DG 2  ? 1_555 105.0 ? 
12  O6 ? A DG 2  ? A DG 2  ? 1_555 K ? E K . ? A K 103 ? 1_555 O6 ? B DG 2  ? B DG 2  ? 1_555 177.3 ? 
13  O6 ? A DG 6  ? A DG 6  ? 1_555 K ? E K . ? A K 103 ? 1_555 O6 ? B DG 2  ? B DG 2  ? 1_555 113.1 ? 
14  O6 ? A DG 13 ? A DG 13 ? 1_555 K ? E K . ? A K 103 ? 1_555 O6 ? B DG 2  ? B DG 2  ? 1_555 106.3 ? 
15  O6 ? B DG 1  ? B DG 1  ? 1_555 K ? E K . ? A K 103 ? 1_555 O6 ? B DG 2  ? B DG 2  ? 1_555 74.8  ? 
16  O6 ? A DG 1  ? A DG 1  ? 1_555 K ? E K . ? A K 103 ? 1_555 O6 ? B DG 6  ? B DG 6  ? 1_555 70.9  ? 
17  O6 ? A DG 2  ? A DG 2  ? 1_555 K ? E K . ? A K 103 ? 1_555 O6 ? B DG 6  ? B DG 6  ? 1_555 113.3 ? 
18  O6 ? A DG 6  ? A DG 6  ? 1_555 K ? E K . ? A K 103 ? 1_555 O6 ? B DG 6  ? B DG 6  ? 1_555 66.7  ? 
19  O6 ? A DG 13 ? A DG 13 ? 1_555 K ? E K . ? A K 103 ? 1_555 O6 ? B DG 6  ? B DG 6  ? 1_555 171.9 ? 
20  O6 ? B DG 1  ? B DG 1  ? 1_555 K ? E K . ? A K 103 ? 1_555 O6 ? B DG 6  ? B DG 6  ? 1_555 105.0 ? 
21  O6 ? B DG 2  ? B DG 2  ? 1_555 K ? E K . ? A K 103 ? 1_555 O6 ? B DG 6  ? B DG 6  ? 1_555 69.4  ? 
22  O6 ? A DG 1  ? A DG 1  ? 1_555 K ? E K . ? A K 103 ? 1_555 O6 ? B DG 13 ? B DG 13 ? 1_555 67.3  ? 
23  O6 ? A DG 2  ? A DG 2  ? 1_555 K ? E K . ? A K 103 ? 1_555 O6 ? B DG 13 ? B DG 13 ? 1_555 108.2 ? 
24  O6 ? A DG 6  ? A DG 6  ? 1_555 K ? E K . ? A K 103 ? 1_555 O6 ? B DG 13 ? B DG 13 ? 1_555 172.4 ? 
25  O6 ? A DG 13 ? A DG 13 ? 1_555 K ? E K . ? A K 103 ? 1_555 O6 ? B DG 13 ? B DG 13 ? 1_555 74.0  ? 
26  O6 ? B DG 1  ? B DG 1  ? 1_555 K ? E K . ? A K 103 ? 1_555 O6 ? B DG 13 ? B DG 13 ? 1_555 116.6 ? 
27  O6 ? B DG 2  ? B DG 2  ? 1_555 K ? E K . ? A K 103 ? 1_555 O6 ? B DG 13 ? B DG 13 ? 1_555 70.7  ? 
28  O6 ? B DG 6  ? B DG 6  ? 1_555 K ? E K . ? A K 103 ? 1_555 O6 ? B DG 13 ? B DG 13 ? 1_555 110.0 ? 
29  O6 ? A DG 1  ? A DG 1  ? 1_555 K ? J K . ? B K 101 ? 1_555 O6 ? B DG 2  ? B DG 2  ? 1_555 109.3 ? 
30  O6 ? A DG 1  ? A DG 1  ? 1_555 K ? J K . ? B K 101 ? 1_555 O6 ? B DG 3  ? B DG 3  ? 1_555 155.9 ? 
31  O6 ? B DG 2  ? B DG 2  ? 1_555 K ? J K . ? B K 101 ? 1_555 O6 ? B DG 3  ? B DG 3  ? 1_555 77.6  ? 
32  O6 ? A DG 1  ? A DG 1  ? 1_555 K ? J K . ? B K 101 ? 1_555 O6 ? B DG 6  ? B DG 6  ? 1_555 70.6  ? 
33  O6 ? B DG 2  ? B DG 2  ? 1_555 K ? J K . ? B K 101 ? 1_555 O6 ? B DG 6  ? B DG 6  ? 1_555 68.6  ? 
34  O6 ? B DG 3  ? B DG 3  ? 1_555 K ? J K . ? B K 101 ? 1_555 O6 ? B DG 6  ? B DG 6  ? 1_555 91.9  ? 
35  O6 ? A DG 1  ? A DG 1  ? 1_555 K ? J K . ? B K 101 ? 1_555 O6 ? B DG 7  ? B DG 7  ? 1_555 91.4  ? 
36  O6 ? B DG 2  ? B DG 2  ? 1_555 K ? J K . ? B K 101 ? 1_555 O6 ? B DG 7  ? B DG 7  ? 1_555 132.6 ? 
37  O6 ? B DG 3  ? B DG 3  ? 1_555 K ? J K . ? B K 101 ? 1_555 O6 ? B DG 7  ? B DG 7  ? 1_555 68.8  ? 
38  O6 ? B DG 6  ? B DG 6  ? 1_555 K ? J K . ? B K 101 ? 1_555 O6 ? B DG 7  ? B DG 7  ? 1_555 79.9  ? 
39  O6 ? A DG 1  ? A DG 1  ? 1_555 K ? J K . ? B K 101 ? 1_555 O6 ? B DG 10 ? B DG 10 ? 1_555 78.8  ? 
40  O6 ? B DG 2  ? B DG 2  ? 1_555 K ? J K . ? B K 101 ? 1_555 O6 ? B DG 10 ? B DG 10 ? 1_555 153.1 ? 
41  O6 ? B DG 3  ? B DG 3  ? 1_555 K ? J K . ? B K 101 ? 1_555 O6 ? B DG 10 ? B DG 10 ? 1_555 105.8 ? 
42  O6 ? B DG 6  ? B DG 6  ? 1_555 K ? J K . ? B K 101 ? 1_555 O6 ? B DG 10 ? B DG 10 ? 1_555 136.7 ? 
43  O6 ? B DG 7  ? B DG 7  ? 1_555 K ? J K . ? B K 101 ? 1_555 O6 ? B DG 10 ? B DG 10 ? 1_555 70.8  ? 
44  O6 ? A DG 1  ? A DG 1  ? 1_555 K ? J K . ? B K 101 ? 1_555 O6 ? B DG 13 ? B DG 13 ? 1_555 68.7  ? 
45  O6 ? B DG 2  ? B DG 2  ? 1_555 K ? J K . ? B K 101 ? 1_555 O6 ? B DG 13 ? B DG 13 ? 1_555 71.6  ? 
46  O6 ? B DG 3  ? B DG 3  ? 1_555 K ? J K . ? B K 101 ? 1_555 O6 ? B DG 13 ? B DG 13 ? 1_555 134.1 ? 
47  O6 ? B DG 6  ? B DG 6  ? 1_555 K ? J K . ? B K 101 ? 1_555 O6 ? B DG 13 ? B DG 13 ? 1_555 106.9 ? 
48  O6 ? B DG 7  ? B DG 7  ? 1_555 K ? J K . ? B K 101 ? 1_555 O6 ? B DG 13 ? B DG 13 ? 1_555 154.2 ? 
49  O6 ? B DG 10 ? B DG 10 ? 1_555 K ? J K . ? B K 101 ? 1_555 O6 ? B DG 13 ? B DG 13 ? 1_555 88.7  ? 
50  O6 ? A DG 1  ? A DG 1  ? 1_555 K ? J K . ? B K 101 ? 1_555 O6 ? B DG 14 ? B DG 14 ? 1_555 133.4 ? 
51  O6 ? B DG 2  ? B DG 2  ? 1_555 K ? J K . ? B K 101 ? 1_555 O6 ? B DG 14 ? B DG 14 ? 1_555 89.4  ? 
52  O6 ? B DG 3  ? B DG 3  ? 1_555 K ? J K . ? B K 101 ? 1_555 O6 ? B DG 14 ? B DG 14 ? 1_555 68.0  ? 
53  O6 ? B DG 6  ? B DG 6  ? 1_555 K ? J K . ? B K 101 ? 1_555 O6 ? B DG 14 ? B DG 14 ? 1_555 153.3 ? 
54  O6 ? B DG 7  ? B DG 7  ? 1_555 K ? J K . ? B K 101 ? 1_555 O6 ? B DG 14 ? B DG 14 ? 1_555 106.8 ? 
55  O6 ? B DG 10 ? B DG 10 ? 1_555 K ? J K . ? B K 101 ? 1_555 O6 ? B DG 14 ? B DG 14 ? 1_555 68.2  ? 
56  O6 ? B DG 13 ? B DG 13 ? 1_555 K ? J K . ? B K 101 ? 1_555 O6 ? B DG 14 ? B DG 14 ? 1_555 78.4  ? 
57  O6 ? A DG 2  ? A DG 2  ? 1_555 K ? D K . ? A K 102 ? 1_555 O6 ? A DG 3  ? A DG 3  ? 1_555 77.8  ? 
58  O6 ? A DG 2  ? A DG 2  ? 1_555 K ? D K . ? A K 102 ? 1_555 O6 ? A DG 6  ? A DG 6  ? 1_555 68.9  ? 
59  O6 ? A DG 3  ? A DG 3  ? 1_555 K ? D K . ? A K 102 ? 1_555 O6 ? A DG 6  ? A DG 6  ? 1_555 90.1  ? 
60  O6 ? A DG 2  ? A DG 2  ? 1_555 K ? D K . ? A K 102 ? 1_555 O6 ? A DG 7  ? A DG 7  ? 1_555 131.6 ? 
61  O6 ? A DG 3  ? A DG 3  ? 1_555 K ? D K . ? A K 102 ? 1_555 O6 ? A DG 7  ? A DG 7  ? 1_555 67.6  ? 
62  O6 ? A DG 6  ? A DG 6  ? 1_555 K ? D K . ? A K 102 ? 1_555 O6 ? A DG 7  ? A DG 7  ? 1_555 78.2  ? 
63  O6 ? A DG 2  ? A DG 2  ? 1_555 K ? D K . ? A K 102 ? 1_555 O6 ? A DG 10 ? A DG 10 ? 1_555 152.4 ? 
64  O6 ? A DG 3  ? A DG 3  ? 1_555 K ? D K . ? A K 102 ? 1_555 O6 ? A DG 10 ? A DG 10 ? 1_555 103.8 ? 
65  O6 ? A DG 6  ? A DG 6  ? 1_555 K ? D K . ? A K 102 ? 1_555 O6 ? A DG 10 ? A DG 10 ? 1_555 138.0 ? 
66  O6 ? A DG 7  ? A DG 7  ? 1_555 K ? D K . ? A K 102 ? 1_555 O6 ? A DG 10 ? A DG 10 ? 1_555 71.4  ? 
67  O6 ? A DG 2  ? A DG 2  ? 1_555 K ? D K . ? A K 102 ? 1_555 O6 ? A DG 13 ? A DG 13 ? 1_555 73.2  ? 
68  O6 ? A DG 3  ? A DG 3  ? 1_555 K ? D K . ? A K 102 ? 1_555 O6 ? A DG 13 ? A DG 13 ? 1_555 135.5 ? 
69  O6 ? A DG 6  ? A DG 6  ? 1_555 K ? D K . ? A K 102 ? 1_555 O6 ? A DG 13 ? A DG 13 ? 1_555 109.4 ? 
70  O6 ? A DG 7  ? A DG 7  ? 1_555 K ? D K . ? A K 102 ? 1_555 O6 ? A DG 13 ? A DG 13 ? 1_555 153.7 ? 
71  O6 ? A DG 10 ? A DG 10 ? 1_555 K ? D K . ? A K 102 ? 1_555 O6 ? A DG 13 ? A DG 13 ? 1_555 88.1  ? 
72  O6 ? A DG 2  ? A DG 2  ? 1_555 K ? D K . ? A K 102 ? 1_555 O6 ? A DG 14 ? A DG 14 ? 1_555 88.1  ? 
73  O6 ? A DG 3  ? A DG 3  ? 1_555 K ? D K . ? A K 102 ? 1_555 O6 ? A DG 14 ? A DG 14 ? 1_555 67.7  ? 
74  O6 ? A DG 6  ? A DG 6  ? 1_555 K ? D K . ? A K 102 ? 1_555 O6 ? A DG 14 ? A DG 14 ? 1_555 151.3 ? 
75  O6 ? A DG 7  ? A DG 7  ? 1_555 K ? D K . ? A K 102 ? 1_555 O6 ? A DG 14 ? A DG 14 ? 1_555 107.6 ? 
76  O6 ? A DG 10 ? A DG 10 ? 1_555 K ? D K . ? A K 102 ? 1_555 O6 ? A DG 14 ? A DG 14 ? 1_555 67.9  ? 
77  O6 ? A DG 13 ? A DG 13 ? 1_555 K ? D K . ? A K 102 ? 1_555 O6 ? A DG 14 ? A DG 14 ? 1_555 78.2  ? 
78  O6 ? A DG 2  ? A DG 2  ? 1_555 K ? D K . ? A K 102 ? 1_555 O6 ? B DG 1  ? B DG 1  ? 1_555 113.0 ? 
79  O6 ? A DG 3  ? A DG 3  ? 1_555 K ? D K . ? A K 102 ? 1_555 O6 ? B DG 1  ? B DG 1  ? 1_555 153.7 ? 
80  O6 ? A DG 6  ? A DG 6  ? 1_555 K ? D K . ? A K 102 ? 1_555 O6 ? B DG 1  ? B DG 1  ? 1_555 73.1  ? 
81  O6 ? A DG 7  ? A DG 7  ? 1_555 K ? D K . ? A K 102 ? 1_555 O6 ? B DG 1  ? B DG 1  ? 1_555 88.8  ? 
82  O6 ? A DG 10 ? A DG 10 ? 1_555 K ? D K . ? A K 102 ? 1_555 O6 ? B DG 1  ? B DG 1  ? 1_555 77.9  ? 
83  O6 ? A DG 13 ? A DG 13 ? 1_555 K ? D K . ? A K 102 ? 1_555 O6 ? B DG 1  ? B DG 1  ? 1_555 70.4  ? 
84  O6 ? A DG 14 ? A DG 14 ? 1_555 K ? D K . ? A K 102 ? 1_555 O6 ? B DG 1  ? B DG 1  ? 1_555 133.9 ? 
85  O6 ? A DG 3  ? A DG 3  ? 1_555 K ? C K . ? A K 101 ? 1_555 O6 ? A DG 4  ? A DG 4  ? 1_555 72.7  ? 
86  O6 ? A DG 3  ? A DG 3  ? 1_555 K ? C K . ? A K 101 ? 1_555 O6 ? A DG 7  ? A DG 7  ? 1_555 64.8  ? 
87  O6 ? A DG 4  ? A DG 4  ? 1_555 K ? C K . ? A K 101 ? 1_555 O6 ? A DG 7  ? A DG 7  ? 1_555 87.7  ? 
88  O6 ? A DG 3  ? A DG 3  ? 1_555 K ? C K . ? A K 101 ? 1_555 O6 ? A DG 8  ? A DG 8  ? 1_555 129.7 ? 
89  O6 ? A DG 4  ? A DG 4  ? 1_555 K ? C K . ? A K 101 ? 1_555 O6 ? A DG 8  ? A DG 8  ? 1_555 76.0  ? 
90  O6 ? A DG 7  ? A DG 7  ? 1_555 K ? C K . ? A K 101 ? 1_555 O6 ? A DG 8  ? A DG 8  ? 1_555 75.7  ? 
91  O6 ? A DG 3  ? A DG 3  ? 1_555 K ? C K . ? A K 101 ? 1_555 O6 ? A DG 10 ? A DG 10 ? 1_555 101.5 ? 
92  O6 ? A DG 4  ? A DG 4  ? 1_555 K ? C K . ? A K 101 ? 1_555 O6 ? A DG 10 ? A DG 10 ? 1_555 153.9 ? 
93  O6 ? A DG 7  ? A DG 7  ? 1_555 K ? C K . ? A K 101 ? 1_555 O6 ? A DG 10 ? A DG 10 ? 1_555 67.3  ? 
94  O6 ? A DG 8  ? A DG 8  ? 1_555 K ? C K . ? A K 101 ? 1_555 O6 ? A DG 10 ? A DG 10 ? 1_555 90.0  ? 
95  O6 ? A DG 3  ? A DG 3  ? 1_555 K ? C K . ? A K 101 ? 1_555 O6 ? A DG 11 ? A DG 11 ? 1_555 154.6 ? 
96  O6 ? A DG 4  ? A DG 4  ? 1_555 K ? C K . ? A K 101 ? 1_555 O6 ? A DG 11 ? A DG 11 ? 1_555 122.8 ? 
97  O6 ? A DG 7  ? A DG 7  ? 1_555 K ? C K . ? A K 101 ? 1_555 O6 ? A DG 11 ? A DG 11 ? 1_555 130.3 ? 
98  O6 ? A DG 8  ? A DG 8  ? 1_555 K ? C K . ? A K 101 ? 1_555 O6 ? A DG 11 ? A DG 11 ? 1_555 75.6  ? 
99  O6 ? A DG 10 ? A DG 10 ? 1_555 K ? C K . ? A K 101 ? 1_555 O6 ? A DG 11 ? A DG 11 ? 1_555 73.0  ? 
100 O6 ? A DG 3  ? A DG 3  ? 1_555 K ? C K . ? A K 101 ? 1_555 O6 ? A DG 14 ? A DG 14 ? 1_555 66.7  ? 
101 O6 ? A DG 4  ? A DG 4  ? 1_555 K ? C K . ? A K 101 ? 1_555 O6 ? A DG 14 ? A DG 14 ? 1_555 129.4 ? 
102 O6 ? A DG 7  ? A DG 7  ? 1_555 K ? C K . ? A K 101 ? 1_555 O6 ? A DG 14 ? A DG 14 ? 1_555 100.7 ? 
103 O6 ? A DG 8  ? A DG 8  ? 1_555 K ? C K . ? A K 101 ? 1_555 O6 ? A DG 14 ? A DG 14 ? 1_555 154.5 ? 
104 O6 ? A DG 10 ? A DG 10 ? 1_555 K ? C K . ? A K 101 ? 1_555 O6 ? A DG 14 ? A DG 14 ? 1_555 65.9  ? 
105 O6 ? A DG 11 ? A DG 11 ? 1_555 K ? C K . ? A K 101 ? 1_555 O6 ? A DG 14 ? A DG 14 ? 1_555 88.9  ? 
106 O6 ? A DG 3  ? A DG 3  ? 1_555 K ? C K . ? A K 101 ? 1_555 O6 ? A DG 15 ? A DG 15 ? 1_555 90.9  ? 
107 O6 ? A DG 4  ? A DG 4  ? 1_555 K ? C K . ? A K 101 ? 1_555 O6 ? A DG 15 ? A DG 15 ? 1_555 76.0  ? 
108 O6 ? A DG 7  ? A DG 7  ? 1_555 K ? C K . ? A K 101 ? 1_555 O6 ? A DG 15 ? A DG 15 ? 1_555 154.1 ? 
109 O6 ? A DG 8  ? A DG 8  ? 1_555 K ? C K . ? A K 101 ? 1_555 O6 ? A DG 15 ? A DG 15 ? 1_555 118.4 ? 
110 O6 ? A DG 10 ? A DG 10 ? 1_555 K ? C K . ? A K 101 ? 1_555 O6 ? A DG 15 ? A DG 15 ? 1_555 130.0 ? 
111 O6 ? A DG 11 ? A DG 11 ? 1_555 K ? C K . ? A K 101 ? 1_555 O6 ? A DG 15 ? A DG 15 ? 1_555 75.6  ? 
112 O6 ? A DG 14 ? A DG 14 ? 1_555 K ? C K . ? A K 101 ? 1_555 O6 ? A DG 15 ? A DG 15 ? 1_555 75.7  ? 
113 O6 ? B DG 3  ? B DG 3  ? 1_555 K ? K K . ? B K 102 ? 1_555 O6 ? B DG 4  ? B DG 4  ? 1_555 75.7  ? 
114 O6 ? B DG 3  ? B DG 3  ? 1_555 K ? K K . ? B K 102 ? 1_555 O6 ? B DG 7  ? B DG 7  ? 1_555 65.8  ? 
115 O6 ? B DG 4  ? B DG 4  ? 1_555 K ? K K . ? B K 102 ? 1_555 O6 ? B DG 7  ? B DG 7  ? 1_555 90.6  ? 
116 O6 ? B DG 3  ? B DG 3  ? 1_555 K ? K K . ? B K 102 ? 1_555 O6 ? B DG 8  ? B DG 8  ? 1_555 130.5 ? 
117 O6 ? B DG 4  ? B DG 4  ? 1_555 K ? K K . ? B K 102 ? 1_555 O6 ? B DG 8  ? B DG 8  ? 1_555 77.9  ? 
118 O6 ? B DG 7  ? B DG 7  ? 1_555 K ? K K . ? B K 102 ? 1_555 O6 ? B DG 8  ? B DG 8  ? 1_555 73.5  ? 
119 O6 ? B DG 3  ? B DG 3  ? 1_555 K ? K K . ? B K 102 ? 1_555 O6 ? B DG 10 ? B DG 10 ? 1_555 98.5  ? 
120 O6 ? B DG 4  ? B DG 4  ? 1_555 K ? K K . ? B K 102 ? 1_555 O6 ? B DG 10 ? B DG 10 ? 1_555 156.4 ? 
121 O6 ? B DG 7  ? B DG 7  ? 1_555 K ? K K . ? B K 102 ? 1_555 O6 ? B DG 10 ? B DG 10 ? 1_555 66.5  ? 
122 O6 ? B DG 8  ? B DG 8  ? 1_555 K ? K K . ? B K 102 ? 1_555 O6 ? B DG 10 ? B DG 10 ? 1_555 89.6  ? 
123 O6 ? B DG 3  ? B DG 3  ? 1_555 K ? K K . ? B K 102 ? 1_555 O6 ? B DG 11 ? B DG 11 ? 1_555 153.3 ? 
124 O6 ? B DG 4  ? B DG 4  ? 1_555 K ? K K . ? B K 102 ? 1_555 O6 ? B DG 11 ? B DG 11 ? 1_555 121.1 ? 
125 O6 ? B DG 7  ? B DG 7  ? 1_555 K ? K K . ? B K 102 ? 1_555 O6 ? B DG 11 ? B DG 11 ? 1_555 129.0 ? 
126 O6 ? B DG 8  ? B DG 8  ? 1_555 K ? K K . ? B K 102 ? 1_555 O6 ? B DG 11 ? B DG 11 ? 1_555 75.7  ? 
127 O6 ? B DG 10 ? B DG 10 ? 1_555 K ? K K . ? B K 102 ? 1_555 O6 ? B DG 11 ? B DG 11 ? 1_555 73.8  ? 
128 O6 ? B DG 3  ? B DG 3  ? 1_555 K ? K K . ? B K 102 ? 1_555 O6 ? B DG 14 ? B DG 14 ? 1_555 66.2  ? 
129 O6 ? B DG 4  ? B DG 4  ? 1_555 K ? K K . ? B K 102 ? 1_555 O6 ? B DG 14 ? B DG 14 ? 1_555 129.0 ? 
130 O6 ? B DG 7  ? B DG 7  ? 1_555 K ? K K . ? B K 102 ? 1_555 O6 ? B DG 14 ? B DG 14 ? 1_555 102.7 ? 
131 O6 ? B DG 8  ? B DG 8  ? 1_555 K ? K K . ? B K 102 ? 1_555 O6 ? B DG 14 ? B DG 14 ? 1_555 153.2 ? 
132 O6 ? B DG 10 ? B DG 10 ? 1_555 K ? K K . ? B K 102 ? 1_555 O6 ? B DG 14 ? B DG 14 ? 1_555 65.3  ? 
133 O6 ? B DG 11 ? B DG 11 ? 1_555 K ? K K . ? B K 102 ? 1_555 O6 ? B DG 14 ? B DG 14 ? 1_555 87.7  ? 
134 O6 ? B DG 3  ? B DG 3  ? 1_555 K ? K K . ? B K 102 ? 1_555 O6 ? B DG 15 ? B DG 15 ? 1_555 92.6  ? 
135 O6 ? B DG 4  ? B DG 4  ? 1_555 K ? K K . ? B K 102 ? 1_555 O6 ? B DG 15 ? B DG 15 ? 1_555 75.6  ? 
136 O6 ? B DG 7  ? B DG 7  ? 1_555 K ? K K . ? B K 102 ? 1_555 O6 ? B DG 15 ? B DG 15 ? 1_555 156.9 ? 
137 O6 ? B DG 8  ? B DG 8  ? 1_555 K ? K K . ? B K 102 ? 1_555 O6 ? B DG 15 ? B DG 15 ? 1_555 119.9 ? 
138 O6 ? B DG 10 ? B DG 10 ? 1_555 K ? K K . ? B K 102 ? 1_555 O6 ? B DG 15 ? B DG 15 ? 1_555 128.0 ? 
139 O6 ? B DG 11 ? B DG 11 ? 1_555 K ? K K . ? B K 102 ? 1_555 O6 ? B DG 15 ? B DG 15 ? 1_555 74.0  ? 
140 O6 ? B DG 14 ? B DG 14 ? 1_555 K ? K K . ? B K 102 ? 1_555 O6 ? B DG 15 ? B DG 15 ? 1_555 73.7  ? 
# 
loop_
_pdbx_audit_revision_history.ordinal 
_pdbx_audit_revision_history.data_content_type 
_pdbx_audit_revision_history.major_revision 
_pdbx_audit_revision_history.minor_revision 
_pdbx_audit_revision_history.revision_date 
1 'Structure model' 1 0 2023-02-15 
2 'Structure model' 1 1 2023-11-29 
# 
_pdbx_audit_revision_details.ordinal             1 
_pdbx_audit_revision_details.revision_ordinal    1 
_pdbx_audit_revision_details.data_content_type   'Structure model' 
_pdbx_audit_revision_details.provider            repository 
_pdbx_audit_revision_details.type                'Initial release' 
_pdbx_audit_revision_details.description         ? 
_pdbx_audit_revision_details.details             ? 
# 
loop_
_pdbx_audit_revision_group.ordinal 
_pdbx_audit_revision_group.revision_ordinal 
_pdbx_audit_revision_group.data_content_type 
_pdbx_audit_revision_group.group 
1 2 'Structure model' 'Data collection'        
2 2 'Structure model' 'Refinement description' 
# 
loop_
_pdbx_audit_revision_category.ordinal 
_pdbx_audit_revision_category.revision_ordinal 
_pdbx_audit_revision_category.data_content_type 
_pdbx_audit_revision_category.category 
1 2 'Structure model' chem_comp_atom                
2 2 'Structure model' chem_comp_bond                
3 2 'Structure model' pdbx_initial_refinement_model 
# 
_space_group_symop.id              1 
_space_group_symop.operation_xyz   x,y,z 
# 
_pdbx_refine_tls.id               1 
_pdbx_refine_tls.pdbx_refine_id   'X-RAY DIFFRACTION' 
_pdbx_refine_tls.details          ? 
_pdbx_refine_tls.method           refined 
_pdbx_refine_tls.origin_x         -0.10252155721 
_pdbx_refine_tls.origin_y         0.1040713970 
_pdbx_refine_tls.origin_z         0.20134621 
_pdbx_refine_tls.T[1][1]          0.364117412968 
_pdbx_refine_tls.T[1][1]_esd      ? 
_pdbx_refine_tls.T[1][2]          0.051506273434 
_pdbx_refine_tls.T[1][2]_esd      ? 
_pdbx_refine_tls.T[1][3]          -0.052496050714 
_pdbx_refine_tls.T[1][3]_esd      ? 
_pdbx_refine_tls.T[2][2]          0.225630439944 
_pdbx_refine_tls.T[2][2]_esd      ? 
_pdbx_refine_tls.T[2][3]          -0.059941290984 
_pdbx_refine_tls.T[2][3]_esd      ? 
_pdbx_refine_tls.T[3][3]          0.312821587822 
_pdbx_refine_tls.T[3][3]_esd      ? 
_pdbx_refine_tls.L[1][1]          5.40948876161 
_pdbx_refine_tls.L[1][1]_esd      ? 
_pdbx_refine_tls.L[1][2]          1.21321353778 
_pdbx_refine_tls.L[1][2]_esd      ? 
_pdbx_refine_tls.L[1][3]          -2.511823521144 
_pdbx_refine_tls.L[1][3]_esd      ? 
_pdbx_refine_tls.L[2][2]          3.47861370873 
_pdbx_refine_tls.L[2][2]_esd      ? 
_pdbx_refine_tls.L[2][3]          -1.120870604794 
_pdbx_refine_tls.L[2][3]_esd      ? 
_pdbx_refine_tls.L[3][3]          4.5517533935 
_pdbx_refine_tls.L[3][3]_esd      ? 
_pdbx_refine_tls.S[1][1]          0.017144339056 
_pdbx_refine_tls.S[1][1]_esd      ? 
_pdbx_refine_tls.S[1][2]          0.04288703845 
_pdbx_refine_tls.S[1][2]_esd      ? 
_pdbx_refine_tls.S[1][3]          -0.061103253907 
_pdbx_refine_tls.S[1][3]_esd      ? 
_pdbx_refine_tls.S[2][1]          0.197387072618 
_pdbx_refine_tls.S[2][1]_esd      ? 
_pdbx_refine_tls.S[2][2]          -0.029187773218 
_pdbx_refine_tls.S[2][2]_esd      ? 
_pdbx_refine_tls.S[2][3]          0.076208637804 
_pdbx_refine_tls.S[2][3]_esd      ? 
_pdbx_refine_tls.S[3][1]          -0.384349487313 
_pdbx_refine_tls.S[3][1]_esd      ? 
_pdbx_refine_tls.S[3][2]          -0.073474095580 
_pdbx_refine_tls.S[3][2]_esd      ? 
_pdbx_refine_tls.S[3][3]          0.051339466908 
_pdbx_refine_tls.S[3][3]_esd      ? 
# 
_pdbx_refine_tls_group.id                  1 
_pdbx_refine_tls_group.pdbx_refine_id      'X-RAY DIFFRACTION' 
_pdbx_refine_tls_group.refine_tls_id       1 
_pdbx_refine_tls_group.beg_label_asym_id   A 
_pdbx_refine_tls_group.beg_label_seq_id    ? 
_pdbx_refine_tls_group.beg_auth_asym_id    A 
_pdbx_refine_tls_group.beg_auth_seq_id     1 
_pdbx_refine_tls_group.beg_PDB_ins_code    ? 
_pdbx_refine_tls_group.end_label_asym_id   L 
_pdbx_refine_tls_group.end_label_seq_id    ? 
_pdbx_refine_tls_group.end_auth_asym_id    D 
_pdbx_refine_tls_group.end_auth_seq_id     4 
_pdbx_refine_tls_group.end_PDB_ins_code    ? 
_pdbx_refine_tls_group.selection           ? 
_pdbx_refine_tls_group.selection_details   all 
# 
loop_
_software.citation_id 
_software.classification 
_software.compiler_name 
_software.compiler_version 
_software.contact_author 
_software.contact_author_email 
_software.date 
_software.description 
_software.dependencies 
_software.hardware 
_software.language 
_software.location 
_software.mods 
_software.name 
_software.os 
_software.os_version 
_software.type 
_software.version 
_software.pdbx_ordinal 
? refinement     ? ? ? ? ? ? ? ? ? ? ? PHENIX ? ? ? 1.19.2_4158 1 
? 'data scaling' ? ? ? ? ? ? ? ? ? ? ? XDS    ? ? ? .           2 
? phasing        ? ? ? ? ? ? ? ? ? ? ? PHENIX ? ? ? 1.19.2_4158 3 
# 
_pdbx_entry_details.entry_id                 7XH9 
_pdbx_entry_details.has_ligand_of_interest   N 
_pdbx_entry_details.compound_details         ? 
_pdbx_entry_details.source_details           ? 
_pdbx_entry_details.nonpolymer_details       ? 
_pdbx_entry_details.sequence_details         ? 
# 
loop_
_pdbx_validate_rmsd_angle.id 
_pdbx_validate_rmsd_angle.PDB_model_num 
_pdbx_validate_rmsd_angle.auth_atom_id_1 
_pdbx_validate_rmsd_angle.auth_asym_id_1 
_pdbx_validate_rmsd_angle.auth_comp_id_1 
_pdbx_validate_rmsd_angle.auth_seq_id_1 
_pdbx_validate_rmsd_angle.PDB_ins_code_1 
_pdbx_validate_rmsd_angle.label_alt_id_1 
_pdbx_validate_rmsd_angle.auth_atom_id_2 
_pdbx_validate_rmsd_angle.auth_asym_id_2 
_pdbx_validate_rmsd_angle.auth_comp_id_2 
_pdbx_validate_rmsd_angle.auth_seq_id_2 
_pdbx_validate_rmsd_angle.PDB_ins_code_2 
_pdbx_validate_rmsd_angle.label_alt_id_2 
_pdbx_validate_rmsd_angle.auth_atom_id_3 
_pdbx_validate_rmsd_angle.auth_asym_id_3 
_pdbx_validate_rmsd_angle.auth_comp_id_3 
_pdbx_validate_rmsd_angle.auth_seq_id_3 
_pdbx_validate_rmsd_angle.PDB_ins_code_3 
_pdbx_validate_rmsd_angle.label_alt_id_3 
_pdbx_validate_rmsd_angle.angle_value 
_pdbx_validate_rmsd_angle.angle_target_value 
_pdbx_validate_rmsd_angle.angle_deviation 
_pdbx_validate_rmsd_angle.angle_standard_deviation 
_pdbx_validate_rmsd_angle.linker_flag 
1 1 "O4'" A DG 6 ? ? "C4'" A DG 6 ? ? "C3'" A DG 6 ? ? 101.94 104.50 -2.56 0.40 N 
2 1 "O4'" A DG 6 ? ? "C1'" A DG 6 ? ? N9    A DG 6 ? ? 111.15 108.30 2.85  0.30 N 
# 
loop_
_pdbx_distant_solvent_atoms.id 
_pdbx_distant_solvent_atoms.PDB_model_num 
_pdbx_distant_solvent_atoms.auth_atom_id 
_pdbx_distant_solvent_atoms.label_alt_id 
_pdbx_distant_solvent_atoms.auth_asym_id 
_pdbx_distant_solvent_atoms.auth_comp_id 
_pdbx_distant_solvent_atoms.auth_seq_id 
_pdbx_distant_solvent_atoms.PDB_ins_code 
_pdbx_distant_solvent_atoms.neighbor_macromolecule_distance 
_pdbx_distant_solvent_atoms.neighbor_ligand_distance 
1 1 O ? B HOH 218 ? 6.05 . 
2 1 O ? B HOH 219 ? 7.59 . 
3 1 O ? B HOH 220 ? 8.02 . 
# 
loop_
_chem_comp_atom.comp_id 
_chem_comp_atom.atom_id 
_chem_comp_atom.type_symbol 
_chem_comp_atom.pdbx_aromatic_flag 
_chem_comp_atom.pdbx_stereo_config 
_chem_comp_atom.pdbx_ordinal 
DC  OP3    O  N N 1   
DC  P      P  N N 2   
DC  OP1    O  N N 3   
DC  OP2    O  N N 4   
DC  "O5'"  O  N N 5   
DC  "C5'"  C  N N 6   
DC  "C4'"  C  N R 7   
DC  "O4'"  O  N N 8   
DC  "C3'"  C  N S 9   
DC  "O3'"  O  N N 10  
DC  "C2'"  C  N N 11  
DC  "C1'"  C  N R 12  
DC  N1     N  N N 13  
DC  C2     C  N N 14  
DC  O2     O  N N 15  
DC  N3     N  N N 16  
DC  C4     C  N N 17  
DC  N4     N  N N 18  
DC  C5     C  N N 19  
DC  C6     C  N N 20  
DC  HOP3   H  N N 21  
DC  HOP2   H  N N 22  
DC  "H5'"  H  N N 23  
DC  "H5''" H  N N 24  
DC  "H4'"  H  N N 25  
DC  "H3'"  H  N N 26  
DC  "HO3'" H  N N 27  
DC  "H2'"  H  N N 28  
DC  "H2''" H  N N 29  
DC  "H1'"  H  N N 30  
DC  H41    H  N N 31  
DC  H42    H  N N 32  
DC  H5     H  N N 33  
DC  H6     H  N N 34  
DG  OP3    O  N N 35  
DG  P      P  N N 36  
DG  OP1    O  N N 37  
DG  OP2    O  N N 38  
DG  "O5'"  O  N N 39  
DG  "C5'"  C  N N 40  
DG  "C4'"  C  N R 41  
DG  "O4'"  O  N N 42  
DG  "C3'"  C  N S 43  
DG  "O3'"  O  N N 44  
DG  "C2'"  C  N N 45  
DG  "C1'"  C  N R 46  
DG  N9     N  Y N 47  
DG  C8     C  Y N 48  
DG  N7     N  Y N 49  
DG  C5     C  Y N 50  
DG  C6     C  N N 51  
DG  O6     O  N N 52  
DG  N1     N  N N 53  
DG  C2     C  N N 54  
DG  N2     N  N N 55  
DG  N3     N  N N 56  
DG  C4     C  Y N 57  
DG  HOP3   H  N N 58  
DG  HOP2   H  N N 59  
DG  "H5'"  H  N N 60  
DG  "H5''" H  N N 61  
DG  "H4'"  H  N N 62  
DG  "H3'"  H  N N 63  
DG  "HO3'" H  N N 64  
DG  "H2'"  H  N N 65  
DG  "H2''" H  N N 66  
DG  "H1'"  H  N N 67  
DG  H8     H  N N 68  
DG  H1     H  N N 69  
DG  H21    H  N N 70  
DG  H22    H  N N 71  
DT  OP3    O  N N 72  
DT  P      P  N N 73  
DT  OP1    O  N N 74  
DT  OP2    O  N N 75  
DT  "O5'"  O  N N 76  
DT  "C5'"  C  N N 77  
DT  "C4'"  C  N R 78  
DT  "O4'"  O  N N 79  
DT  "C3'"  C  N S 80  
DT  "O3'"  O  N N 81  
DT  "C2'"  C  N N 82  
DT  "C1'"  C  N R 83  
DT  N1     N  N N 84  
DT  C2     C  N N 85  
DT  O2     O  N N 86  
DT  N3     N  N N 87  
DT  C4     C  N N 88  
DT  O4     O  N N 89  
DT  C5     C  N N 90  
DT  C7     C  N N 91  
DT  C6     C  N N 92  
DT  HOP3   H  N N 93  
DT  HOP2   H  N N 94  
DT  "H5'"  H  N N 95  
DT  "H5''" H  N N 96  
DT  "H4'"  H  N N 97  
DT  "H3'"  H  N N 98  
DT  "HO3'" H  N N 99  
DT  "H2'"  H  N N 100 
DT  "H2''" H  N N 101 
DT  "H1'"  H  N N 102 
DT  H3     H  N N 103 
DT  H71    H  N N 104 
DT  H72    H  N N 105 
DT  H73    H  N N 106 
DT  H6     H  N N 107 
HOH O      O  N N 108 
HOH H1     H  N N 109 
HOH H2     H  N N 110 
K   K      K  N N 111 
SR  SR     SR N N 112 
# 
loop_
_chem_comp_bond.comp_id 
_chem_comp_bond.atom_id_1 
_chem_comp_bond.atom_id_2 
_chem_comp_bond.value_order 
_chem_comp_bond.pdbx_aromatic_flag 
_chem_comp_bond.pdbx_stereo_config 
_chem_comp_bond.pdbx_ordinal 
DC  OP3   P      sing N N 1   
DC  OP3   HOP3   sing N N 2   
DC  P     OP1    doub N N 3   
DC  P     OP2    sing N N 4   
DC  P     "O5'"  sing N N 5   
DC  OP2   HOP2   sing N N 6   
DC  "O5'" "C5'"  sing N N 7   
DC  "C5'" "C4'"  sing N N 8   
DC  "C5'" "H5'"  sing N N 9   
DC  "C5'" "H5''" sing N N 10  
DC  "C4'" "O4'"  sing N N 11  
DC  "C4'" "C3'"  sing N N 12  
DC  "C4'" "H4'"  sing N N 13  
DC  "O4'" "C1'"  sing N N 14  
DC  "C3'" "O3'"  sing N N 15  
DC  "C3'" "C2'"  sing N N 16  
DC  "C3'" "H3'"  sing N N 17  
DC  "O3'" "HO3'" sing N N 18  
DC  "C2'" "C1'"  sing N N 19  
DC  "C2'" "H2'"  sing N N 20  
DC  "C2'" "H2''" sing N N 21  
DC  "C1'" N1     sing N N 22  
DC  "C1'" "H1'"  sing N N 23  
DC  N1    C2     sing N N 24  
DC  N1    C6     sing N N 25  
DC  C2    O2     doub N N 26  
DC  C2    N3     sing N N 27  
DC  N3    C4     doub N N 28  
DC  C4    N4     sing N N 29  
DC  C4    C5     sing N N 30  
DC  N4    H41    sing N N 31  
DC  N4    H42    sing N N 32  
DC  C5    C6     doub N N 33  
DC  C5    H5     sing N N 34  
DC  C6    H6     sing N N 35  
DG  OP3   P      sing N N 36  
DG  OP3   HOP3   sing N N 37  
DG  P     OP1    doub N N 38  
DG  P     OP2    sing N N 39  
DG  P     "O5'"  sing N N 40  
DG  OP2   HOP2   sing N N 41  
DG  "O5'" "C5'"  sing N N 42  
DG  "C5'" "C4'"  sing N N 43  
DG  "C5'" "H5'"  sing N N 44  
DG  "C5'" "H5''" sing N N 45  
DG  "C4'" "O4'"  sing N N 46  
DG  "C4'" "C3'"  sing N N 47  
DG  "C4'" "H4'"  sing N N 48  
DG  "O4'" "C1'"  sing N N 49  
DG  "C3'" "O3'"  sing N N 50  
DG  "C3'" "C2'"  sing N N 51  
DG  "C3'" "H3'"  sing N N 52  
DG  "O3'" "HO3'" sing N N 53  
DG  "C2'" "C1'"  sing N N 54  
DG  "C2'" "H2'"  sing N N 55  
DG  "C2'" "H2''" sing N N 56  
DG  "C1'" N9     sing N N 57  
DG  "C1'" "H1'"  sing N N 58  
DG  N9    C8     sing Y N 59  
DG  N9    C4     sing Y N 60  
DG  C8    N7     doub Y N 61  
DG  C8    H8     sing N N 62  
DG  N7    C5     sing Y N 63  
DG  C5    C6     sing N N 64  
DG  C5    C4     doub Y N 65  
DG  C6    O6     doub N N 66  
DG  C6    N1     sing N N 67  
DG  N1    C2     sing N N 68  
DG  N1    H1     sing N N 69  
DG  C2    N2     sing N N 70  
DG  C2    N3     doub N N 71  
DG  N2    H21    sing N N 72  
DG  N2    H22    sing N N 73  
DG  N3    C4     sing N N 74  
DT  OP3   P      sing N N 75  
DT  OP3   HOP3   sing N N 76  
DT  P     OP1    doub N N 77  
DT  P     OP2    sing N N 78  
DT  P     "O5'"  sing N N 79  
DT  OP2   HOP2   sing N N 80  
DT  "O5'" "C5'"  sing N N 81  
DT  "C5'" "C4'"  sing N N 82  
DT  "C5'" "H5'"  sing N N 83  
DT  "C5'" "H5''" sing N N 84  
DT  "C4'" "O4'"  sing N N 85  
DT  "C4'" "C3'"  sing N N 86  
DT  "C4'" "H4'"  sing N N 87  
DT  "O4'" "C1'"  sing N N 88  
DT  "C3'" "O3'"  sing N N 89  
DT  "C3'" "C2'"  sing N N 90  
DT  "C3'" "H3'"  sing N N 91  
DT  "O3'" "HO3'" sing N N 92  
DT  "C2'" "C1'"  sing N N 93  
DT  "C2'" "H2'"  sing N N 94  
DT  "C2'" "H2''" sing N N 95  
DT  "C1'" N1     sing N N 96  
DT  "C1'" "H1'"  sing N N 97  
DT  N1    C2     sing N N 98  
DT  N1    C6     sing N N 99  
DT  C2    O2     doub N N 100 
DT  C2    N3     sing N N 101 
DT  N3    C4     sing N N 102 
DT  N3    H3     sing N N 103 
DT  C4    O4     doub N N 104 
DT  C4    C5     sing N N 105 
DT  C5    C7     sing N N 106 
DT  C5    C6     doub N N 107 
DT  C7    H71    sing N N 108 
DT  C7    H72    sing N N 109 
DT  C7    H73    sing N N 110 
DT  C6    H6     sing N N 111 
HOH O     H1     sing N N 112 
HOH O     H2     sing N N 113 
# 
loop_
_ndb_struct_conf_na.entry_id 
_ndb_struct_conf_na.feature 
7XH9 'double helix'    
7XH9 'quadruple helix' 
# 
_ndb_struct_na_base_pair.model_number      1 
_ndb_struct_na_base_pair.i_label_asym_id   A 
_ndb_struct_na_base_pair.i_label_comp_id   DG 
_ndb_struct_na_base_pair.i_label_seq_id    2 
_ndb_struct_na_base_pair.i_symmetry        1_555 
_ndb_struct_na_base_pair.j_label_asym_id   A 
_ndb_struct_na_base_pair.j_label_comp_id   DG 
_ndb_struct_na_base_pair.j_label_seq_id    6 
_ndb_struct_na_base_pair.j_symmetry        1_555 
_ndb_struct_na_base_pair.shear             1.596 
_ndb_struct_na_base_pair.stretch           3.255 
_ndb_struct_na_base_pair.stagger           -0.062 
_ndb_struct_na_base_pair.buckle            5.088 
_ndb_struct_na_base_pair.propeller         -3.832 
_ndb_struct_na_base_pair.opening           -90.459 
_ndb_struct_na_base_pair.pair_number       1 
_ndb_struct_na_base_pair.pair_name         A_DG2:DG6_A 
_ndb_struct_na_base_pair.i_auth_asym_id    A 
_ndb_struct_na_base_pair.i_auth_seq_id     2 
_ndb_struct_na_base_pair.i_PDB_ins_code    ? 
_ndb_struct_na_base_pair.j_auth_asym_id    A 
_ndb_struct_na_base_pair.j_auth_seq_id     6 
_ndb_struct_na_base_pair.j_PDB_ins_code    ? 
_ndb_struct_na_base_pair.hbond_type_28     6 
_ndb_struct_na_base_pair.hbond_type_12     3 
# 
loop_
_pdbx_audit_support.funding_organization 
_pdbx_audit_support.country 
_pdbx_audit_support.grant_number 
_pdbx_audit_support.ordinal 
'National Research Foundation (NRF, Singapore)' Singapore NRF-NRFI2017-09  1 
'Ministry of Education (MoE, Singapore)'        Singapore MOE2018-T2-2-029 2 
# 
loop_
_pdbx_entity_nonpoly.entity_id 
_pdbx_entity_nonpoly.name 
_pdbx_entity_nonpoly.comp_id 
2 'POTASSIUM ION' K   
3 'STRONTIUM ION' SR  
4 water           HOH 
# 
_pdbx_initial_refinement_model.id               1 
_pdbx_initial_refinement_model.entity_id_list   ? 
_pdbx_initial_refinement_model.type             'experimental model' 
_pdbx_initial_refinement_model.source_name      PDB 
_pdbx_initial_refinement_model.accession_code   7XDH 
_pdbx_initial_refinement_model.details          ? 
# 
_pdbx_struct_assembly_auth_evidence.id                     1 
_pdbx_struct_assembly_auth_evidence.assembly_id            1 
_pdbx_struct_assembly_auth_evidence.experimental_support   none 
_pdbx_struct_assembly_auth_evidence.details                ? 
# 
_space_group.name_H-M_alt     'P 1' 
_space_group.name_Hall        'P 1' 
_space_group.IT_number        1 
_space_group.crystal_system   triclinic 
_space_group.id               1 
# 
